data_6F2Y
#
_entry.id   6F2Y
#
_cell.length_a   74.940
_cell.length_b   126.850
_cell.length_c   114.480
_cell.angle_alpha   90.00
_cell.angle_beta   97.54
_cell.angle_gamma   90.00
#
_symmetry.space_group_name_H-M   'P 1 21 1'
#
loop_
_entity.id
_entity.type
_entity.pdbx_description
1 polymer 'Ectonucleotide pyrophosphatase/phosphodiesterase family member 3'
2 branched 2-acetamido-2-deoxy-beta-D-glucopyranose-(1-4)-2-acetamido-2-deoxy-beta-D-glucopyranose
3 branched beta-D-mannopyranose-(1-4)-2-acetamido-2-deoxy-beta-D-glucopyranose-(1-4)-2-acetamido-2-deoxy-beta-D-glucopyranose
4 non-polymer "BIS(ADENOSINE)-5'-TETRAPHOSPHATE"
5 non-polymer 'ZINC ION'
6 non-polymer 'CALCIUM ION'
7 non-polymer 2-acetamido-2-deoxy-beta-D-glucopyranose
8 water water
#
_entity_poly.entity_id   1
_entity_poly.type   'polypeptide(L)'
_entity_poly.pdbx_seq_one_letter_code
;AETGWVTEACASSQEPQCPEGFDQPPVILFSMDGFRAEYLQTWSTLLPNINKLKTCGLHSKYMRAVYPTKAFPNHYTIVT
GLYPESHGIIDNNMYDVYLNKNFSLSSVEKSNPAWWSGQPIWLTAMYQGLKAASYYWPGSDVAVNGSFPNIYRNYSNSVP
YESRIATLLQWLDLPKAERPSFYTIYVEEPDSAGHKSGPVSAGVIKALQLVDDAFGMLMEGLKQRNLHNCVNIIVLADHG
MDQTSCDRVEYMTDYFPEINFYMYQGPAPRIRTRNIPQDFFTFNSEEIVRDLSCRKSDQHFKPYLTPDLPKRLHYAKNVR
IDKVHLMVDRQWLAYRNKGSSNCEGGTHGYNNEFKSMEAIFLAHGPSFKEKTVIEPFENIEVYNLLCDLLHIQPAPNNGS
HGSLNHLLKAPFYQPSHAEELSKSAGCGFTTPLPKDSLNCSCLALQTSGQEEQVNQRLNLNRGEVSATEKTNLPFGRPRV
IQKNKDHCLLYHREYVSGFGKAMKMPMWSSYTVPKPGDTSSLPPTVPDCLRADVRVDPSESQKCSFYLADQNIDHGFLYP
PAIKGNNESQYDALITSNLVPMYKEFKKMWDYFHKVLLIKYAIERNGVNVVSGPIFDYNYDGHFDAPDEITNYVAGTDVP
VPTHYFVVLTSCKNKTHTPDSCPGWLDVLPFVVPHRPTNVESCPENKAEDLWVEERFKAHIARVRDVELLTGLDFYQEKT
QPVSEILQLKTYLPTFETIIGTKHHHHHH
;
_entity_poly.pdbx_strand_id   A,B
#
loop_
_chem_comp.id
_chem_comp.type
_chem_comp.name
_chem_comp.formula
B4P non-polymer BIS(ADENOSINE)-5'-TETRAPHOSPHATE 'C20 H28 N10 O19 P4'
BMA D-saccharide, beta linking beta-D-mannopyranose 'C6 H12 O6'
CA non-polymer 'CALCIUM ION' 'Ca 2'
NAG D-saccharide, beta linking 2-acetamido-2-deoxy-beta-D-glucopyranose 'C8 H15 N O6'
ZN non-polymer 'ZINC ION' 'Zn 2'
#
# COMPACT_ATOMS: atom_id res chain seq x y z
N TRP A 5 37.32 14.83 -3.24
CA TRP A 5 36.18 15.42 -3.94
C TRP A 5 34.89 15.34 -3.13
N VAL A 6 34.60 14.17 -2.52
CA VAL A 6 33.37 13.92 -1.76
C VAL A 6 33.28 14.83 -0.50
N THR A 7 34.42 15.15 0.13
CA THR A 7 34.49 16.01 1.32
C THR A 7 34.56 17.50 0.94
N GLU A 8 34.99 17.79 -0.29
CA GLU A 8 35.12 19.14 -0.86
C GLU A 8 33.76 19.81 -1.04
N ALA A 9 33.74 21.15 -0.99
CA ALA A 9 32.55 21.99 -1.15
C ALA A 9 32.12 22.08 -2.62
N CYS A 10 30.91 22.65 -2.88
CA CYS A 10 30.39 22.85 -4.23
C CYS A 10 31.24 23.91 -4.94
N ALA A 11 31.52 23.72 -6.25
CA ALA A 11 32.32 24.64 -7.05
C ALA A 11 31.59 25.94 -7.33
N PRO A 16 33.54 27.20 -16.03
CA PRO A 16 34.52 27.16 -17.12
C PRO A 16 35.95 26.91 -16.60
N GLN A 17 36.08 25.93 -15.68
CA GLN A 17 37.35 25.57 -15.04
C GLN A 17 38.02 24.40 -15.79
N CYS A 18 38.37 24.64 -17.07
CA CYS A 18 39.02 23.65 -17.93
C CYS A 18 40.54 23.84 -18.01
N PRO A 19 41.34 22.75 -17.88
CA PRO A 19 42.80 22.91 -17.95
C PRO A 19 43.34 23.12 -19.37
N GLU A 20 44.69 23.27 -19.48
CA GLU A 20 45.42 23.47 -20.73
C GLU A 20 45.19 22.31 -21.71
N GLY A 21 44.74 22.65 -22.92
CA GLY A 21 44.43 21.67 -23.97
C GLY A 21 42.96 21.35 -24.11
N PHE A 22 42.15 21.73 -23.09
CA PHE A 22 40.70 21.51 -23.08
C PHE A 22 39.94 22.80 -23.42
N ASP A 23 39.76 23.05 -24.73
CA ASP A 23 39.05 24.23 -25.24
C ASP A 23 37.55 24.10 -25.05
N GLN A 24 36.99 22.93 -25.42
CA GLN A 24 35.57 22.62 -25.27
C GLN A 24 35.37 21.59 -24.15
N PRO A 25 34.34 21.76 -23.29
CA PRO A 25 34.14 20.80 -22.17
C PRO A 25 33.76 19.39 -22.63
N PRO A 26 34.44 18.33 -22.14
CA PRO A 26 34.09 16.97 -22.55
C PRO A 26 32.76 16.52 -21.95
N VAL A 27 32.02 15.66 -22.66
CA VAL A 27 30.72 15.16 -22.23
C VAL A 27 30.81 13.68 -21.86
N ILE A 28 30.33 13.31 -20.66
CA ILE A 28 30.28 11.93 -20.19
C ILE A 28 28.83 11.57 -19.86
N LEU A 29 28.30 10.55 -20.56
CA LEU A 29 26.95 10.05 -20.35
C LEU A 29 27.06 8.75 -19.58
N PHE A 30 26.70 8.81 -18.28
CA PHE A 30 26.76 7.69 -17.33
C PHE A 30 25.37 7.09 -17.12
N SER A 31 25.25 5.77 -17.35
CA SER A 31 24.00 5.06 -17.15
C SER A 31 24.09 4.05 -16.01
N MET A 32 23.18 4.19 -15.05
CA MET A 32 23.08 3.29 -13.91
C MET A 32 21.76 2.56 -14.12
N ASP A 33 21.84 1.36 -14.71
CA ASP A 33 20.69 0.54 -15.08
C ASP A 33 19.71 0.31 -13.93
N GLY A 34 18.42 0.54 -14.21
CA GLY A 34 17.33 0.34 -13.26
C GLY A 34 17.33 1.21 -12.02
N PHE A 35 18.03 2.36 -12.08
CA PHE A 35 18.09 3.31 -10.97
C PHE A 35 16.81 4.15 -11.02
N ARG A 36 15.77 3.72 -10.28
CA ARG A 36 14.50 4.43 -10.22
C ARG A 36 14.61 5.76 -9.47
N ALA A 37 13.76 6.73 -9.83
CA ALA A 37 13.70 8.07 -9.23
C ALA A 37 13.52 8.04 -7.71
N GLU A 38 12.74 7.07 -7.20
CA GLU A 38 12.45 6.85 -5.78
C GLU A 38 13.74 6.56 -4.98
N TYR A 39 14.73 5.83 -5.59
CA TYR A 39 16.00 5.50 -4.94
C TYR A 39 16.75 6.76 -4.53
N LEU A 40 16.76 7.79 -5.40
CA LEU A 40 17.42 9.07 -5.13
C LEU A 40 16.67 9.86 -4.06
N GLN A 41 15.32 9.88 -4.15
CA GLN A 41 14.45 10.58 -3.20
C GLN A 41 14.57 10.03 -1.78
N THR A 42 14.66 8.69 -1.64
CA THR A 42 14.72 7.99 -0.36
C THR A 42 16.14 7.74 0.18
N TRP A 43 17.06 7.23 -0.67
CA TRP A 43 18.39 6.81 -0.22
C TRP A 43 19.60 7.67 -0.64
N SER A 44 19.39 8.94 -1.08
CA SER A 44 20.52 9.80 -1.49
C SER A 44 21.57 10.04 -0.40
N THR A 45 21.13 10.29 0.85
CA THR A 45 22.00 10.55 2.00
C THR A 45 22.91 9.35 2.36
N LEU A 46 22.54 8.13 1.92
CA LEU A 46 23.33 6.92 2.14
C LEU A 46 24.42 6.77 1.06
N LEU A 47 24.32 7.55 -0.03
CA LEU A 47 25.25 7.55 -1.17
C LEU A 47 25.96 8.92 -1.23
N PRO A 48 27.11 9.09 -0.51
CA PRO A 48 27.75 10.42 -0.44
C PRO A 48 28.21 11.07 -1.75
N ASN A 49 28.64 10.29 -2.74
CA ASN A 49 29.11 10.83 -4.04
C ASN A 49 27.96 11.33 -4.90
N ILE A 50 26.87 10.54 -5.00
CA ILE A 50 25.67 10.88 -5.77
C ILE A 50 24.91 12.01 -5.04
N ASN A 51 24.97 12.04 -3.68
CA ASN A 51 24.34 13.09 -2.86
C ASN A 51 24.99 14.45 -3.10
N LYS A 52 26.33 14.49 -3.28
CA LYS A 52 27.07 15.72 -3.57
C LYS A 52 26.70 16.22 -4.97
N LEU A 53 26.54 15.28 -5.93
CA LEU A 53 26.11 15.55 -7.31
C LEU A 53 24.68 16.12 -7.31
N LYS A 54 23.82 15.60 -6.43
CA LYS A 54 22.43 16.05 -6.23
C LYS A 54 22.40 17.46 -5.60
N THR A 55 23.27 17.71 -4.61
CA THR A 55 23.36 18.99 -3.88
C THR A 55 23.98 20.11 -4.72
N CYS A 56 25.17 19.89 -5.29
CA CYS A 56 25.94 20.88 -6.05
C CYS A 56 25.47 21.09 -7.48
N GLY A 57 25.14 20.00 -8.19
CA GLY A 57 24.72 20.05 -9.57
C GLY A 57 23.23 20.25 -9.78
N LEU A 58 22.79 19.95 -11.01
CA LEU A 58 21.40 20.04 -11.45
C LEU A 58 20.78 18.64 -11.46
N HIS A 59 19.49 18.53 -11.14
CA HIS A 59 18.76 17.26 -11.17
C HIS A 59 17.26 17.47 -11.33
N SER A 60 16.59 16.56 -12.06
CA SER A 60 15.14 16.60 -12.23
C SER A 60 14.49 15.76 -11.15
N LYS A 61 13.20 16.03 -10.85
CA LYS A 61 12.40 15.27 -9.88
C LYS A 61 12.36 13.80 -10.33
N TYR A 62 12.34 13.58 -11.67
CA TYR A 62 12.42 12.30 -12.39
C TYR A 62 12.58 12.51 -13.89
N MET A 63 13.04 11.48 -14.61
CA MET A 63 13.13 11.49 -16.06
C MET A 63 12.22 10.39 -16.59
N ARG A 64 11.29 10.75 -17.48
CA ARG A 64 10.36 9.79 -18.06
C ARG A 64 11.04 8.98 -19.16
N ALA A 65 10.89 7.66 -19.07
CA ALA A 65 11.42 6.69 -20.01
C ALA A 65 10.40 6.49 -21.16
N VAL A 66 10.79 5.77 -22.22
CA VAL A 66 9.90 5.44 -23.32
C VAL A 66 9.30 4.06 -23.08
N TYR A 67 8.13 3.78 -23.67
CA TYR A 67 7.46 2.50 -23.54
C TYR A 67 7.92 1.53 -24.65
N PRO A 68 8.27 0.25 -24.34
CA PRO A 68 8.31 -0.39 -23.01
C PRO A 68 9.53 0.04 -22.19
N THR A 69 9.39 0.12 -20.86
CA THR A 69 10.45 0.55 -19.96
C THR A 69 11.48 -0.59 -19.77
N LYS A 70 12.20 -0.90 -20.87
CA LYS A 70 13.24 -1.93 -20.97
C LYS A 70 14.57 -1.28 -21.39
N ALA A 71 15.69 -1.94 -21.08
CA ALA A 71 17.07 -1.47 -21.29
C ALA A 71 17.40 -1.02 -22.72
N PHE A 72 17.34 -1.93 -23.71
CA PHE A 72 17.70 -1.66 -25.10
C PHE A 72 16.82 -0.57 -25.78
N PRO A 73 15.46 -0.58 -25.71
CA PRO A 73 14.70 0.52 -26.33
C PRO A 73 15.00 1.89 -25.74
N ASN A 74 15.18 1.96 -24.41
CA ASN A 74 15.43 3.19 -23.66
C ASN A 74 16.82 3.77 -23.83
N HIS A 75 17.87 2.92 -23.75
CA HIS A 75 19.27 3.35 -23.90
C HIS A 75 19.50 3.92 -25.29
N TYR A 76 18.94 3.28 -26.33
CA TYR A 76 19.06 3.71 -27.70
C TYR A 76 18.23 4.97 -27.98
N THR A 77 17.16 5.21 -27.19
CA THR A 77 16.31 6.41 -27.27
C THR A 77 17.09 7.62 -26.75
N ILE A 78 17.80 7.46 -25.61
CA ILE A 78 18.61 8.50 -24.98
C ILE A 78 19.67 9.05 -25.97
N VAL A 79 20.33 8.16 -26.73
CA VAL A 79 21.39 8.53 -27.68
C VAL A 79 20.86 8.92 -29.09
N THR A 80 19.59 8.68 -29.43
CA THR A 80 19.06 9.03 -30.75
C THR A 80 17.99 10.14 -30.73
N GLY A 81 17.26 10.25 -29.61
CA GLY A 81 16.16 11.18 -29.44
C GLY A 81 14.92 10.73 -30.18
N LEU A 82 14.87 9.43 -30.50
CA LEU A 82 13.79 8.79 -31.25
C LEU A 82 13.00 7.83 -30.41
N TYR A 83 11.72 7.64 -30.75
CA TYR A 83 10.85 6.67 -30.09
C TYR A 83 11.25 5.28 -30.63
N PRO A 84 11.15 4.19 -29.83
CA PRO A 84 11.52 2.85 -30.34
C PRO A 84 10.97 2.48 -31.72
N GLU A 85 9.76 2.96 -32.08
CA GLU A 85 9.12 2.71 -33.37
C GLU A 85 9.91 3.31 -34.56
N SER A 86 10.70 4.35 -34.31
CA SER A 86 11.53 5.03 -35.31
C SER A 86 12.96 4.48 -35.36
N HIS A 87 13.60 4.24 -34.19
CA HIS A 87 14.97 3.74 -34.16
C HIS A 87 15.06 2.20 -34.35
N GLY A 88 13.91 1.52 -34.31
CA GLY A 88 13.82 0.08 -34.56
C GLY A 88 13.96 -0.84 -33.37
N ILE A 89 14.68 -0.42 -32.32
CA ILE A 89 14.88 -1.24 -31.12
C ILE A 89 13.65 -1.12 -30.22
N ILE A 90 12.63 -1.92 -30.51
CA ILE A 90 11.35 -1.89 -29.79
C ILE A 90 11.40 -2.75 -28.52
N ASP A 91 12.33 -3.74 -28.48
CA ASP A 91 12.56 -4.66 -27.36
C ASP A 91 13.94 -5.34 -27.51
N ASN A 92 14.37 -6.07 -26.46
CA ASN A 92 15.62 -6.83 -26.43
C ASN A 92 15.43 -8.13 -27.20
N ASN A 93 14.18 -8.62 -27.24
CA ASN A 93 13.75 -9.84 -27.93
C ASN A 93 12.64 -9.43 -28.91
N MET A 94 12.95 -9.44 -30.21
CA MET A 94 12.00 -9.05 -31.26
C MET A 94 12.20 -9.83 -32.57
N TYR A 95 11.22 -9.75 -33.48
CA TYR A 95 11.24 -10.41 -34.78
C TYR A 95 10.84 -9.46 -35.90
N ASP A 96 11.63 -9.44 -36.98
CA ASP A 96 11.37 -8.66 -38.19
C ASP A 96 10.96 -9.64 -39.29
N VAL A 97 9.76 -9.47 -39.85
CA VAL A 97 9.20 -10.35 -40.89
C VAL A 97 9.97 -10.25 -42.22
N TYR A 98 10.39 -9.03 -42.62
CA TYR A 98 11.11 -8.79 -43.87
C TYR A 98 12.54 -9.35 -43.84
N LEU A 99 13.23 -9.20 -42.70
CA LEU A 99 14.59 -9.72 -42.51
C LEU A 99 14.53 -11.23 -42.23
N ASN A 100 13.42 -11.70 -41.61
CA ASN A 100 13.17 -13.08 -41.18
C ASN A 100 14.28 -13.57 -40.25
N LYS A 101 14.58 -12.74 -39.24
CA LYS A 101 15.62 -12.97 -38.23
C LYS A 101 15.08 -12.61 -36.85
N ASN A 102 15.60 -13.27 -35.80
CA ASN A 102 15.21 -13.00 -34.42
C ASN A 102 16.32 -12.23 -33.71
N PHE A 103 15.96 -11.09 -33.12
CA PHE A 103 16.89 -10.25 -32.37
C PHE A 103 16.87 -10.69 -30.90
N SER A 104 18.07 -10.97 -30.35
CA SER A 104 18.29 -11.35 -28.94
C SER A 104 19.76 -11.11 -28.56
N LEU A 105 20.02 -10.93 -27.26
CA LEU A 105 21.37 -10.67 -26.72
C LEU A 105 22.27 -11.91 -26.79
N SER A 106 21.67 -13.12 -26.84
CA SER A 106 22.38 -14.39 -26.91
C SER A 106 22.75 -14.77 -28.36
N SER A 107 22.14 -14.08 -29.34
CA SER A 107 22.36 -14.30 -30.78
C SER A 107 23.41 -13.35 -31.36
N VAL A 108 23.90 -13.66 -32.58
CA VAL A 108 24.87 -12.86 -33.33
C VAL A 108 24.11 -11.67 -33.99
N GLU A 109 22.76 -11.77 -34.05
CA GLU A 109 21.86 -10.76 -34.62
C GLU A 109 21.86 -9.42 -33.88
N LYS A 110 22.44 -9.39 -32.65
CA LYS A 110 22.58 -8.17 -31.84
C LYS A 110 23.48 -7.14 -32.54
N SER A 111 24.51 -7.65 -33.24
CA SER A 111 25.52 -6.88 -33.98
C SER A 111 25.09 -6.54 -35.42
N ASN A 112 23.91 -7.03 -35.86
CA ASN A 112 23.41 -6.77 -37.22
C ASN A 112 22.94 -5.32 -37.33
N PRO A 113 23.56 -4.50 -38.22
CA PRO A 113 23.16 -3.08 -38.33
C PRO A 113 21.76 -2.83 -38.88
N ALA A 114 21.14 -3.84 -39.51
CA ALA A 114 19.80 -3.79 -40.10
C ALA A 114 18.69 -3.45 -39.07
N TRP A 115 18.92 -3.83 -37.80
CA TRP A 115 18.00 -3.58 -36.69
C TRP A 115 18.07 -2.16 -36.15
N TRP A 116 19.26 -1.53 -36.23
CA TRP A 116 19.55 -0.21 -35.69
C TRP A 116 19.36 0.95 -36.68
N SER A 117 18.26 1.69 -36.53
CA SER A 117 17.92 2.86 -37.35
C SER A 117 18.27 4.15 -36.59
N GLY A 118 18.13 5.29 -37.26
CA GLY A 118 18.44 6.59 -36.69
C GLY A 118 19.92 6.88 -36.61
N GLN A 119 20.29 7.97 -35.93
CA GLN A 119 21.67 8.39 -35.80
C GLN A 119 22.08 8.64 -34.34
N PRO A 120 22.73 7.66 -33.65
CA PRO A 120 23.16 7.90 -32.27
C PRO A 120 24.16 9.05 -32.14
N ILE A 121 24.21 9.68 -30.95
CA ILE A 121 25.03 10.85 -30.62
C ILE A 121 26.53 10.66 -30.98
N TRP A 122 27.09 9.43 -30.83
CA TRP A 122 28.49 9.18 -31.19
C TRP A 122 28.72 9.36 -32.69
N LEU A 123 27.75 8.93 -33.54
CA LEU A 123 27.82 9.11 -34.99
C LEU A 123 27.68 10.59 -35.36
N THR A 124 26.73 11.31 -34.71
CA THR A 124 26.46 12.73 -34.90
C THR A 124 27.72 13.58 -34.63
N ALA A 125 28.49 13.21 -33.59
CA ALA A 125 29.74 13.87 -33.21
C ALA A 125 30.85 13.54 -34.23
N MET A 126 30.93 12.26 -34.66
CA MET A 126 31.91 11.77 -35.63
C MET A 126 31.72 12.36 -37.03
N TYR A 127 30.46 12.53 -37.46
CA TYR A 127 30.13 13.11 -38.76
C TYR A 127 30.36 14.63 -38.78
N GLN A 128 30.58 15.24 -37.60
CA GLN A 128 30.79 16.69 -37.47
C GLN A 128 32.17 17.07 -36.87
N GLY A 129 33.18 16.26 -37.18
CA GLY A 129 34.57 16.50 -36.77
C GLY A 129 35.03 15.94 -35.45
N LEU A 130 34.13 15.90 -34.43
CA LEU A 130 34.47 15.42 -33.09
C LEU A 130 34.72 13.91 -33.02
N LYS A 131 35.46 13.47 -31.98
CA LYS A 131 35.75 12.06 -31.73
C LYS A 131 34.91 11.55 -30.56
N ALA A 132 34.49 10.27 -30.60
CA ALA A 132 33.65 9.69 -29.55
C ALA A 132 34.11 8.31 -29.08
N ALA A 133 34.14 8.12 -27.75
CA ALA A 133 34.52 6.87 -27.09
C ALA A 133 33.33 6.29 -26.34
N SER A 134 33.33 4.97 -26.10
CA SER A 134 32.25 4.30 -25.40
C SER A 134 32.68 3.07 -24.63
N TYR A 135 32.42 3.07 -23.31
CA TYR A 135 32.68 1.92 -22.46
C TYR A 135 31.31 1.37 -22.06
N TYR A 136 30.70 0.61 -22.98
CA TYR A 136 29.38 -0.01 -22.90
C TYR A 136 28.25 0.99 -23.08
N TRP A 137 27.31 0.63 -23.96
CA TRP A 137 26.06 1.31 -24.32
C TRP A 137 25.45 0.53 -25.46
N PRO A 138 24.17 0.09 -25.37
CA PRO A 138 23.56 -0.64 -26.50
C PRO A 138 23.71 0.13 -27.82
N GLY A 139 24.23 -0.56 -28.83
CA GLY A 139 24.47 0.01 -30.15
C GLY A 139 25.89 0.50 -30.37
N SER A 140 26.65 0.77 -29.28
CA SER A 140 28.03 1.26 -29.37
C SER A 140 29.02 0.19 -29.83
N ASP A 141 28.71 -1.09 -29.56
CA ASP A 141 29.52 -2.23 -29.99
C ASP A 141 28.88 -2.87 -31.23
N VAL A 142 28.14 -2.04 -32.00
CA VAL A 142 27.43 -2.38 -33.24
C VAL A 142 27.81 -1.33 -34.29
N ALA A 143 28.10 -1.77 -35.53
CA ALA A 143 28.47 -0.87 -36.62
C ALA A 143 27.21 -0.20 -37.21
N VAL A 144 26.60 0.71 -36.43
CA VAL A 144 25.39 1.47 -36.82
C VAL A 144 25.75 2.38 -37.99
N ASN A 145 25.03 2.22 -39.12
CA ASN A 145 25.22 2.95 -40.38
C ASN A 145 26.66 2.74 -40.95
N GLY A 146 27.19 1.54 -40.71
CA GLY A 146 28.53 1.12 -41.15
C GLY A 146 29.69 1.73 -40.38
N SER A 147 29.44 2.25 -39.16
CA SER A 147 30.47 2.86 -38.34
C SER A 147 30.33 2.62 -36.84
N PHE A 148 31.48 2.41 -36.18
CA PHE A 148 31.63 2.20 -34.74
C PHE A 148 32.20 3.49 -34.14
N PRO A 149 32.06 3.76 -32.80
CA PRO A 149 32.71 4.95 -32.23
C PRO A 149 34.23 4.79 -32.30
N ASN A 150 34.99 5.91 -32.28
CA ASN A 150 36.46 5.91 -32.37
C ASN A 150 37.10 4.86 -31.44
N ILE A 151 36.60 4.77 -30.19
CA ILE A 151 37.02 3.76 -29.21
C ILE A 151 35.74 3.13 -28.64
N TYR A 152 35.64 1.81 -28.67
CA TYR A 152 34.47 1.10 -28.15
C TYR A 152 34.88 -0.19 -27.41
N ARG A 153 33.93 -0.80 -26.68
CA ARG A 153 34.18 -2.03 -25.94
C ARG A 153 33.09 -3.05 -26.18
N ASN A 154 33.48 -4.26 -26.66
CA ASN A 154 32.55 -5.37 -26.87
C ASN A 154 32.04 -5.77 -25.48
N TYR A 155 30.71 -5.80 -25.32
CA TYR A 155 30.05 -6.04 -24.04
C TYR A 155 30.54 -7.29 -23.28
N SER A 156 30.86 -7.06 -21.99
CA SER A 156 31.33 -8.02 -20.98
C SER A 156 30.81 -7.49 -19.63
N ASN A 157 29.72 -8.09 -19.14
CA ASN A 157 28.98 -7.67 -17.93
C ASN A 157 29.74 -7.74 -16.59
N SER A 158 30.69 -8.68 -16.43
CA SER A 158 31.37 -8.87 -15.14
C SER A 158 32.65 -8.04 -14.93
N VAL A 159 33.04 -7.21 -15.91
CA VAL A 159 34.23 -6.36 -15.81
C VAL A 159 34.04 -5.37 -14.64
N PRO A 160 34.92 -5.39 -13.60
CA PRO A 160 34.75 -4.48 -12.45
C PRO A 160 34.61 -3.01 -12.83
N TYR A 161 33.74 -2.29 -12.10
CA TYR A 161 33.43 -0.87 -12.33
C TYR A 161 34.66 0.02 -12.35
N GLU A 162 35.65 -0.28 -11.49
CA GLU A 162 36.91 0.45 -11.39
C GLU A 162 37.70 0.39 -12.70
N SER A 163 37.69 -0.77 -13.38
CA SER A 163 38.37 -0.98 -14.66
C SER A 163 37.73 -0.18 -15.79
N ARG A 164 36.39 -0.06 -15.77
CA ARG A 164 35.60 0.70 -16.75
C ARG A 164 35.92 2.19 -16.64
N ILE A 165 36.00 2.68 -15.38
CA ILE A 165 36.33 4.06 -15.02
C ILE A 165 37.79 4.37 -15.39
N ALA A 166 38.74 3.48 -15.01
CA ALA A 166 40.18 3.62 -15.30
C ALA A 166 40.46 3.77 -16.79
N THR A 167 39.77 2.98 -17.64
CA THR A 167 39.90 3.03 -19.10
C THR A 167 39.36 4.36 -19.65
N LEU A 168 38.26 4.86 -19.05
CA LEU A 168 37.65 6.14 -19.45
C LEU A 168 38.58 7.31 -19.09
N LEU A 169 39.23 7.24 -17.91
CA LEU A 169 40.19 8.25 -17.45
C LEU A 169 41.44 8.22 -18.31
N GLN A 170 41.81 7.03 -18.81
CA GLN A 170 42.95 6.79 -19.71
C GLN A 170 42.64 7.41 -21.08
N TRP A 171 41.36 7.37 -21.51
CA TRP A 171 40.88 7.98 -22.76
C TRP A 171 40.94 9.50 -22.70
N LEU A 172 40.76 10.07 -21.49
CA LEU A 172 40.81 11.52 -21.22
C LEU A 172 42.26 12.01 -21.10
N ASP A 173 43.22 11.09 -20.89
CA ASP A 173 44.65 11.37 -20.77
C ASP A 173 45.33 11.42 -22.15
N LEU A 174 44.64 10.92 -23.19
CA LEU A 174 45.11 10.89 -24.59
C LEU A 174 45.38 12.29 -25.15
N PRO A 175 46.32 12.47 -26.13
CA PRO A 175 46.57 13.81 -26.68
C PRO A 175 45.35 14.35 -27.42
N LYS A 176 45.18 15.70 -27.43
CA LYS A 176 44.06 16.45 -28.04
C LYS A 176 43.56 15.89 -29.39
N ALA A 177 44.48 15.50 -30.29
CA ALA A 177 44.17 14.96 -31.62
C ALA A 177 43.49 13.59 -31.56
N GLU A 178 43.86 12.75 -30.57
CA GLU A 178 43.31 11.40 -30.37
C GLU A 178 42.16 11.36 -29.38
N ARG A 179 42.15 12.30 -28.40
CA ARG A 179 41.17 12.40 -27.32
C ARG A 179 39.74 12.68 -27.78
N PRO A 180 38.78 11.82 -27.37
CA PRO A 180 37.38 12.05 -27.74
C PRO A 180 36.72 13.16 -26.92
N SER A 181 35.65 13.76 -27.48
CA SER A 181 34.89 14.83 -26.84
C SER A 181 33.68 14.25 -26.10
N PHE A 182 33.09 13.18 -26.64
CA PHE A 182 31.93 12.51 -26.06
C PHE A 182 32.28 11.11 -25.55
N TYR A 183 31.72 10.75 -24.38
CA TYR A 183 31.93 9.46 -23.71
C TYR A 183 30.62 8.86 -23.20
N THR A 184 30.54 7.53 -23.18
CA THR A 184 29.41 6.78 -22.65
C THR A 184 29.93 5.70 -21.72
N ILE A 185 29.32 5.59 -20.54
CA ILE A 185 29.68 4.57 -19.55
C ILE A 185 28.40 3.96 -18.98
N TYR A 186 28.37 2.62 -18.88
CA TYR A 186 27.20 1.88 -18.41
C TYR A 186 27.56 0.88 -17.30
N VAL A 187 26.70 0.81 -16.28
CA VAL A 187 26.79 -0.13 -15.15
C VAL A 187 25.46 -0.91 -15.03
N GLU A 188 25.54 -2.19 -14.67
CA GLU A 188 24.38 -3.10 -14.58
C GLU A 188 23.50 -2.89 -13.34
N GLU A 189 24.06 -2.28 -12.28
CA GLU A 189 23.36 -2.03 -11.01
C GLU A 189 22.73 -0.62 -10.91
N PRO A 190 21.66 -0.39 -10.10
CA PRO A 190 20.99 -1.33 -9.18
C PRO A 190 19.90 -2.22 -9.82
N ASP A 191 19.90 -2.38 -11.17
CA ASP A 191 18.92 -3.21 -11.89
C ASP A 191 18.98 -4.69 -11.52
N SER A 192 20.18 -5.31 -11.54
CA SER A 192 20.38 -6.73 -11.22
C SER A 192 19.89 -7.06 -9.80
N ALA A 193 20.13 -6.16 -8.84
CA ALA A 193 19.70 -6.31 -7.45
C ALA A 193 18.18 -6.11 -7.33
N GLY A 194 17.63 -5.23 -8.18
CA GLY A 194 16.21 -4.92 -8.24
C GLY A 194 15.37 -6.09 -8.68
N HIS A 195 15.91 -6.90 -9.61
CA HIS A 195 15.26 -8.10 -10.11
C HIS A 195 15.22 -9.20 -9.06
N LYS A 196 16.35 -9.42 -8.36
CA LYS A 196 16.53 -10.46 -7.35
C LYS A 196 15.62 -10.36 -6.12
N SER A 197 15.43 -9.15 -5.54
CA SER A 197 14.64 -9.01 -4.31
C SER A 197 13.68 -7.80 -4.25
N GLY A 198 13.42 -7.16 -5.38
CA GLY A 198 12.50 -6.03 -5.45
C GLY A 198 13.16 -4.68 -5.20
N PRO A 199 12.43 -3.56 -5.44
CA PRO A 199 13.04 -2.23 -5.24
C PRO A 199 13.25 -1.81 -3.78
N VAL A 200 12.57 -2.47 -2.82
CA VAL A 200 12.72 -2.18 -1.39
C VAL A 200 13.37 -3.42 -0.73
N SER A 201 14.72 -3.47 -0.79
CA SER A 201 15.52 -4.57 -0.26
C SER A 201 16.94 -4.12 0.13
N ALA A 202 17.66 -4.95 0.90
CA ALA A 202 19.04 -4.69 1.31
C ALA A 202 19.99 -4.84 0.12
N GLY A 203 19.63 -5.72 -0.80
CA GLY A 203 20.39 -5.99 -2.02
C GLY A 203 20.51 -4.77 -2.92
N VAL A 204 19.42 -3.98 -3.05
CA VAL A 204 19.42 -2.76 -3.86
C VAL A 204 20.24 -1.66 -3.18
N ILE A 205 20.25 -1.60 -1.83
CA ILE A 205 21.03 -0.63 -1.05
C ILE A 205 22.52 -0.86 -1.33
N LYS A 206 22.95 -2.14 -1.26
CA LYS A 206 24.33 -2.59 -1.52
C LYS A 206 24.73 -2.23 -2.95
N ALA A 207 23.80 -2.38 -3.92
CA ALA A 207 24.00 -2.07 -5.34
C ALA A 207 24.07 -0.55 -5.57
N LEU A 208 23.25 0.23 -4.83
CA LEU A 208 23.22 1.70 -4.90
C LEU A 208 24.53 2.27 -4.34
N GLN A 209 25.08 1.63 -3.29
CA GLN A 209 26.35 2.01 -2.68
C GLN A 209 27.52 1.65 -3.59
N LEU A 210 27.38 0.54 -4.34
CA LEU A 210 28.37 0.06 -5.30
C LEU A 210 28.51 1.02 -6.49
N VAL A 211 27.37 1.52 -7.03
CA VAL A 211 27.35 2.47 -8.14
C VAL A 211 27.79 3.88 -7.68
N ASP A 212 27.65 4.18 -6.38
CA ASP A 212 28.07 5.44 -5.77
C ASP A 212 29.60 5.48 -5.71
N ASP A 213 30.22 4.32 -5.40
CA ASP A 213 31.67 4.15 -5.34
C ASP A 213 32.26 4.27 -6.74
N ALA A 214 31.54 3.73 -7.77
CA ALA A 214 31.94 3.79 -9.17
C ALA A 214 31.97 5.25 -9.62
N PHE A 215 30.89 6.02 -9.36
CA PHE A 215 30.77 7.44 -9.67
C PHE A 215 31.82 8.25 -8.91
N GLY A 216 32.05 7.88 -7.66
CA GLY A 216 33.04 8.49 -6.77
C GLY A 216 34.46 8.34 -7.28
N MET A 217 34.79 7.15 -7.85
CA MET A 217 36.09 6.83 -8.44
C MET A 217 36.32 7.68 -9.68
N LEU A 218 35.24 7.96 -10.45
CA LEU A 218 35.30 8.79 -11.65
C LEU A 218 35.54 10.25 -11.29
N MET A 219 34.81 10.78 -10.29
CA MET A 219 34.96 12.17 -9.82
C MET A 219 36.33 12.43 -9.20
N GLU A 220 36.85 11.45 -8.43
CA GLU A 220 38.17 11.53 -7.81
C GLU A 220 39.27 11.44 -8.88
N GLY A 221 39.00 10.66 -9.92
CA GLY A 221 39.88 10.49 -11.07
C GLY A 221 39.96 11.75 -11.90
N LEU A 222 38.82 12.45 -12.06
CA LEU A 222 38.73 13.71 -12.80
C LEU A 222 39.41 14.84 -12.03
N LYS A 223 39.27 14.85 -10.68
CA LYS A 223 39.89 15.83 -9.78
C LYS A 223 41.42 15.77 -9.89
N GLN A 224 41.97 14.55 -10.03
CA GLN A 224 43.41 14.30 -10.20
C GLN A 224 43.95 14.86 -11.52
N ARG A 225 43.08 15.04 -12.52
CA ARG A 225 43.41 15.57 -13.85
C ARG A 225 42.91 17.02 -13.99
N ASN A 226 42.28 17.57 -12.91
CA ASN A 226 41.68 18.90 -12.82
C ASN A 226 40.56 19.10 -13.87
N LEU A 227 39.74 18.05 -14.05
CA LEU A 227 38.62 17.97 -14.98
C LEU A 227 37.27 17.85 -14.27
N HIS A 228 37.27 17.83 -12.91
CA HIS A 228 36.06 17.70 -12.07
C HIS A 228 35.08 18.87 -12.25
N ASN A 229 35.58 20.06 -12.59
CA ASN A 229 34.77 21.26 -12.82
C ASN A 229 34.80 21.68 -14.32
N CYS A 230 35.36 20.81 -15.17
CA CYS A 230 35.49 21.01 -16.62
C CYS A 230 34.53 20.12 -17.40
N VAL A 231 34.48 18.83 -17.04
CA VAL A 231 33.64 17.82 -17.70
C VAL A 231 32.15 18.02 -17.41
N ASN A 232 31.32 17.97 -18.46
CA ASN A 232 29.87 18.03 -18.38
C ASN A 232 29.39 16.58 -18.29
N ILE A 233 29.10 16.14 -17.06
CA ILE A 233 28.66 14.77 -16.80
C ILE A 233 27.15 14.68 -16.54
N ILE A 234 26.51 13.68 -17.18
CA ILE A 234 25.10 13.37 -17.03
C ILE A 234 24.98 11.95 -16.45
N VAL A 235 24.34 11.83 -15.28
CA VAL A 235 24.09 10.56 -14.61
C VAL A 235 22.60 10.27 -14.72
N LEU A 236 22.23 9.23 -15.48
CA LEU A 236 20.84 8.85 -15.68
C LEU A 236 20.60 7.34 -15.61
N ALA A 237 19.35 6.94 -15.87
CA ALA A 237 18.92 5.55 -15.90
C ALA A 237 17.98 5.34 -17.08
N ASP A 238 17.91 4.09 -17.55
CA ASP A 238 17.06 3.67 -18.65
C ASP A 238 15.60 3.54 -18.23
N HIS A 239 15.34 3.08 -17.00
CA HIS A 239 13.98 2.88 -16.45
C HIS A 239 14.03 2.76 -14.93
N GLY A 240 12.88 2.45 -14.35
CA GLY A 240 12.73 2.25 -12.91
C GLY A 240 12.69 0.78 -12.53
N MET A 241 12.00 0.46 -11.42
CA MET A 241 11.85 -0.90 -10.89
C MET A 241 10.61 -0.98 -9.99
N ASP A 242 9.86 -2.09 -10.09
CA ASP A 242 8.67 -2.34 -9.28
C ASP A 242 8.65 -3.78 -8.79
N GLN A 243 8.07 -4.01 -7.60
CA GLN A 243 7.97 -5.33 -6.99
C GLN A 243 6.94 -6.22 -7.68
N THR A 244 7.29 -7.49 -7.90
CA THR A 244 6.42 -8.49 -8.51
C THR A 244 6.09 -9.59 -7.50
N SER A 245 5.08 -10.41 -7.82
CA SER A 245 4.62 -11.53 -7.00
C SER A 245 4.06 -12.62 -7.89
N CYS A 246 4.24 -13.89 -7.49
CA CYS A 246 3.71 -15.04 -8.23
C CYS A 246 2.20 -15.16 -8.03
N ASP A 247 1.66 -14.43 -7.03
CA ASP A 247 0.23 -14.33 -6.73
C ASP A 247 -0.36 -13.17 -7.54
N ARG A 248 0.52 -12.43 -8.26
CA ARG A 248 0.17 -11.30 -9.12
C ARG A 248 0.58 -11.60 -10.58
N VAL A 249 0.13 -12.76 -11.10
CA VAL A 249 0.40 -13.20 -12.47
C VAL A 249 -0.90 -13.62 -13.16
N GLU A 250 -1.15 -13.08 -14.36
CA GLU A 250 -2.30 -13.38 -15.22
C GLU A 250 -1.86 -14.45 -16.22
N TYR A 251 -2.67 -15.51 -16.39
CA TYR A 251 -2.36 -16.61 -17.29
C TYR A 251 -3.32 -16.65 -18.48
N MET A 252 -2.77 -16.81 -19.68
CA MET A 252 -3.54 -16.87 -20.94
C MET A 252 -4.37 -18.14 -21.08
N THR A 253 -4.07 -19.18 -20.28
CA THR A 253 -4.77 -20.47 -20.24
C THR A 253 -6.20 -20.27 -19.69
N ASP A 254 -6.40 -19.21 -18.87
CA ASP A 254 -7.66 -18.84 -18.25
C ASP A 254 -8.61 -18.11 -19.23
N TYR A 255 -8.12 -17.80 -20.45
CA TYR A 255 -8.88 -17.08 -21.48
C TYR A 255 -8.99 -17.84 -22.79
N PHE A 256 -8.06 -18.78 -23.07
CA PHE A 256 -8.05 -19.57 -24.29
C PHE A 256 -8.07 -21.08 -24.00
N PRO A 257 -8.83 -21.89 -24.79
CA PRO A 257 -8.82 -23.35 -24.54
C PRO A 257 -7.48 -23.99 -24.91
N GLU A 258 -6.78 -23.40 -25.90
CA GLU A 258 -5.47 -23.81 -26.41
C GLU A 258 -4.73 -22.60 -26.98
N ILE A 259 -3.45 -22.44 -26.61
CA ILE A 259 -2.62 -21.33 -27.08
C ILE A 259 -1.83 -21.78 -28.32
N ASN A 260 -2.26 -21.27 -29.50
CA ASN A 260 -1.66 -21.56 -30.80
C ASN A 260 -0.86 -20.35 -31.30
N PHE A 261 -0.71 -19.32 -30.44
CA PHE A 261 0.02 -18.09 -30.75
C PHE A 261 1.32 -17.98 -29.96
N TYR A 262 2.25 -17.13 -30.43
CA TYR A 262 3.51 -16.84 -29.76
C TYR A 262 3.29 -15.61 -28.88
N MET A 263 3.85 -15.63 -27.66
CA MET A 263 3.70 -14.53 -26.71
C MET A 263 5.03 -14.10 -26.10
N TYR A 264 5.30 -12.78 -26.16
CA TYR A 264 6.46 -12.17 -25.51
C TYR A 264 5.95 -11.85 -24.11
N GLN A 265 6.22 -12.73 -23.15
CA GLN A 265 5.74 -12.64 -21.77
C GLN A 265 6.35 -11.51 -20.95
N GLY A 266 5.64 -11.10 -19.89
CA GLY A 266 6.11 -10.08 -18.95
C GLY A 266 5.20 -8.89 -18.74
N PRO A 267 5.79 -7.70 -18.48
CA PRO A 267 4.98 -6.49 -18.22
C PRO A 267 4.49 -5.74 -19.45
N ALA A 268 5.05 -6.04 -20.64
CA ALA A 268 4.65 -5.42 -21.91
C ALA A 268 4.50 -6.51 -22.98
N PRO A 269 3.43 -7.36 -22.89
CA PRO A 269 3.29 -8.47 -23.84
C PRO A 269 2.84 -8.10 -25.25
N ARG A 270 3.35 -8.88 -26.23
CA ARG A 270 3.04 -8.77 -27.65
C ARG A 270 2.69 -10.18 -28.13
N ILE A 271 1.58 -10.31 -28.87
CA ILE A 271 1.08 -11.59 -29.38
C ILE A 271 1.11 -11.61 -30.91
N ARG A 272 1.69 -12.67 -31.48
CA ARG A 272 1.80 -12.92 -32.92
C ARG A 272 1.63 -14.41 -33.22
N THR A 273 1.66 -14.79 -34.50
CA THR A 273 1.54 -16.18 -34.93
C THR A 273 2.86 -16.94 -34.69
N ARG A 274 2.76 -18.27 -34.52
CA ARG A 274 3.92 -19.14 -34.34
C ARG A 274 4.53 -19.44 -35.73
N ASN A 275 3.66 -19.53 -36.76
CA ASN A 275 4.05 -19.80 -38.14
C ASN A 275 4.48 -18.52 -38.87
N ILE A 276 5.75 -18.13 -38.66
CA ILE A 276 6.39 -16.95 -39.24
C ILE A 276 7.44 -17.37 -40.29
N PRO A 277 7.59 -16.67 -41.45
CA PRO A 277 6.92 -15.42 -41.89
C PRO A 277 5.60 -15.61 -42.65
N GLN A 278 5.21 -16.87 -42.93
CA GLN A 278 4.03 -17.27 -43.70
C GLN A 278 2.70 -16.65 -43.25
N ASP A 279 2.37 -16.72 -41.95
CA ASP A 279 1.11 -16.23 -41.42
C ASP A 279 1.16 -14.91 -40.63
N PHE A 280 2.32 -14.21 -40.65
CA PHE A 280 2.53 -12.95 -39.91
C PHE A 280 1.44 -11.88 -40.13
N PHE A 281 1.03 -11.66 -41.39
CA PHE A 281 0.01 -10.68 -41.74
C PHE A 281 -1.41 -11.23 -41.73
N THR A 282 -1.59 -12.51 -42.15
CA THR A 282 -2.90 -13.17 -42.21
C THR A 282 -3.45 -13.52 -40.82
N PHE A 283 -2.58 -13.50 -39.77
CA PHE A 283 -2.92 -13.79 -38.38
C PHE A 283 -4.01 -12.83 -37.89
N ASN A 284 -5.12 -13.40 -37.36
CA ASN A 284 -6.24 -12.60 -36.87
C ASN A 284 -5.92 -11.95 -35.54
N SER A 285 -5.30 -10.75 -35.62
CA SER A 285 -4.89 -9.93 -34.48
C SER A 285 -6.10 -9.35 -33.74
N GLU A 286 -7.12 -8.92 -34.50
CA GLU A 286 -8.36 -8.32 -33.98
C GLU A 286 -9.23 -9.33 -33.22
N GLU A 287 -9.03 -10.64 -33.48
CA GLU A 287 -9.75 -11.73 -32.81
C GLU A 287 -9.18 -11.92 -31.40
N ILE A 288 -7.83 -11.94 -31.26
CA ILE A 288 -7.12 -12.10 -29.98
C ILE A 288 -7.44 -10.96 -28.99
N VAL A 289 -7.50 -9.70 -29.47
CA VAL A 289 -7.83 -8.55 -28.62
C VAL A 289 -9.28 -8.61 -28.14
N ARG A 290 -10.20 -9.11 -29.02
CA ARG A 290 -11.62 -9.28 -28.74
C ARG A 290 -11.84 -10.43 -27.74
N ASP A 291 -11.06 -11.52 -27.88
CA ASP A 291 -11.13 -12.70 -27.01
C ASP A 291 -10.58 -12.43 -25.61
N LEU A 292 -9.82 -11.34 -25.43
CA LEU A 292 -9.21 -10.95 -24.16
C LEU A 292 -9.87 -9.70 -23.51
N SER A 293 -10.72 -8.99 -24.28
CA SER A 293 -11.41 -7.78 -23.82
C SER A 293 -12.59 -8.06 -22.89
N CYS A 294 -12.59 -7.41 -21.71
CA CYS A 294 -13.61 -7.44 -20.66
C CYS A 294 -14.07 -8.86 -20.27
N ARG A 295 -13.11 -9.80 -20.20
CA ARG A 295 -13.38 -11.20 -19.85
C ARG A 295 -13.66 -11.41 -18.35
N LYS A 296 -12.99 -10.61 -17.50
CA LYS A 296 -13.12 -10.64 -16.04
C LYS A 296 -13.32 -9.22 -15.52
N SER A 297 -14.13 -9.07 -14.45
CA SER A 297 -14.42 -7.78 -13.80
C SER A 297 -13.15 -7.12 -13.24
N ASP A 298 -12.27 -7.92 -12.62
CA ASP A 298 -11.00 -7.45 -12.05
C ASP A 298 -9.78 -7.91 -12.87
N GLN A 299 -9.90 -7.80 -14.21
CA GLN A 299 -8.85 -8.14 -15.19
C GLN A 299 -7.64 -7.23 -14.96
N HIS A 300 -6.44 -7.82 -14.75
CA HIS A 300 -5.21 -7.09 -14.45
C HIS A 300 -4.37 -6.74 -15.70
N PHE A 301 -5.03 -6.75 -16.86
CA PHE A 301 -4.45 -6.40 -18.16
C PHE A 301 -5.55 -5.91 -19.09
N LYS A 302 -5.18 -5.10 -20.08
CA LYS A 302 -6.11 -4.58 -21.07
C LYS A 302 -5.54 -4.83 -22.48
N PRO A 303 -6.21 -5.67 -23.30
CA PRO A 303 -5.70 -5.90 -24.66
C PRO A 303 -5.97 -4.71 -25.58
N TYR A 304 -5.07 -4.48 -26.54
CA TYR A 304 -5.16 -3.39 -27.49
C TYR A 304 -4.59 -3.78 -28.83
N LEU A 305 -5.17 -3.21 -29.89
CA LEU A 305 -4.61 -3.25 -31.23
C LEU A 305 -3.69 -2.04 -31.18
N THR A 306 -2.43 -2.16 -31.63
CA THR A 306 -1.43 -1.08 -31.54
C THR A 306 -1.96 0.34 -31.94
N PRO A 307 -2.76 0.56 -33.03
CA PRO A 307 -3.26 1.94 -33.29
C PRO A 307 -4.21 2.48 -32.21
N ASP A 308 -4.86 1.59 -31.43
CA ASP A 308 -5.80 1.95 -30.36
C ASP A 308 -5.12 2.31 -29.04
N LEU A 309 -3.82 1.99 -28.89
CA LEU A 309 -3.03 2.30 -27.68
C LEU A 309 -2.93 3.82 -27.48
N PRO A 310 -2.79 4.33 -26.22
CA PRO A 310 -2.64 5.79 -26.03
C PRO A 310 -1.55 6.37 -26.91
N LYS A 311 -1.88 7.47 -27.61
CA LYS A 311 -1.03 8.17 -28.58
C LYS A 311 0.27 8.73 -28.00
N ARG A 312 0.31 9.02 -26.70
CA ARG A 312 1.50 9.54 -26.00
C ARG A 312 2.65 8.51 -25.96
N LEU A 313 2.30 7.21 -26.03
CA LEU A 313 3.27 6.10 -26.01
C LEU A 313 4.07 6.00 -27.30
N HIS A 314 3.46 6.38 -28.46
CA HIS A 314 4.05 6.32 -29.81
C HIS A 314 4.66 4.94 -30.05
N TYR A 315 3.85 3.89 -29.86
CA TYR A 315 4.28 2.49 -29.96
C TYR A 315 3.37 1.70 -30.91
N ALA A 316 3.55 1.93 -32.24
CA ALA A 316 2.75 1.28 -33.28
C ALA A 316 3.42 1.24 -34.67
N LYS A 317 4.00 2.38 -35.12
CA LYS A 317 4.59 2.51 -36.46
C LYS A 317 5.96 1.80 -36.62
N ASN A 318 5.94 0.46 -36.62
CA ASN A 318 7.07 -0.44 -36.82
C ASN A 318 6.56 -1.86 -36.96
N VAL A 319 7.03 -2.59 -37.99
CA VAL A 319 6.63 -3.97 -38.28
C VAL A 319 7.02 -4.94 -37.13
N ARG A 320 8.08 -4.58 -36.35
CA ARG A 320 8.56 -5.35 -35.20
C ARG A 320 7.59 -5.27 -34.02
N ILE A 321 6.73 -4.22 -34.00
CA ILE A 321 5.69 -4.05 -32.98
C ILE A 321 4.46 -4.83 -33.49
N ASP A 322 4.19 -5.98 -32.86
CA ASP A 322 3.05 -6.85 -33.21
C ASP A 322 1.75 -6.14 -32.86
N LYS A 323 0.74 -6.24 -33.75
CA LYS A 323 -0.57 -5.59 -33.63
C LYS A 323 -1.27 -5.86 -32.29
N VAL A 324 -1.16 -7.10 -31.76
CA VAL A 324 -1.74 -7.43 -30.46
C VAL A 324 -0.80 -6.97 -29.36
N HIS A 325 -1.29 -6.13 -28.46
CA HIS A 325 -0.52 -5.64 -27.31
C HIS A 325 -1.35 -5.71 -26.03
N LEU A 326 -0.70 -5.95 -24.89
CA LEU A 326 -1.35 -6.03 -23.59
C LEU A 326 -0.77 -4.98 -22.64
N MET A 327 -1.65 -4.16 -22.04
CA MET A 327 -1.25 -3.13 -21.07
C MET A 327 -1.49 -3.71 -19.69
N VAL A 328 -0.42 -4.19 -19.03
CA VAL A 328 -0.49 -4.83 -17.72
C VAL A 328 -0.49 -3.80 -16.60
N ASP A 329 -1.37 -3.99 -15.59
CA ASP A 329 -1.52 -3.13 -14.42
C ASP A 329 -0.26 -3.19 -13.53
N ARG A 330 -0.09 -2.17 -12.65
CA ARG A 330 1.02 -2.03 -11.69
C ARG A 330 1.24 -3.31 -10.88
N GLN A 331 2.52 -3.72 -10.77
CA GLN A 331 3.01 -4.88 -10.01
C GLN A 331 2.47 -6.26 -10.49
N TRP A 332 1.83 -6.30 -11.68
CA TRP A 332 1.28 -7.53 -12.26
C TRP A 332 2.07 -8.02 -13.47
N LEU A 333 1.91 -9.31 -13.83
CA LEU A 333 2.59 -9.92 -14.97
C LEU A 333 1.61 -10.73 -15.83
N ALA A 334 1.92 -10.91 -17.12
CA ALA A 334 1.09 -11.69 -18.02
C ALA A 334 1.93 -12.77 -18.70
N TYR A 335 1.65 -14.04 -18.34
CA TYR A 335 2.38 -15.21 -18.85
C TYR A 335 1.50 -16.10 -19.74
N ARG A 336 2.16 -16.93 -20.56
CA ARG A 336 1.58 -17.90 -21.50
C ARG A 336 0.79 -18.97 -20.75
N ASN A 337 1.44 -19.61 -19.74
CA ASN A 337 0.87 -20.70 -18.93
C ASN A 337 1.39 -20.70 -17.48
N LYS A 338 0.82 -21.59 -16.64
CA LYS A 338 1.16 -21.74 -15.22
C LYS A 338 2.42 -22.59 -15.06
N ASN A 342 11.65 -14.67 -13.22
CA ASN A 342 10.47 -15.38 -12.71
C ASN A 342 9.40 -14.36 -12.25
N CYS A 343 8.80 -14.55 -11.06
CA CYS A 343 7.78 -13.65 -10.52
C CYS A 343 8.09 -13.16 -9.09
N GLU A 344 8.97 -13.86 -8.34
CA GLU A 344 9.35 -13.46 -6.98
C GLU A 344 10.58 -12.55 -6.99
N GLY A 345 10.34 -11.25 -6.95
CA GLY A 345 11.38 -10.23 -6.95
C GLY A 345 10.87 -8.90 -7.47
N GLY A 346 11.41 -8.48 -8.61
CA GLY A 346 11.03 -7.23 -9.25
C GLY A 346 11.38 -7.16 -10.72
N THR A 347 10.67 -6.30 -11.49
CA THR A 347 10.92 -6.12 -12.92
C THR A 347 10.44 -4.71 -13.40
N HIS A 348 10.63 -4.46 -14.72
CA HIS A 348 10.31 -3.24 -15.43
C HIS A 348 9.86 -3.60 -16.85
N GLY A 349 9.26 -2.64 -17.55
CA GLY A 349 8.73 -2.83 -18.91
C GLY A 349 7.33 -2.28 -19.02
N TYR A 350 6.74 -1.95 -17.85
CA TYR A 350 5.41 -1.38 -17.66
C TYR A 350 5.26 0.01 -18.29
N ASN A 351 4.05 0.60 -18.14
CA ASN A 351 3.69 1.94 -18.58
C ASN A 351 4.73 2.93 -18.01
N ASN A 352 5.24 3.83 -18.86
CA ASN A 352 6.24 4.83 -18.49
C ASN A 352 5.72 5.91 -17.53
N GLU A 353 4.38 6.08 -17.45
CA GLU A 353 3.74 7.05 -16.55
C GLU A 353 3.74 6.55 -15.10
N PHE A 354 3.87 5.21 -14.89
CA PHE A 354 3.91 4.60 -13.56
C PHE A 354 5.12 5.14 -12.79
N LYS A 355 4.87 5.65 -11.56
CA LYS A 355 5.85 6.25 -10.65
C LYS A 355 7.10 5.39 -10.47
N SER A 356 6.91 4.06 -10.36
CA SER A 356 7.98 3.08 -10.17
C SER A 356 8.90 2.95 -11.40
N MET A 357 8.41 3.30 -12.60
CA MET A 357 9.14 3.19 -13.87
C MET A 357 9.96 4.45 -14.19
N GLU A 358 9.83 5.49 -13.34
CA GLU A 358 10.53 6.77 -13.50
C GLU A 358 12.01 6.63 -13.18
N ALA A 359 12.86 7.17 -14.07
CA ALA A 359 14.31 7.10 -13.96
C ALA A 359 14.93 8.37 -13.36
N ILE A 360 16.21 8.29 -12.98
CA ILE A 360 16.95 9.42 -12.43
C ILE A 360 17.61 10.23 -13.54
N PHE A 361 17.91 11.50 -13.26
CA PHE A 361 18.62 12.41 -14.14
C PHE A 361 19.32 13.44 -13.29
N LEU A 362 20.65 13.45 -13.37
CA LEU A 362 21.52 14.39 -12.65
C LEU A 362 22.57 14.90 -13.63
N ALA A 363 22.94 16.17 -13.51
CA ALA A 363 23.91 16.83 -14.37
C ALA A 363 24.86 17.70 -13.56
N HIS A 364 26.14 17.68 -13.91
CA HIS A 364 27.20 18.46 -13.27
C HIS A 364 28.17 18.94 -14.33
N GLY A 365 28.64 20.18 -14.19
CA GLY A 365 29.59 20.77 -15.13
C GLY A 365 29.43 22.26 -15.34
N PRO A 366 30.35 22.88 -16.13
CA PRO A 366 30.28 24.33 -16.37
C PRO A 366 29.09 24.81 -17.20
N SER A 367 28.61 23.99 -18.14
CA SER A 367 27.47 24.33 -19.00
C SER A 367 26.13 24.25 -18.26
N PHE A 368 26.04 23.41 -17.21
CA PHE A 368 24.82 23.23 -16.43
C PHE A 368 24.68 24.23 -15.27
N LYS A 369 23.43 24.53 -14.88
CA LYS A 369 23.11 25.44 -13.77
C LYS A 369 23.39 24.74 -12.43
N GLU A 370 24.00 25.47 -11.50
CA GLU A 370 24.38 24.98 -10.16
C GLU A 370 23.19 24.94 -9.22
N LYS A 371 23.16 23.94 -8.31
CA LYS A 371 22.15 23.72 -7.25
C LYS A 371 20.71 23.97 -7.75
N THR A 372 20.34 23.33 -8.87
CA THR A 372 19.03 23.53 -9.49
C THR A 372 18.19 22.25 -9.54
N VAL A 373 16.92 22.35 -9.12
CA VAL A 373 15.97 21.25 -9.18
C VAL A 373 14.98 21.60 -10.29
N ILE A 374 15.01 20.83 -11.39
CA ILE A 374 14.12 21.08 -12.53
C ILE A 374 12.93 20.11 -12.52
N GLU A 375 11.83 20.52 -13.18
CA GLU A 375 10.61 19.72 -13.28
C GLU A 375 10.83 18.49 -14.19
N PRO A 376 10.09 17.37 -14.01
CA PRO A 376 10.31 16.18 -14.86
C PRO A 376 10.23 16.42 -16.37
N PHE A 377 11.04 15.66 -17.13
CA PHE A 377 11.13 15.72 -18.59
C PHE A 377 11.35 14.31 -19.16
N GLU A 378 11.23 14.15 -20.48
CA GLU A 378 11.36 12.86 -21.15
C GLU A 378 12.76 12.59 -21.74
N ASN A 379 13.15 11.31 -21.79
CA ASN A 379 14.47 10.89 -22.30
C ASN A 379 14.68 11.20 -23.80
N ILE A 380 13.58 11.41 -24.59
CA ILE A 380 13.62 11.80 -26.00
C ILE A 380 14.26 13.19 -26.19
N GLU A 381 14.33 13.99 -25.12
CA GLU A 381 14.88 15.35 -25.10
C GLU A 381 16.40 15.42 -24.86
N VAL A 382 16.98 14.34 -24.29
CA VAL A 382 18.41 14.22 -23.95
C VAL A 382 19.33 14.39 -25.18
N TYR A 383 18.97 13.78 -26.33
CA TYR A 383 19.76 13.84 -27.56
C TYR A 383 20.12 15.27 -28.00
N ASN A 384 19.11 16.16 -28.07
CA ASN A 384 19.28 17.58 -28.45
C ASN A 384 20.20 18.31 -27.48
N LEU A 385 20.07 18.02 -26.16
CA LEU A 385 20.89 18.58 -25.10
C LEU A 385 22.35 18.15 -25.29
N LEU A 386 22.60 16.86 -25.61
CA LEU A 386 23.94 16.31 -25.86
C LEU A 386 24.61 17.01 -27.03
N CYS A 387 23.82 17.34 -28.09
CA CYS A 387 24.28 18.07 -29.27
C CYS A 387 24.67 19.51 -28.92
N ASP A 388 23.88 20.14 -28.02
CA ASP A 388 24.12 21.51 -27.55
C ASP A 388 25.38 21.62 -26.71
N LEU A 389 25.65 20.60 -25.86
CA LEU A 389 26.84 20.52 -25.01
C LEU A 389 28.09 20.29 -25.86
N LEU A 390 27.96 19.48 -26.93
CA LEU A 390 29.03 19.17 -27.88
C LEU A 390 29.18 20.21 -28.98
N HIS A 391 28.28 21.22 -29.03
CA HIS A 391 28.25 22.31 -30.02
C HIS A 391 28.11 21.80 -31.47
N ILE A 392 27.25 20.78 -31.65
CA ILE A 392 26.97 20.13 -32.94
C ILE A 392 25.48 20.20 -33.31
N GLN A 393 25.17 20.00 -34.61
CA GLN A 393 23.80 20.04 -35.14
C GLN A 393 23.11 18.68 -35.00
N PRO A 394 21.91 18.62 -34.37
CA PRO A 394 21.23 17.32 -34.21
C PRO A 394 20.59 16.76 -35.48
N ALA A 395 20.59 15.43 -35.61
CA ALA A 395 19.93 14.72 -36.72
C ALA A 395 18.42 14.72 -36.44
N PRO A 396 17.51 14.60 -37.45
CA PRO A 396 16.07 14.63 -37.15
C PRO A 396 15.64 13.65 -36.06
N ASN A 397 15.04 14.19 -34.98
CA ASN A 397 14.58 13.42 -33.82
C ASN A 397 13.21 13.89 -33.30
N ASN A 398 12.70 13.27 -32.21
CA ASN A 398 11.38 13.56 -31.65
C ASN A 398 11.41 14.49 -30.43
N GLY A 399 12.60 14.98 -30.07
CA GLY A 399 12.78 15.93 -28.98
C GLY A 399 12.53 17.34 -29.47
N SER A 400 11.90 18.17 -28.63
CA SER A 400 11.63 19.57 -28.96
C SER A 400 12.86 20.40 -28.61
N HIS A 401 13.65 20.75 -29.63
CA HIS A 401 14.90 21.50 -29.50
C HIS A 401 14.69 22.89 -28.88
N GLY A 402 15.16 23.03 -27.65
CA GLY A 402 15.05 24.26 -26.88
C GLY A 402 14.28 24.11 -25.58
N SER A 403 13.56 22.97 -25.41
CA SER A 403 12.77 22.69 -24.21
C SER A 403 13.65 22.43 -22.98
N LEU A 404 14.92 22.04 -23.20
CA LEU A 404 15.90 21.75 -22.16
C LEU A 404 16.94 22.88 -21.96
N ASN A 405 16.65 24.09 -22.50
CA ASN A 405 17.52 25.27 -22.37
C ASN A 405 17.58 25.82 -20.94
N HIS A 406 16.55 25.52 -20.11
CA HIS A 406 16.49 25.96 -18.71
C HIS A 406 17.47 25.19 -17.79
N LEU A 407 18.16 24.18 -18.36
CA LEU A 407 19.16 23.35 -17.69
C LEU A 407 20.55 23.96 -17.88
N LEU A 408 20.74 24.68 -19.01
CA LEU A 408 22.00 25.29 -19.41
C LEU A 408 22.15 26.74 -18.97
N LYS A 409 23.39 27.13 -18.61
CA LYS A 409 23.75 28.49 -18.20
C LYS A 409 23.69 29.42 -19.41
N ALA A 410 24.25 28.96 -20.55
CA ALA A 410 24.28 29.67 -21.82
C ALA A 410 23.78 28.71 -22.93
N PRO A 411 22.48 28.79 -23.30
CA PRO A 411 21.95 27.85 -24.32
C PRO A 411 22.57 28.03 -25.70
N PHE A 412 22.96 26.90 -26.33
CA PHE A 412 23.58 26.86 -27.65
C PHE A 412 22.57 27.13 -28.77
N TYR A 413 21.35 26.60 -28.62
CA TYR A 413 20.28 26.76 -29.61
C TYR A 413 19.16 27.63 -29.05
N GLN A 414 18.72 28.60 -29.86
CA GLN A 414 17.63 29.52 -29.52
C GLN A 414 16.40 29.13 -30.37
N PRO A 415 15.35 28.54 -29.75
CA PRO A 415 14.18 28.13 -30.54
C PRO A 415 13.32 29.29 -31.01
N SER A 416 12.57 29.08 -32.09
CA SER A 416 11.68 30.07 -32.68
C SER A 416 10.31 29.46 -32.98
N HIS A 417 9.26 30.31 -33.06
CA HIS A 417 7.89 29.87 -33.36
C HIS A 417 7.80 29.27 -34.75
N ALA A 418 6.97 28.23 -34.91
CA ALA A 418 6.77 27.56 -36.20
C ALA A 418 5.96 28.48 -37.13
N GLU A 419 6.50 28.74 -38.33
CA GLU A 419 5.87 29.61 -39.32
C GLU A 419 4.63 28.98 -39.94
N GLU A 420 3.54 29.77 -39.98
CA GLU A 420 2.25 29.37 -40.55
C GLU A 420 2.39 29.23 -42.07
N LEU A 421 1.99 28.06 -42.61
CA LEU A 421 2.09 27.76 -44.04
C LEU A 421 0.82 28.07 -44.83
N SER A 422 -0.32 28.27 -44.14
CA SER A 422 -1.61 28.62 -44.74
C SER A 422 -2.29 29.70 -43.93
N LYS A 423 -2.68 30.79 -44.60
CA LYS A 423 -3.34 31.95 -43.99
C LYS A 423 -4.86 31.86 -44.13
N SER A 424 -5.60 32.43 -43.16
CA SER A 424 -7.06 32.45 -43.14
C SER A 424 -7.60 33.34 -44.28
N ALA A 425 -8.60 32.83 -45.02
CA ALA A 425 -9.22 33.54 -46.15
C ALA A 425 -10.70 33.20 -46.32
N GLY A 426 -11.49 34.22 -46.64
CA GLY A 426 -12.93 34.09 -46.87
C GLY A 426 -13.78 33.95 -45.62
N CYS A 427 -14.99 33.40 -45.79
CA CYS A 427 -16.02 33.15 -44.77
C CYS A 427 -16.51 34.44 -44.07
N GLY A 428 -16.51 35.54 -44.81
CA GLY A 428 -16.98 36.83 -44.32
C GLY A 428 -18.49 36.92 -44.39
N PHE A 429 -19.10 37.65 -43.44
CA PHE A 429 -20.55 37.83 -43.40
C PHE A 429 -20.99 38.76 -44.53
N THR A 430 -21.99 38.33 -45.31
CA THR A 430 -22.54 39.10 -46.43
C THR A 430 -24.05 39.30 -46.29
N THR A 431 -24.82 38.20 -46.29
CA THR A 431 -26.28 38.21 -46.19
C THR A 431 -26.78 37.32 -45.02
N PRO A 432 -27.82 37.73 -44.26
CA PRO A 432 -28.30 36.89 -43.15
C PRO A 432 -29.15 35.69 -43.57
N LEU A 433 -29.59 35.66 -44.85
CA LEU A 433 -30.43 34.59 -45.40
C LEU A 433 -29.56 33.53 -46.10
N PRO A 434 -29.71 32.22 -45.78
CA PRO A 434 -28.87 31.21 -46.46
C PRO A 434 -29.33 30.89 -47.88
N LYS A 435 -28.36 30.64 -48.78
CA LYS A 435 -28.64 30.28 -50.17
C LYS A 435 -29.14 28.84 -50.26
N ASP A 436 -28.62 27.97 -49.39
CA ASP A 436 -28.97 26.55 -49.33
C ASP A 436 -29.27 26.17 -47.87
N SER A 437 -30.43 25.52 -47.64
CA SER A 437 -30.86 25.06 -46.32
C SER A 437 -30.01 23.88 -45.83
N LEU A 438 -29.37 23.15 -46.79
CA LEU A 438 -28.51 21.97 -46.60
C LEU A 438 -29.24 20.81 -45.91
N ASN A 439 -30.57 20.73 -46.13
CA ASN A 439 -31.51 19.73 -45.58
C ASN A 439 -31.51 19.70 -44.03
N CYS A 440 -31.28 20.88 -43.42
CA CYS A 440 -31.25 21.12 -41.99
C CYS A 440 -32.52 21.86 -41.55
N SER A 441 -33.11 21.43 -40.42
CA SER A 441 -34.34 22.05 -39.93
C SER A 441 -34.31 22.48 -38.46
N CYS A 442 -34.86 23.68 -38.19
CA CYS A 442 -35.04 24.26 -36.87
C CYS A 442 -36.42 24.93 -36.88
N LEU A 443 -37.44 24.19 -36.41
CA LEU A 443 -38.83 24.63 -36.37
C LEU A 443 -39.09 25.72 -35.31
N ALA A 444 -38.16 25.88 -34.34
CA ALA A 444 -38.24 26.89 -33.28
C ALA A 444 -38.20 28.32 -33.81
N LEU A 445 -37.47 28.53 -34.93
CA LEU A 445 -37.34 29.84 -35.58
C LEU A 445 -38.55 30.11 -36.46
N GLN A 446 -39.15 31.32 -36.30
CA GLN A 446 -40.35 31.81 -37.00
C GLN A 446 -41.57 30.90 -36.83
N GLU A 452 -35.36 33.60 -37.73
CA GLU A 452 -34.21 33.44 -38.62
C GLU A 452 -33.28 34.67 -38.63
N GLN A 453 -33.63 35.73 -37.87
CA GLN A 453 -32.81 36.94 -37.78
C GLN A 453 -31.77 36.87 -36.64
N VAL A 454 -31.57 35.65 -36.10
CA VAL A 454 -30.58 35.34 -35.06
C VAL A 454 -29.21 35.19 -35.77
N ASN A 455 -29.23 35.17 -37.13
CA ASN A 455 -28.05 35.10 -38.00
C ASN A 455 -27.23 36.39 -37.91
N GLN A 456 -27.83 37.50 -37.45
CA GLN A 456 -27.15 38.80 -37.27
C GLN A 456 -26.15 38.77 -36.11
N ARG A 457 -26.29 37.79 -35.20
CA ARG A 457 -25.38 37.56 -34.06
C ARG A 457 -24.02 37.08 -34.57
N LEU A 458 -24.00 36.42 -35.75
CA LEU A 458 -22.82 35.91 -36.45
C LEU A 458 -22.06 37.07 -37.10
N ASN A 459 -22.77 38.19 -37.39
CA ASN A 459 -22.21 39.41 -37.98
C ASN A 459 -21.66 40.28 -36.86
N LEU A 460 -20.36 40.07 -36.53
CA LEU A 460 -19.67 40.79 -35.47
C LEU A 460 -18.89 41.98 -36.03
N ASN A 461 -18.98 43.13 -35.37
CA ASN A 461 -18.23 44.34 -35.75
C ASN A 461 -16.78 44.22 -35.25
N ARG A 462 -15.88 45.13 -35.67
CA ARG A 462 -14.45 45.15 -35.30
C ARG A 462 -14.21 45.02 -33.80
N GLY A 463 -15.03 45.73 -33.01
CA GLY A 463 -14.97 45.71 -31.55
C GLY A 463 -15.43 44.39 -30.96
N GLU A 464 -16.49 43.80 -31.55
CA GLU A 464 -17.06 42.52 -31.15
C GLU A 464 -16.11 41.35 -31.44
N VAL A 465 -15.38 41.42 -32.59
CA VAL A 465 -14.38 40.42 -33.00
C VAL A 465 -13.22 40.50 -32.00
N SER A 466 -12.71 41.71 -31.73
CA SER A 466 -11.63 42.00 -30.78
C SER A 466 -11.97 41.51 -29.35
N ALA A 467 -13.26 41.60 -28.95
CA ALA A 467 -13.76 41.16 -27.66
C ALA A 467 -13.71 39.63 -27.52
N THR A 468 -14.12 38.89 -28.58
CA THR A 468 -14.10 37.42 -28.57
C THR A 468 -12.66 36.91 -28.78
N GLU A 469 -11.79 37.72 -29.44
CA GLU A 469 -10.38 37.38 -29.66
C GLU A 469 -9.63 37.44 -28.33
N LYS A 470 -9.99 38.40 -27.45
CA LYS A 470 -9.35 38.57 -26.15
C LYS A 470 -9.77 37.47 -25.16
N THR A 471 -11.09 37.19 -25.09
CA THR A 471 -11.65 36.20 -24.17
C THR A 471 -11.38 34.75 -24.61
N ASN A 472 -11.79 34.37 -25.83
CA ASN A 472 -11.68 32.99 -26.32
C ASN A 472 -10.34 32.63 -26.97
N LEU A 473 -9.51 33.62 -27.36
CA LEU A 473 -8.17 33.35 -27.90
C LEU A 473 -7.11 34.14 -27.08
N PRO A 474 -6.92 33.87 -25.76
CA PRO A 474 -5.95 34.67 -24.99
C PRO A 474 -4.49 34.44 -25.34
N PHE A 475 -4.16 33.26 -25.89
CA PHE A 475 -2.80 32.87 -26.28
C PHE A 475 -2.64 32.94 -27.80
N GLY A 476 -3.65 33.49 -28.47
CA GLY A 476 -3.70 33.62 -29.92
C GLY A 476 -4.29 32.40 -30.59
N ARG A 477 -4.63 32.54 -31.88
CA ARG A 477 -5.20 31.48 -32.69
C ARG A 477 -4.16 30.37 -33.00
N PRO A 478 -4.55 29.07 -32.98
CA PRO A 478 -3.59 28.01 -33.35
C PRO A 478 -3.18 28.18 -34.82
N ARG A 479 -1.86 28.29 -35.08
CA ARG A 479 -1.34 28.50 -36.43
C ARG A 479 -1.38 27.21 -37.24
N VAL A 480 -1.68 27.32 -38.54
CA VAL A 480 -1.76 26.17 -39.45
C VAL A 480 -0.40 25.89 -40.09
N ILE A 481 0.27 24.83 -39.61
CA ILE A 481 1.58 24.39 -40.12
C ILE A 481 1.34 23.29 -41.18
N GLN A 482 0.54 23.65 -42.20
CA GLN A 482 0.16 22.83 -43.34
C GLN A 482 0.10 23.70 -44.58
N LYS A 483 0.73 23.25 -45.68
CA LYS A 483 0.70 23.99 -46.94
C LYS A 483 -0.54 23.62 -47.75
N ASN A 484 -1.14 24.61 -48.43
CA ASN A 484 -2.34 24.51 -49.26
C ASN A 484 -3.58 24.00 -48.47
N LYS A 485 -3.69 24.42 -47.19
CA LYS A 485 -4.82 24.08 -46.32
C LYS A 485 -5.84 25.23 -46.38
N ASP A 486 -6.84 25.10 -47.29
CA ASP A 486 -7.90 26.10 -47.48
C ASP A 486 -8.79 26.15 -46.23
N HIS A 487 -8.64 27.24 -45.45
CA HIS A 487 -9.37 27.42 -44.19
C HIS A 487 -9.78 28.86 -43.93
N CYS A 488 -10.68 29.06 -42.96
CA CYS A 488 -11.18 30.37 -42.55
C CYS A 488 -11.52 30.39 -41.06
N LEU A 489 -11.44 31.57 -40.44
CA LEU A 489 -11.78 31.74 -39.02
C LEU A 489 -13.21 32.23 -38.87
N LEU A 490 -13.98 31.57 -38.01
CA LEU A 490 -15.38 31.91 -37.72
C LEU A 490 -15.50 32.48 -36.31
N TYR A 491 -15.98 33.73 -36.21
CA TYR A 491 -16.12 34.45 -34.94
C TYR A 491 -17.55 34.44 -34.43
N HIS A 492 -17.70 34.11 -33.13
CA HIS A 492 -18.96 34.07 -32.39
C HIS A 492 -18.67 34.69 -31.03
N ARG A 493 -19.71 35.20 -30.33
CA ARG A 493 -19.55 35.85 -29.03
C ARG A 493 -19.02 34.94 -27.91
N GLU A 494 -19.29 33.62 -28.00
CA GLU A 494 -18.86 32.65 -26.98
C GLU A 494 -17.68 31.75 -27.40
N TYR A 495 -17.39 31.65 -28.72
CA TYR A 495 -16.30 30.80 -29.25
C TYR A 495 -15.76 31.24 -30.60
N VAL A 496 -14.51 30.86 -30.91
CA VAL A 496 -13.84 31.15 -32.18
C VAL A 496 -13.35 29.80 -32.75
N SER A 497 -13.58 29.55 -34.05
CA SER A 497 -13.16 28.30 -34.68
C SER A 497 -12.42 28.51 -36.00
N GLY A 498 -11.56 27.55 -36.34
CA GLY A 498 -10.79 27.53 -37.57
C GLY A 498 -11.35 26.45 -38.47
N PHE A 499 -12.28 26.83 -39.34
CA PHE A 499 -12.98 25.93 -40.26
C PHE A 499 -12.16 25.46 -41.46
N GLY A 500 -12.06 24.14 -41.62
CA GLY A 500 -11.38 23.51 -42.74
C GLY A 500 -12.36 23.27 -43.86
N LYS A 501 -12.18 24.00 -44.98
CA LYS A 501 -13.07 23.98 -46.15
C LYS A 501 -13.15 22.62 -46.88
N ALA A 502 -11.99 21.98 -47.15
CA ALA A 502 -11.90 20.71 -47.86
C ALA A 502 -12.59 19.54 -47.13
N MET A 503 -12.47 19.48 -45.79
CA MET A 503 -13.07 18.43 -44.98
C MET A 503 -14.47 18.78 -44.46
N LYS A 504 -14.93 20.04 -44.74
CA LYS A 504 -16.24 20.61 -44.38
C LYS A 504 -16.49 20.69 -42.87
N MET A 505 -15.43 20.64 -42.04
CA MET A 505 -15.53 20.71 -40.59
C MET A 505 -14.42 21.59 -39.99
N PRO A 506 -14.52 22.07 -38.72
CA PRO A 506 -13.42 22.87 -38.16
C PRO A 506 -12.23 22.03 -37.72
N MET A 507 -11.02 22.57 -37.91
CA MET A 507 -9.74 21.96 -37.52
C MET A 507 -9.59 22.11 -36.01
N TRP A 508 -10.06 23.26 -35.48
CA TRP A 508 -10.02 23.63 -34.07
C TRP A 508 -11.19 24.53 -33.68
N SER A 509 -11.53 24.53 -32.38
CA SER A 509 -12.58 25.35 -31.78
C SER A 509 -12.09 25.79 -30.40
N SER A 510 -11.84 27.10 -30.23
CA SER A 510 -11.34 27.71 -29.01
C SER A 510 -12.42 28.50 -28.27
N TYR A 511 -12.48 28.32 -26.93
CA TYR A 511 -13.46 28.97 -26.05
C TYR A 511 -13.04 28.91 -24.58
N THR A 512 -13.16 30.04 -23.87
CA THR A 512 -12.82 30.12 -22.44
C THR A 512 -14.09 30.02 -21.61
N VAL A 513 -14.26 28.89 -20.90
CA VAL A 513 -15.41 28.66 -20.02
C VAL A 513 -15.12 29.41 -18.71
N PRO A 514 -15.96 30.39 -18.29
CA PRO A 514 -15.70 31.08 -17.02
C PRO A 514 -16.01 30.19 -15.81
N LYS A 515 -15.55 30.57 -14.60
CA LYS A 515 -15.78 29.81 -13.37
C LYS A 515 -17.29 29.65 -13.09
N PRO A 516 -17.82 28.40 -13.08
CA PRO A 516 -19.25 28.20 -12.85
C PRO A 516 -19.68 28.47 -11.41
N GLY A 517 -20.92 28.92 -11.25
CA GLY A 517 -21.52 29.23 -9.95
C GLY A 517 -22.06 28.00 -9.24
N ASP A 518 -23.16 27.43 -9.75
CA ASP A 518 -23.81 26.25 -9.18
C ASP A 518 -23.95 25.09 -10.18
N THR A 519 -23.70 23.87 -9.70
CA THR A 519 -23.77 22.63 -10.49
C THR A 519 -25.19 22.06 -10.57
N SER A 520 -26.06 22.45 -9.61
CA SER A 520 -27.45 22.00 -9.47
C SER A 520 -28.30 22.11 -10.74
N SER A 521 -28.45 23.33 -11.29
CA SER A 521 -29.24 23.55 -12.50
C SER A 521 -28.46 24.19 -13.65
N LEU A 522 -28.11 23.37 -14.65
CA LEU A 522 -27.38 23.79 -15.85
C LEU A 522 -28.27 23.60 -17.09
N PRO A 523 -28.40 24.63 -17.97
CA PRO A 523 -29.30 24.51 -19.14
C PRO A 523 -28.92 23.41 -20.14
N PRO A 524 -29.89 22.65 -20.67
CA PRO A 524 -29.55 21.61 -21.65
C PRO A 524 -29.44 22.15 -23.08
N THR A 525 -28.96 21.31 -24.02
CA THR A 525 -28.79 21.68 -25.43
C THR A 525 -30.16 21.73 -26.10
N VAL A 526 -30.40 22.77 -26.94
CA VAL A 526 -31.65 22.97 -27.68
C VAL A 526 -31.84 21.81 -28.67
N PRO A 527 -32.90 20.97 -28.50
CA PRO A 527 -33.07 19.83 -29.40
C PRO A 527 -33.76 20.12 -30.73
N ASP A 528 -33.47 19.29 -31.74
CA ASP A 528 -34.02 19.32 -33.10
C ASP A 528 -33.87 20.68 -33.81
N CYS A 529 -32.82 21.45 -33.47
CA CYS A 529 -32.54 22.75 -34.09
C CYS A 529 -31.16 22.77 -34.72
N LEU A 530 -31.13 22.86 -36.06
CA LEU A 530 -29.91 22.88 -36.87
C LEU A 530 -30.15 23.66 -38.15
N ARG A 531 -29.27 24.65 -38.42
CA ARG A 531 -29.36 25.53 -39.59
C ARG A 531 -28.01 25.67 -40.31
N ALA A 532 -28.03 26.26 -41.52
CA ALA A 532 -26.84 26.49 -42.33
C ALA A 532 -26.10 27.75 -41.89
N ASP A 533 -24.76 27.73 -41.94
CA ASP A 533 -23.94 28.90 -41.60
C ASP A 533 -23.84 29.74 -42.87
N VAL A 534 -24.42 30.95 -42.83
CA VAL A 534 -24.49 31.92 -43.94
C VAL A 534 -23.10 32.40 -44.41
N ARG A 535 -22.09 32.35 -43.51
CA ARG A 535 -20.72 32.76 -43.79
C ARG A 535 -19.97 31.77 -44.68
N VAL A 536 -20.24 30.46 -44.48
CA VAL A 536 -19.61 29.37 -45.22
C VAL A 536 -20.41 29.01 -46.47
N ASP A 537 -19.70 28.80 -47.60
CA ASP A 537 -20.27 28.40 -48.90
C ASP A 537 -20.93 27.01 -48.80
N PRO A 538 -22.10 26.77 -49.45
CA PRO A 538 -22.75 25.45 -49.35
C PRO A 538 -21.92 24.25 -49.80
N SER A 539 -21.05 24.45 -50.81
CA SER A 539 -20.16 23.42 -51.35
C SER A 539 -19.04 23.02 -50.38
N GLU A 540 -18.70 23.94 -49.44
CA GLU A 540 -17.68 23.75 -48.41
C GLU A 540 -18.32 23.42 -47.04
N SER A 541 -19.67 23.30 -47.00
CA SER A 541 -20.44 23.02 -45.80
C SER A 541 -21.01 21.61 -45.74
N GLN A 542 -21.24 21.12 -44.51
CA GLN A 542 -21.84 19.80 -44.24
C GLN A 542 -23.35 19.89 -44.33
N LYS A 543 -24.00 18.81 -44.79
CA LYS A 543 -25.45 18.72 -44.88
C LYS A 543 -25.98 17.80 -43.78
N CYS A 544 -27.20 18.09 -43.27
CA CYS A 544 -27.84 17.27 -42.24
C CYS A 544 -28.26 15.90 -42.79
N SER A 545 -28.53 15.85 -44.12
CA SER A 545 -28.91 14.64 -44.86
C SER A 545 -27.77 13.63 -44.97
N PHE A 546 -26.50 14.08 -44.80
CA PHE A 546 -25.29 13.25 -44.86
C PHE A 546 -25.28 12.19 -43.75
N TYR A 547 -25.88 12.51 -42.60
CA TYR A 547 -25.91 11.64 -41.42
C TYR A 547 -27.13 10.71 -41.35
N LEU A 548 -28.13 10.91 -42.23
CA LEU A 548 -29.31 10.04 -42.27
C LEU A 548 -28.99 8.66 -42.86
N ALA A 549 -28.16 8.63 -43.94
CA ALA A 549 -27.75 7.42 -44.64
C ALA A 549 -26.84 6.51 -43.78
N ASP A 550 -25.86 7.10 -43.05
CA ASP A 550 -24.94 6.35 -42.20
C ASP A 550 -25.64 5.95 -40.90
N GLN A 551 -25.55 4.65 -40.54
CA GLN A 551 -26.19 4.10 -39.34
C GLN A 551 -25.28 4.09 -38.11
N ASN A 552 -23.95 3.98 -38.32
CA ASN A 552 -22.95 3.95 -37.25
C ASN A 552 -22.45 5.35 -36.84
N ILE A 553 -22.45 6.31 -37.78
CA ILE A 553 -21.98 7.68 -37.54
C ILE A 553 -23.15 8.68 -37.53
N ASP A 554 -23.18 9.54 -36.50
CA ASP A 554 -24.15 10.61 -36.28
C ASP A 554 -23.41 11.96 -36.20
N HIS A 555 -24.14 13.08 -36.22
CA HIS A 555 -23.52 14.40 -36.13
C HIS A 555 -23.37 14.83 -34.66
N GLY A 556 -22.23 15.43 -34.36
CA GLY A 556 -21.91 15.91 -33.02
C GLY A 556 -21.42 17.34 -33.03
N PHE A 557 -21.52 18.02 -31.88
CA PHE A 557 -21.05 19.40 -31.76
C PHE A 557 -19.64 19.43 -31.19
N LEU A 558 -18.73 20.18 -31.86
CA LEU A 558 -17.35 20.33 -31.39
C LEU A 558 -17.36 21.24 -30.17
N TYR A 559 -18.02 22.41 -30.28
CA TYR A 559 -18.22 23.34 -29.18
C TYR A 559 -19.61 23.03 -28.58
N PRO A 560 -19.74 22.79 -27.25
CA PRO A 560 -21.08 22.51 -26.70
C PRO A 560 -21.95 23.78 -26.65
N PRO A 561 -23.13 23.78 -27.31
CA PRO A 561 -23.95 25.02 -27.37
C PRO A 561 -24.44 25.59 -26.04
N ALA A 562 -24.76 24.71 -25.07
CA ALA A 562 -25.30 25.09 -23.77
C ALA A 562 -24.28 25.40 -22.66
N ILE A 563 -22.97 25.44 -22.98
CA ILE A 563 -21.93 25.70 -21.97
C ILE A 563 -21.82 27.20 -21.60
N LYS A 564 -22.05 28.12 -22.57
CA LYS A 564 -21.93 29.56 -22.33
C LYS A 564 -23.16 30.35 -22.79
N GLY A 565 -23.47 31.41 -22.05
CA GLY A 565 -24.58 32.32 -22.34
C GLY A 565 -25.96 31.75 -22.06
N ASN A 566 -26.99 32.43 -22.60
CA ASN A 566 -28.39 32.03 -22.46
C ASN A 566 -28.84 31.16 -23.65
N ASN A 567 -30.17 30.94 -23.81
CA ASN A 567 -30.74 30.15 -24.91
C ASN A 567 -30.49 30.78 -26.29
N GLU A 568 -30.36 32.13 -26.33
CA GLU A 568 -30.09 32.90 -27.55
C GLU A 568 -28.65 32.66 -28.02
N SER A 569 -27.72 32.43 -27.07
CA SER A 569 -26.30 32.17 -27.33
C SER A 569 -26.08 30.79 -27.94
N GLN A 570 -26.97 29.82 -27.63
CA GLN A 570 -26.94 28.44 -28.12
C GLN A 570 -27.09 28.37 -29.65
N TYR A 571 -27.87 29.30 -30.25
CA TYR A 571 -28.13 29.39 -31.68
C TYR A 571 -26.88 29.66 -32.52
N ASP A 572 -25.84 30.27 -31.90
CA ASP A 572 -24.56 30.57 -32.53
C ASP A 572 -23.72 29.30 -32.77
N ALA A 573 -24.10 28.18 -32.10
CA ALA A 573 -23.43 26.88 -32.20
C ALA A 573 -24.29 25.81 -32.88
N LEU A 574 -25.60 26.06 -33.03
CA LEU A 574 -26.52 25.12 -33.69
C LEU A 574 -26.47 25.30 -35.22
N ILE A 575 -25.25 25.38 -35.77
CA ILE A 575 -24.97 25.57 -37.19
C ILE A 575 -24.12 24.43 -37.78
N THR A 576 -24.15 24.27 -39.12
CA THR A 576 -23.43 23.24 -39.89
C THR A 576 -21.91 23.27 -39.71
N SER A 577 -21.35 24.46 -39.45
CA SER A 577 -19.92 24.66 -39.27
C SER A 577 -19.38 24.17 -37.91
N ASN A 578 -20.28 23.88 -36.95
CA ASN A 578 -19.93 23.37 -35.62
C ASN A 578 -20.19 21.85 -35.56
N LEU A 579 -20.48 21.23 -36.72
CA LEU A 579 -20.74 19.80 -36.81
C LEU A 579 -19.50 18.99 -37.13
N VAL A 580 -19.35 17.85 -36.43
CA VAL A 580 -18.25 16.90 -36.57
C VAL A 580 -18.78 15.45 -36.61
N PRO A 581 -18.22 14.53 -37.45
CA PRO A 581 -18.75 13.15 -37.50
C PRO A 581 -18.42 12.36 -36.25
N MET A 582 -19.45 11.84 -35.56
CA MET A 582 -19.24 11.08 -34.32
C MET A 582 -20.01 9.78 -34.22
N TYR A 583 -19.34 8.74 -33.71
CA TYR A 583 -19.95 7.43 -33.48
C TYR A 583 -20.89 7.57 -32.28
N LYS A 584 -22.09 6.94 -32.37
CA LYS A 584 -23.13 6.98 -31.32
C LYS A 584 -22.59 6.68 -29.93
N GLU A 585 -21.68 5.69 -29.82
CA GLU A 585 -21.05 5.29 -28.55
C GLU A 585 -20.01 6.33 -28.09
N PHE A 586 -19.26 6.94 -29.04
CA PHE A 586 -18.27 7.97 -28.72
C PHE A 586 -18.96 9.24 -28.22
N LYS A 587 -20.12 9.57 -28.80
CA LYS A 587 -20.94 10.74 -28.46
C LYS A 587 -21.37 10.72 -26.99
N LYS A 588 -21.55 9.53 -26.40
CA LYS A 588 -21.88 9.33 -24.99
C LYS A 588 -20.75 9.85 -24.08
N MET A 589 -19.48 9.57 -24.45
CA MET A 589 -18.28 10.01 -23.74
C MET A 589 -18.09 11.52 -23.89
N TRP A 590 -18.17 12.01 -25.14
CA TRP A 590 -18.02 13.42 -25.54
C TRP A 590 -19.04 14.31 -24.83
N ASP A 591 -20.33 13.89 -24.82
CA ASP A 591 -21.41 14.64 -24.16
C ASP A 591 -21.25 14.64 -22.64
N TYR A 592 -20.83 13.50 -22.03
CA TYR A 592 -20.63 13.42 -20.59
C TYR A 592 -19.45 14.31 -20.14
N PHE A 593 -18.40 14.40 -20.97
CA PHE A 593 -17.23 15.22 -20.71
C PHE A 593 -17.56 16.71 -20.69
N HIS A 594 -18.28 17.21 -21.72
CA HIS A 594 -18.63 18.63 -21.83
C HIS A 594 -19.77 19.07 -20.91
N LYS A 595 -20.56 18.12 -20.38
CA LYS A 595 -21.70 18.39 -19.49
C LYS A 595 -21.32 18.34 -18.01
N VAL A 596 -20.54 17.32 -17.60
CA VAL A 596 -20.17 17.11 -16.20
C VAL A 596 -18.70 17.42 -15.90
N LEU A 597 -17.77 16.68 -16.55
CA LEU A 597 -16.33 16.76 -16.36
C LEU A 597 -15.72 18.14 -16.58
N LEU A 598 -16.01 18.80 -17.72
CA LEU A 598 -15.51 20.12 -18.10
C LEU A 598 -15.90 21.21 -17.12
N ILE A 599 -17.15 21.17 -16.60
CA ILE A 599 -17.66 22.13 -15.62
C ILE A 599 -16.88 21.95 -14.30
N LYS A 600 -16.65 20.68 -13.89
CA LYS A 600 -15.88 20.31 -12.70
C LYS A 600 -14.44 20.84 -12.79
N TYR A 601 -13.82 20.70 -13.99
CA TYR A 601 -12.46 21.18 -14.25
C TYR A 601 -12.40 22.71 -14.23
N ALA A 602 -13.46 23.38 -14.71
CA ALA A 602 -13.58 24.84 -14.73
C ALA A 602 -13.69 25.44 -13.32
N ILE A 603 -14.30 24.70 -12.36
CA ILE A 603 -14.45 25.12 -10.96
C ILE A 603 -13.07 25.11 -10.28
N GLU A 604 -12.32 24.00 -10.42
CA GLU A 604 -11.00 23.79 -9.84
C GLU A 604 -9.93 24.74 -10.39
N ARG A 605 -10.01 25.04 -11.69
CA ARG A 605 -9.04 25.89 -12.39
C ARG A 605 -9.40 27.38 -12.47
N ASN A 606 -10.57 27.79 -11.92
CA ASN A 606 -11.10 29.16 -11.94
C ASN A 606 -11.21 29.61 -13.41
N GLY A 607 -11.99 28.84 -14.17
CA GLY A 607 -12.17 29.05 -15.60
C GLY A 607 -11.17 28.21 -16.38
N VAL A 608 -11.55 27.78 -17.60
CA VAL A 608 -10.67 26.95 -18.43
C VAL A 608 -10.86 27.25 -19.94
N ASN A 609 -9.75 27.45 -20.65
CA ASN A 609 -9.76 27.65 -22.10
C ASN A 609 -9.69 26.26 -22.73
N VAL A 610 -10.64 25.98 -23.63
CA VAL A 610 -10.75 24.69 -24.31
C VAL A 610 -10.49 24.85 -25.79
N VAL A 611 -9.59 24.04 -26.34
CA VAL A 611 -9.29 23.99 -27.77
C VAL A 611 -9.51 22.54 -28.19
N SER A 612 -10.58 22.30 -28.95
CA SER A 612 -10.96 20.97 -29.42
C SER A 612 -10.95 20.87 -30.93
N GLY A 613 -10.88 19.64 -31.45
CA GLY A 613 -10.87 19.40 -32.89
C GLY A 613 -10.62 17.96 -33.29
N PRO A 614 -10.73 17.67 -34.60
CA PRO A 614 -10.52 16.29 -35.06
C PRO A 614 -9.07 15.95 -35.41
N ILE A 615 -8.73 14.66 -35.30
CA ILE A 615 -7.41 14.12 -35.63
C ILE A 615 -7.61 13.03 -36.66
N PHE A 616 -6.75 13.02 -37.69
CA PHE A 616 -6.77 12.00 -38.74
C PHE A 616 -5.40 11.33 -38.77
N ASP A 617 -5.33 10.06 -38.32
CA ASP A 617 -4.10 9.27 -38.29
C ASP A 617 -4.36 7.79 -38.57
N TYR A 618 -4.82 7.51 -39.79
CA TYR A 618 -5.14 6.17 -40.29
C TYR A 618 -3.91 5.28 -40.45
N ASN A 619 -2.75 5.88 -40.76
CA ASN A 619 -1.48 5.16 -40.90
C ASN A 619 -0.73 5.03 -39.56
N TYR A 620 -1.33 5.57 -38.47
CA TYR A 620 -0.86 5.57 -37.08
C TYR A 620 0.65 5.90 -36.92
N ASP A 621 1.12 6.95 -37.63
CA ASP A 621 2.52 7.39 -37.60
C ASP A 621 2.77 8.56 -36.63
N GLY A 622 1.71 9.02 -35.96
CA GLY A 622 1.74 10.12 -35.01
C GLY A 622 1.66 11.49 -35.65
N HIS A 623 1.51 11.54 -36.98
CA HIS A 623 1.42 12.78 -37.76
C HIS A 623 0.06 12.91 -38.41
N PHE A 624 -0.36 14.16 -38.70
CA PHE A 624 -1.63 14.47 -39.36
C PHE A 624 -1.64 13.83 -40.74
N ASP A 625 -2.78 13.24 -41.12
CA ASP A 625 -2.92 12.58 -42.42
C ASP A 625 -3.03 13.55 -43.57
N ALA A 626 -2.54 13.14 -44.74
CA ALA A 626 -2.67 13.85 -46.01
C ALA A 626 -4.05 13.40 -46.54
N PRO A 627 -4.76 14.17 -47.41
CA PRO A 627 -6.10 13.73 -47.88
C PRO A 627 -6.18 12.29 -48.40
N ASP A 628 -5.12 11.82 -49.09
CA ASP A 628 -5.02 10.46 -49.66
C ASP A 628 -4.78 9.36 -48.61
N GLU A 629 -4.39 9.74 -47.38
CA GLU A 629 -4.13 8.79 -46.28
C GLU A 629 -5.39 8.41 -45.49
N ILE A 630 -6.49 9.19 -45.63
CA ILE A 630 -7.77 8.93 -44.96
C ILE A 630 -8.48 7.78 -45.67
N THR A 631 -8.83 6.71 -44.93
CA THR A 631 -9.47 5.51 -45.50
C THR A 631 -10.96 5.34 -45.12
N ASN A 632 -11.50 6.21 -44.24
CA ASN A 632 -12.90 6.14 -43.84
C ASN A 632 -13.60 7.49 -43.93
N TYR A 633 -14.80 7.50 -44.52
CA TYR A 633 -15.63 8.69 -44.74
C TYR A 633 -17.08 8.43 -44.31
N VAL A 634 -17.86 9.51 -44.12
CA VAL A 634 -19.29 9.44 -43.79
C VAL A 634 -19.97 8.87 -45.05
N ALA A 635 -20.76 7.78 -44.89
CA ALA A 635 -21.46 7.03 -45.95
C ALA A 635 -21.93 7.87 -47.14
N GLY A 636 -21.34 7.60 -48.31
CA GLY A 636 -21.64 8.26 -49.57
C GLY A 636 -21.33 9.74 -49.63
N THR A 637 -20.34 10.20 -48.84
CA THR A 637 -19.91 11.61 -48.80
C THR A 637 -18.37 11.69 -48.73
N ASP A 638 -17.81 12.89 -48.98
CA ASP A 638 -16.37 13.14 -48.89
C ASP A 638 -15.94 13.69 -47.51
N VAL A 639 -16.88 13.69 -46.53
CA VAL A 639 -16.64 14.16 -45.16
C VAL A 639 -15.82 13.07 -44.43
N PRO A 640 -14.55 13.35 -44.05
CA PRO A 640 -13.74 12.30 -43.42
C PRO A 640 -14.10 11.99 -41.98
N VAL A 641 -13.88 10.73 -41.58
CA VAL A 641 -14.16 10.28 -40.22
C VAL A 641 -12.86 10.44 -39.40
N PRO A 642 -12.89 11.20 -38.29
CA PRO A 642 -11.66 11.36 -37.48
C PRO A 642 -11.29 10.07 -36.75
N THR A 643 -9.98 9.82 -36.59
CA THR A 643 -9.47 8.65 -35.86
C THR A 643 -9.51 8.96 -34.37
N HIS A 644 -9.20 10.22 -34.01
CA HIS A 644 -9.16 10.73 -32.63
C HIS A 644 -9.77 12.13 -32.56
N TYR A 645 -10.08 12.58 -31.33
CA TYR A 645 -10.59 13.91 -31.03
C TYR A 645 -9.73 14.51 -29.92
N PHE A 646 -9.16 15.71 -30.16
CA PHE A 646 -8.33 16.36 -29.16
C PHE A 646 -9.11 17.36 -28.33
N VAL A 647 -8.77 17.45 -27.04
CA VAL A 647 -9.34 18.41 -26.09
C VAL A 647 -8.15 18.92 -25.27
N VAL A 648 -7.70 20.16 -25.56
CA VAL A 648 -6.57 20.78 -24.86
C VAL A 648 -7.10 21.81 -23.89
N LEU A 649 -6.94 21.55 -22.57
CA LEU A 649 -7.41 22.44 -21.51
C LEU A 649 -6.28 23.32 -21.02
N THR A 650 -6.44 24.65 -21.15
CA THR A 650 -5.42 25.60 -20.70
C THR A 650 -6.00 26.58 -19.69
N SER A 651 -5.38 26.64 -18.52
CA SER A 651 -5.75 27.54 -17.44
C SER A 651 -4.47 28.17 -16.89
N CYS A 652 -4.59 29.07 -15.90
CA CYS A 652 -3.45 29.76 -15.30
C CYS A 652 -2.92 28.96 -14.10
N LYS A 653 -1.58 28.87 -13.96
CA LYS A 653 -0.91 28.18 -12.84
C LYS A 653 -1.33 28.81 -11.50
N ASN A 654 -1.44 30.15 -11.46
CA ASN A 654 -1.91 30.89 -10.30
C ASN A 654 -3.44 30.91 -10.45
N LYS A 655 -4.15 30.14 -9.59
CA LYS A 655 -5.60 29.97 -9.61
C LYS A 655 -6.40 31.24 -9.27
N THR A 656 -5.71 32.34 -8.89
CA THR A 656 -6.35 33.63 -8.59
C THR A 656 -6.76 34.35 -9.89
N HIS A 657 -6.11 33.99 -11.01
CA HIS A 657 -6.35 34.56 -12.34
C HIS A 657 -7.08 33.59 -13.28
N THR A 658 -7.88 34.15 -14.20
CA THR A 658 -8.65 33.41 -15.21
C THR A 658 -7.75 33.14 -16.45
N PRO A 659 -8.07 32.17 -17.34
CA PRO A 659 -7.18 31.93 -18.50
C PRO A 659 -7.05 33.10 -19.48
N ASP A 660 -8.11 33.91 -19.62
CA ASP A 660 -8.15 35.08 -20.51
C ASP A 660 -7.32 36.26 -19.99
N SER A 661 -7.12 36.34 -18.65
CA SER A 661 -6.33 37.40 -18.01
C SER A 661 -5.32 36.79 -17.02
N CYS A 662 -4.19 36.26 -17.55
CA CYS A 662 -3.13 35.58 -16.78
C CYS A 662 -1.71 35.98 -17.29
N PRO A 663 -0.89 36.75 -16.51
CA PRO A 663 0.44 37.15 -17.03
C PRO A 663 1.56 36.11 -16.84
N GLY A 664 1.42 35.25 -15.83
CA GLY A 664 2.41 34.23 -15.49
C GLY A 664 2.33 32.94 -16.31
N TRP A 665 2.87 31.86 -15.73
CA TRP A 665 2.91 30.53 -16.33
C TRP A 665 1.52 29.92 -16.48
N LEU A 666 1.35 29.05 -17.50
CA LEU A 666 0.09 28.37 -17.76
C LEU A 666 0.13 26.91 -17.29
N ASP A 667 -1.05 26.33 -17.06
CA ASP A 667 -1.25 24.94 -16.66
C ASP A 667 -2.06 24.27 -17.76
N VAL A 668 -1.54 23.16 -18.31
CA VAL A 668 -2.20 22.49 -19.43
C VAL A 668 -2.63 21.03 -19.10
N LEU A 669 -3.73 20.60 -19.73
CA LEU A 669 -4.30 19.25 -19.61
C LEU A 669 -4.82 18.77 -21.00
N PRO A 670 -3.92 18.25 -21.87
CA PRO A 670 -4.36 17.80 -23.20
C PRO A 670 -4.84 16.35 -23.23
N PHE A 671 -5.84 16.07 -24.09
CA PHE A 671 -6.42 14.75 -24.31
C PHE A 671 -6.44 14.44 -25.80
N VAL A 672 -6.13 13.18 -26.16
CA VAL A 672 -6.18 12.66 -27.53
C VAL A 672 -6.99 11.36 -27.42
N VAL A 673 -8.32 11.51 -27.35
CA VAL A 673 -9.24 10.39 -27.16
C VAL A 673 -9.59 9.71 -28.49
N PRO A 674 -9.40 8.37 -28.61
CA PRO A 674 -9.75 7.68 -29.86
C PRO A 674 -11.24 7.73 -30.17
N HIS A 675 -11.55 7.98 -31.44
CA HIS A 675 -12.91 8.03 -31.96
C HIS A 675 -13.25 6.61 -32.45
N ARG A 676 -13.77 5.78 -31.54
CA ARG A 676 -14.09 4.37 -31.78
C ARG A 676 -15.60 4.07 -31.82
N PRO A 677 -16.05 3.11 -32.67
CA PRO A 677 -17.49 2.79 -32.74
C PRO A 677 -18.08 2.12 -31.48
N THR A 678 -17.22 1.52 -30.64
CA THR A 678 -17.62 0.86 -29.38
C THR A 678 -16.78 1.40 -28.23
N ASN A 679 -17.27 1.25 -26.99
CA ASN A 679 -16.56 1.68 -25.79
C ASN A 679 -15.97 0.49 -25.03
N VAL A 680 -15.64 -0.60 -25.78
CA VAL A 680 -15.07 -1.87 -25.27
C VAL A 680 -13.79 -1.65 -24.43
N GLU A 681 -13.01 -0.58 -24.73
CA GLU A 681 -11.79 -0.20 -24.02
C GLU A 681 -12.08 0.13 -22.55
N SER A 682 -13.26 0.71 -22.28
CA SER A 682 -13.70 1.10 -20.93
C SER A 682 -14.41 -0.01 -20.15
N CYS A 683 -14.85 -1.09 -20.85
CA CYS A 683 -15.65 -2.21 -20.30
C CYS A 683 -16.83 -1.60 -19.50
N PRO A 684 -17.77 -0.88 -20.20
CA PRO A 684 -18.80 -0.13 -19.47
C PRO A 684 -20.14 -0.83 -19.26
N GLU A 685 -20.21 -2.15 -19.54
CA GLU A 685 -21.43 -2.96 -19.36
C GLU A 685 -22.02 -2.78 -17.95
N ASN A 686 -23.28 -2.28 -17.91
CA ASN A 686 -24.09 -1.98 -16.71
C ASN A 686 -23.42 -0.95 -15.75
N LYS A 687 -22.41 -0.23 -16.25
CA LYS A 687 -21.70 0.79 -15.49
C LYS A 687 -22.12 2.19 -15.93
N ALA A 688 -22.51 3.02 -14.96
CA ALA A 688 -22.92 4.41 -15.19
C ALA A 688 -21.69 5.22 -15.63
N GLU A 689 -21.92 6.22 -16.50
CA GLU A 689 -20.88 7.09 -17.09
C GLU A 689 -19.92 7.73 -16.07
N ASP A 690 -20.34 7.92 -14.80
CA ASP A 690 -19.48 8.49 -13.75
C ASP A 690 -18.38 7.51 -13.29
N LEU A 691 -18.43 6.24 -13.75
CA LEU A 691 -17.49 5.19 -13.37
C LEU A 691 -16.45 4.82 -14.45
N TRP A 692 -16.60 5.32 -15.69
CA TRP A 692 -15.67 4.95 -16.76
C TRP A 692 -15.25 6.07 -17.74
N VAL A 693 -16.10 7.11 -17.94
CA VAL A 693 -15.82 8.21 -18.89
C VAL A 693 -14.53 8.97 -18.51
N GLU A 694 -14.41 9.44 -17.25
CA GLU A 694 -13.23 10.16 -16.75
C GLU A 694 -11.97 9.31 -16.85
N GLU A 695 -12.08 8.02 -16.46
CA GLU A 695 -11.01 7.02 -16.50
C GLU A 695 -10.48 6.85 -17.93
N ARG A 696 -11.39 6.89 -18.94
CA ARG A 696 -11.04 6.75 -20.35
C ARG A 696 -10.31 7.97 -20.90
N PHE A 697 -10.73 9.18 -20.51
CA PHE A 697 -10.09 10.43 -20.90
C PHE A 697 -8.70 10.53 -20.28
N LYS A 698 -8.59 10.25 -18.96
CA LYS A 698 -7.33 10.25 -18.22
C LYS A 698 -6.30 9.26 -18.77
N ALA A 699 -6.77 8.13 -19.33
CA ALA A 699 -5.93 7.10 -19.95
C ALA A 699 -5.36 7.59 -21.28
N HIS A 700 -5.98 8.61 -21.90
CA HIS A 700 -5.55 9.16 -23.18
C HIS A 700 -5.05 10.61 -23.08
N ILE A 701 -4.39 10.94 -21.96
CA ILE A 701 -3.74 12.22 -21.74
C ILE A 701 -2.47 12.20 -22.59
N ALA A 702 -2.18 13.29 -23.30
CA ALA A 702 -0.99 13.42 -24.14
C ALA A 702 -0.33 14.78 -23.89
N ARG A 703 0.78 15.08 -24.59
CA ARG A 703 1.45 16.38 -24.48
C ARG A 703 0.81 17.28 -25.54
N VAL A 704 1.02 18.62 -25.44
CA VAL A 704 0.51 19.58 -26.44
C VAL A 704 1.22 19.28 -27.78
N ARG A 705 2.52 18.92 -27.72
CA ARG A 705 3.34 18.55 -28.88
C ARG A 705 2.74 17.35 -29.63
N ASP A 706 2.22 16.34 -28.89
CA ASP A 706 1.57 15.16 -29.47
C ASP A 706 0.35 15.58 -30.30
N VAL A 707 -0.46 16.52 -29.75
CA VAL A 707 -1.64 17.11 -30.40
C VAL A 707 -1.20 17.86 -31.67
N GLU A 708 -0.14 18.70 -31.55
CA GLU A 708 0.44 19.50 -32.62
C GLU A 708 0.84 18.68 -33.85
N LEU A 709 1.54 17.53 -33.62
CA LEU A 709 2.00 16.62 -34.67
C LEU A 709 0.81 15.96 -35.37
N LEU A 710 -0.19 15.50 -34.59
CA LEU A 710 -1.40 14.83 -35.06
C LEU A 710 -2.39 15.75 -35.79
N THR A 711 -2.22 17.08 -35.67
CA THR A 711 -3.15 18.06 -36.28
C THR A 711 -2.53 18.98 -37.31
N GLY A 712 -1.26 19.33 -37.13
CA GLY A 712 -0.56 20.28 -37.98
C GLY A 712 -0.87 21.70 -37.57
N LEU A 713 -1.15 21.88 -36.27
CA LEU A 713 -1.46 23.17 -35.65
C LEU A 713 -0.40 23.52 -34.61
N ASP A 714 -0.12 24.82 -34.41
CA ASP A 714 0.86 25.28 -33.43
C ASP A 714 0.17 26.25 -32.47
N PHE A 715 0.21 25.93 -31.16
CA PHE A 715 -0.47 26.71 -30.11
C PHE A 715 0.42 27.70 -29.36
N TYR A 716 -0.22 28.62 -28.61
CA TYR A 716 0.33 29.64 -27.71
C TYR A 716 1.43 30.55 -28.34
N GLN A 717 1.30 30.88 -29.64
CA GLN A 717 2.27 31.75 -30.31
C GLN A 717 2.17 33.22 -29.88
N GLU A 718 0.99 33.66 -29.40
CA GLU A 718 0.77 35.03 -28.92
C GLU A 718 0.98 35.19 -27.41
N LYS A 719 1.44 34.12 -26.73
CA LYS A 719 1.72 34.16 -25.29
C LYS A 719 3.08 34.85 -25.08
N THR A 720 3.08 35.96 -24.31
CA THR A 720 4.28 36.75 -24.03
C THR A 720 5.16 35.99 -23.01
N GLN A 721 5.96 35.05 -23.54
CA GLN A 721 6.88 34.18 -22.79
C GLN A 721 7.94 33.66 -23.77
N PRO A 722 9.21 33.40 -23.35
CA PRO A 722 10.22 32.88 -24.29
C PRO A 722 9.82 31.52 -24.87
N VAL A 723 10.18 31.28 -26.16
CA VAL A 723 9.88 30.04 -26.91
C VAL A 723 10.31 28.78 -26.12
N SER A 724 11.49 28.82 -25.50
CA SER A 724 12.06 27.74 -24.68
C SER A 724 11.14 27.38 -23.50
N GLU A 725 10.46 28.39 -22.91
CA GLU A 725 9.52 28.22 -21.80
C GLU A 725 8.19 27.64 -22.27
N ILE A 726 7.74 28.02 -23.48
CA ILE A 726 6.50 27.52 -24.09
C ILE A 726 6.69 26.04 -24.47
N LEU A 727 7.92 25.67 -24.92
CA LEU A 727 8.28 24.29 -25.28
C LEU A 727 8.25 23.38 -24.05
N GLN A 728 8.53 23.93 -22.85
CA GLN A 728 8.46 23.22 -21.57
C GLN A 728 7.01 22.82 -21.28
N LEU A 729 6.06 23.72 -21.60
CA LEU A 729 4.62 23.53 -21.44
C LEU A 729 4.09 22.55 -22.49
N LYS A 730 4.60 22.64 -23.74
CA LYS A 730 4.21 21.80 -24.87
C LYS A 730 4.65 20.34 -24.74
N THR A 731 5.74 20.09 -23.98
CA THR A 731 6.30 18.75 -23.75
C THR A 731 5.88 18.16 -22.40
N TYR A 732 5.15 18.96 -21.60
CA TYR A 732 4.66 18.57 -20.27
C TYR A 732 3.56 17.50 -20.36
N LEU A 733 3.66 16.47 -19.53
CA LEU A 733 2.66 15.40 -19.47
C LEU A 733 2.00 15.42 -18.09
N PRO A 734 0.71 15.81 -18.00
CA PRO A 734 0.03 15.81 -16.68
C PRO A 734 -0.10 14.41 -16.10
N THR A 735 0.21 14.25 -14.81
CA THR A 735 0.17 12.99 -14.08
C THR A 735 -0.77 13.11 -12.87
N PHE A 736 -1.60 12.08 -12.62
CA PHE A 736 -2.55 12.03 -11.51
C PHE A 736 -2.25 10.89 -10.56
N TRP B 5 35.30 -10.55 16.29
CA TRP B 5 34.07 -11.29 16.56
C TRP B 5 33.14 -11.36 15.36
N VAL B 6 32.95 -10.23 14.65
CA VAL B 6 32.04 -10.13 13.49
C VAL B 6 32.51 -11.04 12.31
N THR B 7 33.84 -11.20 12.13
CA THR B 7 34.44 -12.03 11.09
C THR B 7 34.54 -13.51 11.52
N GLU B 8 34.53 -13.75 12.84
CA GLU B 8 34.62 -15.09 13.46
C GLU B 8 33.37 -15.92 13.18
N ALA B 9 33.52 -17.26 13.17
CA ALA B 9 32.44 -18.22 12.94
C ALA B 9 31.55 -18.39 14.17
N CYS B 10 30.41 -19.12 14.02
CA CYS B 10 29.49 -19.40 15.12
C CYS B 10 30.17 -20.34 16.11
N ALA B 11 29.95 -20.12 17.42
CA ALA B 11 30.53 -20.93 18.50
C ALA B 11 29.89 -22.32 18.55
N GLN B 17 31.12 -21.76 27.98
CA GLN B 17 32.48 -21.25 27.80
C GLN B 17 32.72 -20.00 28.68
N CYS B 18 32.62 -20.19 30.01
CA CYS B 18 32.80 -19.13 31.01
C CYS B 18 34.21 -19.12 31.61
N PRO B 19 34.86 -17.94 31.73
CA PRO B 19 36.22 -17.90 32.30
C PRO B 19 36.27 -18.03 33.83
N GLU B 20 37.49 -17.99 34.40
CA GLU B 20 37.78 -18.09 35.83
C GLU B 20 37.06 -16.98 36.61
N GLY B 21 36.27 -17.38 37.60
CA GLY B 21 35.49 -16.47 38.44
C GLY B 21 34.04 -16.35 38.05
N PHE B 22 33.68 -16.82 36.84
CA PHE B 22 32.31 -16.79 36.31
C PHE B 22 31.65 -18.16 36.43
N ASP B 23 31.04 -18.44 37.60
CA ASP B 23 30.36 -19.70 37.90
C ASP B 23 29.01 -19.77 37.19
N GLN B 24 28.22 -18.67 37.28
CA GLN B 24 26.91 -18.54 36.64
C GLN B 24 27.00 -17.56 35.47
N PRO B 25 26.35 -17.85 34.31
CA PRO B 25 26.44 -16.93 33.16
C PRO B 25 25.75 -15.59 33.39
N PRO B 26 26.44 -14.44 33.12
CA PRO B 26 25.80 -13.13 33.33
C PRO B 26 24.72 -12.87 32.28
N VAL B 27 23.68 -12.10 32.66
CA VAL B 27 22.56 -11.77 31.79
C VAL B 27 22.60 -10.29 31.41
N ILE B 28 22.53 -9.99 30.10
CA ILE B 28 22.49 -8.62 29.58
C ILE B 28 21.20 -8.45 28.77
N LEU B 29 20.36 -7.48 29.20
CA LEU B 29 19.10 -7.16 28.53
C LEU B 29 19.30 -5.85 27.76
N PHE B 30 19.47 -5.98 26.43
CA PHE B 30 19.71 -4.86 25.51
C PHE B 30 18.42 -4.45 24.82
N SER B 31 18.05 -3.16 24.95
CA SER B 31 16.86 -2.63 24.27
C SER B 31 17.24 -1.61 23.22
N MET B 32 16.76 -1.84 22.00
CA MET B 32 16.96 -0.96 20.86
C MET B 32 15.57 -0.40 20.56
N ASP B 33 15.29 0.80 21.09
CA ASP B 33 13.99 1.47 21.00
C ASP B 33 13.46 1.57 19.58
N GLY B 34 12.19 1.19 19.40
CA GLY B 34 11.47 1.23 18.14
C GLY B 34 11.99 0.37 17.02
N PHE B 35 12.80 -0.67 17.34
CA PHE B 35 13.35 -1.60 16.35
C PHE B 35 12.25 -2.60 15.98
N ARG B 36 11.49 -2.29 14.91
CA ARG B 36 10.42 -3.17 14.45
C ARG B 36 10.95 -4.47 13.83
N ALA B 37 10.15 -5.55 13.90
CA ALA B 37 10.47 -6.88 13.39
C ALA B 37 10.85 -6.86 11.89
N GLU B 38 10.18 -5.98 11.11
CA GLU B 38 10.39 -5.80 9.67
C GLU B 38 11.82 -5.33 9.36
N TYR B 39 12.44 -4.49 10.24
CA TYR B 39 13.81 -3.99 10.08
C TYR B 39 14.81 -5.15 10.00
N LEU B 40 14.63 -6.18 10.86
CA LEU B 40 15.50 -7.36 10.89
C LEU B 40 15.27 -8.23 9.65
N GLN B 41 14.00 -8.42 9.26
CA GLN B 41 13.61 -9.23 8.09
C GLN B 41 14.16 -8.65 6.79
N THR B 42 14.13 -7.31 6.64
CA THR B 42 14.55 -6.60 5.43
C THR B 42 16.02 -6.15 5.42
N TRP B 43 16.51 -5.54 6.51
CA TRP B 43 17.85 -4.94 6.54
C TRP B 43 18.93 -5.66 7.39
N SER B 44 18.74 -6.94 7.78
CA SER B 44 19.74 -7.66 8.60
C SER B 44 21.13 -7.74 7.95
N THR B 45 21.19 -8.06 6.64
CA THR B 45 22.44 -8.19 5.88
C THR B 45 23.27 -6.89 5.81
N LEU B 46 22.62 -5.72 6.06
CA LEU B 46 23.29 -4.42 6.08
C LEU B 46 23.90 -4.13 7.46
N LEU B 47 23.52 -4.94 8.48
CA LEU B 47 23.97 -4.82 9.87
C LEU B 47 24.77 -6.10 10.22
N PRO B 48 26.11 -6.12 9.97
CA PRO B 48 26.89 -7.35 10.18
C PRO B 48 26.93 -7.95 11.58
N ASN B 49 26.89 -7.12 12.64
CA ASN B 49 26.93 -7.61 14.03
C ASN B 49 25.61 -8.26 14.46
N ILE B 50 24.47 -7.60 14.14
CA ILE B 50 23.13 -8.10 14.43
C ILE B 50 22.82 -9.32 13.53
N ASN B 51 23.35 -9.33 12.29
CA ASN B 51 23.19 -10.44 11.35
C ASN B 51 23.87 -11.72 11.86
N LYS B 52 25.05 -11.59 12.49
CA LYS B 52 25.78 -12.73 13.07
C LYS B 52 25.00 -13.28 14.27
N LEU B 53 24.40 -12.37 15.08
CA LEU B 53 23.56 -12.68 16.23
C LEU B 53 22.31 -13.45 15.76
N LYS B 54 21.75 -13.04 14.60
CA LYS B 54 20.59 -13.65 13.96
C LYS B 54 20.94 -15.04 13.42
N THR B 55 22.13 -15.18 12.80
CA THR B 55 22.62 -16.43 12.20
C THR B 55 23.03 -17.48 13.25
N CYS B 56 23.92 -17.10 14.19
CA CYS B 56 24.47 -18.00 15.21
C CYS B 56 23.55 -18.28 16.40
N GLY B 57 22.88 -17.24 16.89
CA GLY B 57 22.00 -17.35 18.05
C GLY B 57 20.58 -17.73 17.74
N LEU B 58 19.69 -17.50 18.71
CA LEU B 58 18.26 -17.78 18.65
C LEU B 58 17.52 -16.46 18.39
N HIS B 59 16.41 -16.51 17.63
CA HIS B 59 15.56 -15.35 17.36
C HIS B 59 14.14 -15.74 16.99
N SER B 60 13.17 -14.93 17.41
CA SER B 60 11.77 -15.16 17.07
C SER B 60 11.43 -14.41 15.79
N LYS B 61 10.37 -14.84 15.08
CA LYS B 61 9.88 -14.17 13.86
C LYS B 61 9.52 -12.72 14.20
N TYR B 62 9.00 -12.51 15.43
CA TYR B 62 8.67 -11.24 16.08
C TYR B 62 8.30 -11.44 17.56
N MET B 63 8.37 -10.36 18.35
CA MET B 63 7.94 -10.36 19.74
C MET B 63 6.78 -9.38 19.87
N ARG B 64 5.64 -9.86 20.40
CA ARG B 64 4.45 -9.04 20.57
C ARG B 64 4.59 -8.15 21.80
N ALA B 65 4.33 -6.86 21.60
CA ALA B 65 4.38 -5.84 22.64
C ALA B 65 3.01 -5.77 23.34
N VAL B 66 2.92 -5.00 24.45
CA VAL B 66 1.66 -4.79 25.16
C VAL B 66 1.03 -3.49 24.65
N TYR B 67 -0.29 -3.36 24.79
CA TYR B 67 -1.02 -2.17 24.38
C TYR B 67 -1.10 -1.15 25.53
N PRO B 68 -0.81 0.16 25.31
CA PRO B 68 -0.39 0.79 24.05
C PRO B 68 1.08 0.53 23.74
N THR B 69 1.42 0.44 22.43
CA THR B 69 2.79 0.14 21.98
C THR B 69 3.67 1.40 22.12
N LYS B 70 3.91 1.80 23.38
CA LYS B 70 4.72 2.94 23.80
C LYS B 70 5.89 2.47 24.68
N ALA B 71 6.98 3.26 24.74
CA ALA B 71 8.23 2.96 25.45
C ALA B 71 8.11 2.56 26.92
N PHE B 72 7.56 3.45 27.78
CA PHE B 72 7.46 3.23 29.22
C PHE B 72 6.53 2.05 29.61
N PRO B 73 5.29 1.88 29.05
CA PRO B 73 4.49 0.71 29.43
C PRO B 73 5.16 -0.62 29.04
N ASN B 74 5.79 -0.66 27.85
CA ASN B 74 6.42 -1.85 27.31
C ASN B 74 7.73 -2.26 27.97
N HIS B 75 8.64 -1.29 28.23
CA HIS B 75 9.92 -1.57 28.87
C HIS B 75 9.71 -2.11 30.27
N TYR B 76 8.76 -1.49 31.02
CA TYR B 76 8.45 -1.91 32.38
C TYR B 76 7.73 -3.26 32.40
N THR B 77 7.04 -3.63 31.30
CA THR B 77 6.36 -4.93 31.13
C THR B 77 7.42 -6.03 30.97
N ILE B 78 8.48 -5.78 30.16
CA ILE B 78 9.57 -6.72 29.90
C ILE B 78 10.29 -7.12 31.20
N VAL B 79 10.50 -6.15 32.11
CA VAL B 79 11.19 -6.39 33.38
C VAL B 79 10.27 -6.85 34.53
N THR B 80 8.92 -6.77 34.39
CA THR B 80 8.01 -7.19 35.47
C THR B 80 7.16 -8.42 35.12
N GLY B 81 6.89 -8.61 33.83
CA GLY B 81 6.04 -9.68 33.32
C GLY B 81 4.57 -9.39 33.57
N LEU B 82 4.26 -8.10 33.80
CA LEU B 82 2.92 -7.60 34.09
C LEU B 82 2.36 -6.75 32.98
N TYR B 83 1.02 -6.73 32.86
CA TYR B 83 0.33 -5.86 31.89
C TYR B 83 0.36 -4.44 32.47
N PRO B 84 0.43 -3.37 31.63
CA PRO B 84 0.43 -2.00 32.18
C PRO B 84 -0.61 -1.69 33.26
N GLU B 85 -1.81 -2.32 33.19
CA GLU B 85 -2.89 -2.15 34.17
C GLU B 85 -2.51 -2.63 35.59
N SER B 86 -1.55 -3.59 35.69
CA SER B 86 -1.06 -4.16 36.93
C SER B 86 0.19 -3.43 37.46
N HIS B 87 1.17 -3.12 36.57
CA HIS B 87 2.39 -2.45 37.00
C HIS B 87 2.23 -0.91 37.14
N GLY B 88 1.10 -0.37 36.67
CA GLY B 88 0.75 1.04 36.80
C GLY B 88 1.19 1.97 35.70
N ILE B 89 2.27 1.64 34.99
CA ILE B 89 2.78 2.49 33.90
C ILE B 89 1.97 2.20 32.64
N ILE B 90 0.82 2.88 32.52
CA ILE B 90 -0.10 2.68 31.39
C ILE B 90 0.28 3.55 30.18
N ASP B 91 1.04 4.64 30.42
CA ASP B 91 1.54 5.58 29.42
C ASP B 91 2.68 6.42 30.00
N ASN B 92 3.36 7.21 29.16
CA ASN B 92 4.44 8.11 29.56
C ASN B 92 3.85 9.39 30.13
N ASN B 93 2.62 9.72 29.69
CA ASN B 93 1.84 10.87 30.12
C ASN B 93 0.52 10.34 30.66
N MET B 94 0.34 10.39 32.00
CA MET B 94 -0.87 9.89 32.67
C MET B 94 -1.22 10.68 33.93
N TYR B 95 -2.45 10.48 34.43
CA TYR B 95 -2.96 11.14 35.63
C TYR B 95 -3.62 10.15 36.58
N ASP B 96 -3.27 10.23 37.88
CA ASP B 96 -3.83 9.43 38.96
C ASP B 96 -4.71 10.35 39.79
N VAL B 97 -6.01 10.02 39.91
CA VAL B 97 -7.00 10.83 40.64
C VAL B 97 -6.74 10.83 42.17
N TYR B 98 -6.34 9.67 42.74
CA TYR B 98 -6.08 9.53 44.17
C TYR B 98 -4.83 10.26 44.61
N LEU B 99 -3.76 10.20 43.79
CA LEU B 99 -2.49 10.89 44.06
C LEU B 99 -2.62 12.37 43.72
N ASN B 100 -3.49 12.70 42.73
CA ASN B 100 -3.74 14.04 42.17
C ASN B 100 -2.43 14.67 41.67
N LYS B 101 -1.70 13.88 40.86
CA LYS B 101 -0.41 14.24 40.28
C LYS B 101 -0.38 13.80 38.81
N ASN B 102 0.39 14.52 37.98
CA ASN B 102 0.55 14.21 36.57
C ASN B 102 1.91 13.57 36.32
N PHE B 103 1.92 12.39 35.70
CA PHE B 103 3.14 11.67 35.36
C PHE B 103 3.59 12.10 33.97
N SER B 104 4.86 12.52 33.87
CA SER B 104 5.55 12.92 32.65
C SER B 104 7.05 12.87 32.85
N LEU B 105 7.78 12.56 31.77
CA LEU B 105 9.25 12.43 31.73
C LEU B 105 9.95 13.76 32.00
N SER B 106 9.31 14.88 31.60
CA SER B 106 9.80 16.24 31.78
C SER B 106 9.65 16.71 33.24
N SER B 107 8.70 16.11 33.99
CA SER B 107 8.38 16.38 35.39
C SER B 107 9.16 15.47 36.37
N VAL B 108 9.21 15.86 37.67
CA VAL B 108 9.90 15.13 38.74
C VAL B 108 9.04 13.92 39.27
N GLU B 109 7.78 13.78 38.75
CA GLU B 109 6.86 12.69 39.08
C GLU B 109 7.31 11.35 38.48
N LYS B 110 8.19 11.41 37.46
CA LYS B 110 8.82 10.28 36.76
C LYS B 110 9.62 9.41 37.73
N SER B 111 10.13 10.01 38.84
CA SER B 111 10.91 9.36 39.89
C SER B 111 10.11 9.02 41.17
N ASN B 112 8.80 9.37 41.21
CA ASN B 112 7.92 9.06 42.35
C ASN B 112 7.60 7.55 42.34
N PRO B 113 7.97 6.81 43.42
CA PRO B 113 7.73 5.36 43.45
C PRO B 113 6.26 4.92 43.49
N ALA B 114 5.34 5.85 43.82
CA ALA B 114 3.89 5.63 43.90
C ALA B 114 3.27 5.16 42.57
N TRP B 115 3.88 5.55 41.44
CA TRP B 115 3.44 5.20 40.08
C TRP B 115 3.87 3.79 39.67
N TRP B 116 5.02 3.32 40.20
CA TRP B 116 5.65 2.05 39.85
C TRP B 116 5.26 0.88 40.76
N SER B 117 4.37 0.00 40.27
CA SER B 117 3.91 -1.21 40.97
C SER B 117 4.65 -2.44 40.44
N GLY B 118 4.43 -3.58 41.08
CA GLY B 118 5.07 -4.84 40.70
C GLY B 118 6.51 -4.94 41.17
N GLN B 119 7.21 -5.98 40.71
CA GLN B 119 8.60 -6.23 41.08
C GLN B 119 9.52 -6.43 39.86
N PRO B 120 10.24 -5.37 39.40
CA PRO B 120 11.16 -5.55 38.26
C PRO B 120 12.27 -6.57 38.55
N ILE B 121 12.80 -7.18 37.48
CA ILE B 121 13.82 -8.23 37.50
C ILE B 121 15.07 -7.85 38.35
N TRP B 122 15.49 -6.56 38.35
CA TRP B 122 16.64 -6.14 39.16
C TRP B 122 16.35 -6.28 40.66
N LEU B 123 15.11 -5.99 41.10
CA LEU B 123 14.68 -6.16 42.49
C LEU B 123 14.59 -7.65 42.85
N THR B 124 14.03 -8.48 41.94
CA THR B 124 13.87 -9.93 42.08
C THR B 124 15.24 -10.61 42.30
N ALA B 125 16.28 -10.14 41.58
CA ALA B 125 17.65 -10.63 41.69
C ALA B 125 18.29 -10.17 43.01
N MET B 126 18.06 -8.90 43.38
CA MET B 126 18.58 -8.30 44.62
C MET B 126 17.99 -8.90 45.88
N TYR B 127 16.68 -9.23 45.85
CA TYR B 127 15.98 -9.85 46.99
C TYR B 127 16.38 -11.33 47.15
N GLN B 128 17.07 -11.91 46.15
CA GLN B 128 17.48 -13.31 46.15
C GLN B 128 19.01 -13.51 46.09
N GLY B 129 19.76 -12.58 46.70
CA GLY B 129 21.21 -12.64 46.80
C GLY B 129 22.03 -12.02 45.69
N LEU B 130 21.56 -12.10 44.44
CA LEU B 130 22.28 -11.57 43.26
C LEU B 130 22.36 -10.05 43.23
N LYS B 131 23.35 -9.51 42.50
CA LYS B 131 23.54 -8.08 42.30
C LYS B 131 23.11 -7.68 40.88
N ALA B 132 22.55 -6.46 40.72
CA ALA B 132 22.07 -5.99 39.43
C ALA B 132 22.49 -4.56 39.10
N ALA B 133 22.91 -4.35 37.84
CA ALA B 133 23.34 -3.05 37.31
C ALA B 133 22.48 -2.64 36.12
N SER B 134 22.37 -1.32 35.88
CA SER B 134 21.56 -0.81 34.77
C SER B 134 22.07 0.49 34.18
N TYR B 135 22.32 0.50 32.86
CA TYR B 135 22.70 1.71 32.14
C TYR B 135 21.52 2.09 31.26
N TYR B 136 20.52 2.71 31.91
CA TYR B 136 19.22 3.14 31.37
C TYR B 136 18.24 2.00 31.20
N TRP B 137 17.04 2.20 31.75
CA TRP B 137 15.85 1.36 31.69
C TRP B 137 14.74 2.06 32.48
N PRO B 138 13.56 2.33 31.88
CA PRO B 138 12.49 2.99 32.65
C PRO B 138 12.20 2.28 33.97
N GLY B 139 12.40 3.00 35.07
CA GLY B 139 12.21 2.48 36.41
C GLY B 139 13.50 2.18 37.14
N SER B 140 14.60 1.93 36.40
CA SER B 140 15.91 1.63 36.98
C SER B 140 16.58 2.85 37.65
N ASP B 141 16.14 4.06 37.27
CA ASP B 141 16.64 5.31 37.86
C ASP B 141 15.59 5.87 38.83
N VAL B 142 14.67 4.99 39.27
CA VAL B 142 13.55 5.24 40.21
C VAL B 142 13.70 4.23 41.37
N ALA B 143 13.45 4.67 42.61
CA ALA B 143 13.51 3.82 43.80
C ALA B 143 12.22 3.00 43.95
N VAL B 144 12.03 2.01 43.05
CA VAL B 144 10.87 1.11 43.02
C VAL B 144 10.90 0.24 44.29
N ASN B 145 9.80 0.31 45.09
CA ASN B 145 9.64 -0.39 46.38
C ASN B 145 10.75 0.01 47.39
N GLY B 146 11.19 1.27 47.30
CA GLY B 146 12.22 1.85 48.15
C GLY B 146 13.63 1.40 47.87
N SER B 147 13.89 0.84 46.66
CA SER B 147 15.23 0.37 46.28
C SER B 147 15.58 0.60 44.81
N PHE B 148 16.85 0.95 44.58
CA PHE B 148 17.48 1.18 43.28
C PHE B 148 18.37 -0.04 42.96
N PRO B 149 18.75 -0.31 41.68
CA PRO B 149 19.69 -1.41 41.42
C PRO B 149 21.06 -1.06 42.01
N ASN B 150 21.91 -2.07 42.30
CA ASN B 150 23.24 -1.89 42.88
C ASN B 150 24.03 -0.77 42.20
N ILE B 151 24.00 -0.73 40.85
CA ILE B 151 24.60 0.32 40.03
C ILE B 151 23.55 0.78 39.02
N TYR B 152 23.27 2.09 38.96
CA TYR B 152 22.28 2.64 38.04
C TYR B 152 22.74 3.96 37.43
N ARG B 153 21.99 4.44 36.42
CA ARG B 153 22.29 5.70 35.75
C ARG B 153 21.04 6.55 35.59
N ASN B 154 21.11 7.81 36.05
CA ASN B 154 20.03 8.79 35.91
C ASN B 154 19.95 9.11 34.42
N TYR B 155 18.75 8.99 33.83
CA TYR B 155 18.54 9.15 32.38
C TYR B 155 19.02 10.49 31.79
N SER B 156 19.74 10.36 30.66
CA SER B 156 20.29 11.44 29.83
C SER B 156 20.50 10.87 28.41
N ASN B 157 19.79 11.42 27.42
CA ASN B 157 19.84 10.98 26.02
C ASN B 157 21.12 11.41 25.28
N SER B 158 21.84 12.41 25.81
CA SER B 158 23.06 12.98 25.23
C SER B 158 24.33 12.11 25.38
N VAL B 159 24.28 11.08 26.24
CA VAL B 159 25.42 10.19 26.49
C VAL B 159 25.66 9.27 25.27
N PRO B 160 26.87 9.33 24.62
CA PRO B 160 27.13 8.48 23.45
C PRO B 160 27.07 6.98 23.76
N TYR B 161 26.70 6.17 22.76
CA TYR B 161 26.53 4.72 22.88
C TYR B 161 27.79 4.01 23.37
N GLU B 162 28.98 4.37 22.86
CA GLU B 162 30.28 3.79 23.25
C GLU B 162 30.49 3.90 24.78
N SER B 163 30.20 5.09 25.35
CA SER B 163 30.31 5.38 26.78
C SER B 163 29.42 4.46 27.63
N ARG B 164 28.18 4.20 27.16
CA ARG B 164 27.21 3.32 27.81
C ARG B 164 27.75 1.88 27.87
N ILE B 165 28.28 1.39 26.72
CA ILE B 165 28.88 0.05 26.55
C ILE B 165 30.16 -0.11 27.40
N ALA B 166 31.08 0.90 27.34
CA ALA B 166 32.34 0.92 28.08
C ALA B 166 32.15 0.80 29.60
N THR B 167 31.12 1.49 30.14
CA THR B 167 30.78 1.45 31.58
C THR B 167 30.25 0.05 31.95
N LEU B 168 29.46 -0.56 31.04
CA LEU B 168 28.91 -1.89 31.24
C LEU B 168 30.03 -2.94 31.25
N LEU B 169 31.03 -2.81 30.35
CA LEU B 169 32.20 -3.69 30.29
C LEU B 169 33.06 -3.51 31.54
N GLN B 170 33.10 -2.27 32.07
CA GLN B 170 33.80 -1.89 33.31
C GLN B 170 33.12 -2.55 34.51
N TRP B 171 31.77 -2.68 34.47
CA TRP B 171 30.96 -3.34 35.50
C TRP B 171 31.22 -4.85 35.53
N LEU B 172 31.53 -5.44 34.35
CA LEU B 172 31.86 -6.86 34.18
C LEU B 172 33.31 -7.17 34.59
N ASP B 173 34.16 -6.12 34.68
CA ASP B 173 35.56 -6.22 35.07
C ASP B 173 35.72 -6.19 36.61
N LEU B 174 34.65 -5.78 37.33
CA LEU B 174 34.59 -5.69 38.80
C LEU B 174 34.84 -7.05 39.48
N PRO B 175 35.39 -7.10 40.72
CA PRO B 175 35.58 -8.40 41.39
C PRO B 175 34.26 -9.10 41.69
N LYS B 176 34.26 -10.45 41.69
CA LYS B 176 33.10 -11.34 41.91
C LYS B 176 32.09 -10.86 42.97
N ALA B 177 32.59 -10.35 44.12
CA ALA B 177 31.76 -9.86 45.23
C ALA B 177 30.98 -8.58 44.88
N GLU B 178 31.59 -7.70 44.05
CA GLU B 178 30.98 -6.43 43.61
C GLU B 178 30.24 -6.54 42.28
N ARG B 179 30.69 -7.47 41.41
CA ARG B 179 30.18 -7.70 40.06
C ARG B 179 28.71 -8.17 40.00
N PRO B 180 27.86 -7.44 39.25
CA PRO B 180 26.46 -7.85 39.12
C PRO B 180 26.26 -9.02 38.17
N SER B 181 25.16 -9.77 38.35
CA SER B 181 24.80 -10.92 37.53
C SER B 181 23.86 -10.51 36.39
N PHE B 182 22.98 -9.51 36.66
CA PHE B 182 22.03 -8.99 35.68
C PHE B 182 22.36 -7.56 35.26
N TYR B 183 22.20 -7.27 33.95
CA TYR B 183 22.49 -5.97 33.34
C TYR B 183 21.37 -5.54 32.40
N THR B 184 21.13 -4.21 32.32
CA THR B 184 20.19 -3.58 31.38
C THR B 184 20.94 -2.47 30.65
N ILE B 185 20.69 -2.35 29.35
CA ILE B 185 21.29 -1.31 28.50
C ILE B 185 20.23 -0.88 27.48
N TYR B 186 20.01 0.44 27.37
CA TYR B 186 19.02 1.02 26.48
C TYR B 186 19.61 2.04 25.51
N VAL B 187 19.19 1.97 24.24
CA VAL B 187 19.55 2.91 23.18
C VAL B 187 18.27 3.50 22.58
N GLU B 188 18.31 4.78 22.22
CA GLU B 188 17.15 5.53 21.69
C GLU B 188 16.79 5.19 20.25
N GLU B 189 17.77 4.71 19.46
CA GLU B 189 17.58 4.38 18.04
C GLU B 189 17.21 2.90 17.79
N PRO B 190 16.52 2.55 16.66
CA PRO B 190 16.08 3.40 15.54
C PRO B 190 14.73 4.11 15.73
N ASP B 191 14.29 4.33 17.00
CA ASP B 191 13.02 5.00 17.31
C ASP B 191 13.01 6.47 16.91
N SER B 192 14.04 7.23 17.33
CA SER B 192 14.19 8.66 17.05
C SER B 192 14.13 8.96 15.55
N ALA B 193 14.86 8.15 14.73
CA ALA B 193 14.88 8.28 13.27
C ALA B 193 13.56 7.86 12.64
N GLY B 194 12.89 6.88 13.28
CA GLY B 194 11.58 6.37 12.85
C GLY B 194 10.50 7.43 12.90
N HIS B 195 10.52 8.25 13.96
CA HIS B 195 9.58 9.35 14.17
C HIS B 195 9.77 10.49 13.18
N LYS B 196 11.04 10.77 12.80
CA LYS B 196 11.39 11.87 11.89
C LYS B 196 11.01 11.67 10.42
N SER B 197 11.25 10.46 9.86
CA SER B 197 10.99 10.23 8.43
C SER B 197 10.27 8.90 8.09
N GLY B 198 9.71 8.22 9.08
CA GLY B 198 8.97 6.98 8.86
C GLY B 198 9.84 5.73 8.91
N PRO B 199 9.22 4.52 8.93
CA PRO B 199 10.03 3.29 9.00
C PRO B 199 10.79 2.90 7.73
N VAL B 200 10.42 3.49 6.57
CA VAL B 200 11.09 3.23 5.29
C VAL B 200 11.78 4.54 4.85
N SER B 201 13.00 4.77 5.38
CA SER B 201 13.80 5.97 5.12
C SER B 201 15.30 5.71 5.28
N ALA B 202 16.14 6.64 4.79
CA ALA B 202 17.60 6.55 4.90
C ALA B 202 18.04 6.81 6.34
N GLY B 203 17.27 7.64 7.05
CA GLY B 203 17.50 7.99 8.45
C GLY B 203 17.45 6.78 9.37
N VAL B 204 16.48 5.86 9.13
CA VAL B 204 16.35 4.65 9.94
C VAL B 204 17.48 3.66 9.64
N ILE B 205 17.98 3.61 8.37
CA ILE B 205 19.10 2.76 7.96
C ILE B 205 20.36 3.18 8.72
N LYS B 206 20.63 4.51 8.77
CA LYS B 206 21.75 5.12 9.48
C LYS B 206 21.66 4.81 10.98
N ALA B 207 20.43 4.82 11.55
CA ALA B 207 20.16 4.53 12.95
C ALA B 207 20.34 3.04 13.25
N LEU B 208 19.93 2.16 12.30
CA LEU B 208 20.06 0.70 12.41
C LEU B 208 21.54 0.31 12.37
N GLN B 209 22.34 1.02 11.55
CA GLN B 209 23.78 0.81 11.44
C GLN B 209 24.51 1.31 12.69
N LEU B 210 23.97 2.38 13.31
CA LEU B 210 24.49 3.00 14.55
C LEU B 210 24.32 2.05 15.74
N VAL B 211 23.14 1.39 15.85
CA VAL B 211 22.85 0.44 16.93
C VAL B 211 23.58 -0.89 16.70
N ASP B 212 23.95 -1.20 15.44
CA ASP B 212 24.71 -2.39 15.07
C ASP B 212 26.15 -2.23 15.55
N ASP B 213 26.70 -1.01 15.44
CA ASP B 213 28.04 -0.65 15.88
C ASP B 213 28.10 -0.70 17.41
N ALA B 214 27.01 -0.27 18.09
CA ALA B 214 26.87 -0.29 19.55
C ALA B 214 26.89 -1.74 20.07
N PHE B 215 26.13 -2.63 19.43
CA PHE B 215 26.08 -4.06 19.76
C PHE B 215 27.42 -4.73 19.43
N GLY B 216 28.03 -4.31 18.32
CA GLY B 216 29.33 -4.79 17.86
C GLY B 216 30.46 -4.47 18.82
N MET B 217 30.41 -3.25 19.42
CA MET B 217 31.37 -2.77 20.41
C MET B 217 31.27 -3.60 21.69
N LEU B 218 30.03 -4.02 22.05
CA LEU B 218 29.76 -4.83 23.23
C LEU B 218 30.28 -6.25 23.03
N MET B 219 30.02 -6.87 21.85
CA MET B 219 30.48 -8.23 21.52
C MET B 219 32.00 -8.32 21.42
N GLU B 220 32.65 -7.27 20.85
CA GLU B 220 34.09 -7.19 20.72
C GLU B 220 34.73 -6.97 22.10
N GLY B 221 34.03 -6.23 22.95
CA GLY B 221 34.43 -5.95 24.33
C GLY B 221 34.35 -7.19 25.19
N LEU B 222 33.32 -8.03 24.96
CA LEU B 222 33.13 -9.30 25.68
C LEU B 222 34.16 -10.33 25.23
N LYS B 223 34.50 -10.36 23.92
CA LYS B 223 35.51 -11.26 23.34
C LYS B 223 36.89 -10.99 23.97
N GLN B 224 37.21 -9.71 24.25
CA GLN B 224 38.46 -9.29 24.88
C GLN B 224 38.56 -9.77 26.34
N ARG B 225 37.42 -10.06 26.97
CA ARG B 225 37.33 -10.56 28.35
C ARG B 225 36.99 -12.06 28.37
N ASN B 226 36.84 -12.67 27.18
CA ASN B 226 36.48 -14.08 26.93
C ASN B 226 35.09 -14.42 27.53
N LEU B 227 34.15 -13.48 27.37
CA LEU B 227 32.78 -13.56 27.85
C LEU B 227 31.75 -13.59 26.70
N HIS B 228 32.23 -13.57 25.44
CA HIS B 228 31.38 -13.60 24.24
C HIS B 228 30.55 -14.88 24.10
N ASN B 229 31.04 -16.00 24.65
CA ASN B 229 30.35 -17.30 24.65
C ASN B 229 29.91 -17.72 26.06
N CYS B 230 30.02 -16.78 27.02
CA CYS B 230 29.66 -16.96 28.44
C CYS B 230 28.38 -16.21 28.79
N VAL B 231 28.30 -14.94 28.37
CA VAL B 231 27.18 -14.05 28.66
C VAL B 231 25.91 -14.43 27.88
N ASN B 232 24.77 -14.48 28.59
CA ASN B 232 23.46 -14.73 28.00
C ASN B 232 22.87 -13.36 27.68
N ILE B 233 22.97 -12.94 26.41
CA ILE B 233 22.52 -11.64 25.94
C ILE B 233 21.19 -11.73 25.19
N ILE B 234 20.25 -10.83 25.53
CA ILE B 234 18.94 -10.69 24.89
C ILE B 234 18.88 -9.30 24.24
N VAL B 235 18.68 -9.27 22.93
CA VAL B 235 18.53 -8.03 22.16
C VAL B 235 17.06 -7.94 21.72
N LEU B 236 16.34 -6.95 22.27
CA LEU B 236 14.93 -6.77 21.95
C LEU B 236 14.55 -5.30 21.75
N ALA B 237 13.25 -5.06 21.54
CA ALA B 237 12.68 -3.72 21.36
C ALA B 237 11.36 -3.64 22.12
N ASP B 238 10.98 -2.42 22.48
CA ASP B 238 9.75 -2.09 23.20
C ASP B 238 8.51 -2.16 22.29
N HIS B 239 8.66 -1.75 21.02
CA HIS B 239 7.57 -1.71 20.04
C HIS B 239 8.13 -1.59 18.62
N GLY B 240 7.22 -1.43 17.65
CA GLY B 240 7.58 -1.24 16.25
C GLY B 240 7.49 0.22 15.83
N MET B 241 7.20 0.44 14.53
CA MET B 241 7.09 1.77 13.92
C MET B 241 6.25 1.70 12.64
N ASP B 242 5.38 2.69 12.43
CA ASP B 242 4.53 2.80 11.24
C ASP B 242 4.50 4.22 10.71
N GLN B 243 4.37 4.37 9.37
CA GLN B 243 4.32 5.66 8.69
C GLN B 243 3.01 6.41 8.94
N THR B 244 3.13 7.70 9.23
CA THR B 244 2.00 8.61 9.48
C THR B 244 1.97 9.70 8.42
N SER B 245 0.77 10.22 8.13
CA SER B 245 0.54 11.29 7.18
C SER B 245 -0.43 12.30 7.76
N CYS B 246 -0.26 13.59 7.40
CA CYS B 246 -1.14 14.66 7.86
C CYS B 246 -2.51 14.63 7.18
N ASP B 247 -2.62 13.84 6.10
CA ASP B 247 -3.83 13.57 5.34
C ASP B 247 -4.54 12.35 5.95
N ARG B 248 -3.88 11.72 6.95
CA ARG B 248 -4.37 10.57 7.71
C ARG B 248 -4.54 10.92 9.19
N VAL B 249 -5.28 12.01 9.48
CA VAL B 249 -5.56 12.49 10.84
C VAL B 249 -7.06 12.75 11.01
N GLU B 250 -7.65 12.16 12.07
CA GLU B 250 -9.05 12.32 12.46
C GLU B 250 -9.13 13.44 13.50
N TYR B 251 -10.07 14.38 13.32
CA TYR B 251 -10.23 15.52 14.23
C TYR B 251 -11.54 15.44 14.99
N MET B 252 -11.48 15.66 16.32
CA MET B 252 -12.63 15.62 17.22
C MET B 252 -13.61 16.78 17.01
N THR B 253 -13.16 17.86 16.31
CA THR B 253 -13.96 19.04 15.96
C THR B 253 -15.07 18.66 14.96
N ASP B 254 -14.83 17.59 14.17
CA ASP B 254 -15.76 17.05 13.17
C ASP B 254 -16.89 16.21 13.79
N TYR B 255 -16.82 15.97 15.12
CA TYR B 255 -17.80 15.16 15.85
C TYR B 255 -18.46 15.90 17.02
N PHE B 256 -17.80 16.94 17.55
CA PHE B 256 -18.32 17.74 18.66
C PHE B 256 -18.42 19.23 18.30
N PRO B 257 -19.50 19.94 18.74
CA PRO B 257 -19.59 21.38 18.45
C PRO B 257 -18.55 22.20 19.24
N GLU B 258 -18.19 21.70 20.43
CA GLU B 258 -17.20 22.27 21.35
C GLU B 258 -16.56 21.17 22.19
N ILE B 259 -15.22 21.19 22.31
CA ILE B 259 -14.48 20.19 23.08
C ILE B 259 -14.23 20.74 24.50
N ASN B 260 -14.98 20.18 25.47
CA ASN B 260 -14.91 20.55 26.89
C ASN B 260 -14.19 19.45 27.70
N PHE B 261 -13.62 18.46 26.99
CA PHE B 261 -12.91 17.34 27.58
C PHE B 261 -11.40 17.39 27.30
N TYR B 262 -10.61 16.67 28.11
CA TYR B 262 -9.16 16.54 27.93
C TYR B 262 -8.91 15.29 27.09
N MET B 263 -7.96 15.37 26.14
CA MET B 263 -7.63 14.25 25.25
C MET B 263 -6.13 13.99 25.17
N TYR B 264 -5.75 12.72 25.38
CA TYR B 264 -4.37 12.27 25.20
C TYR B 264 -4.32 11.88 23.73
N GLN B 265 -3.84 12.78 22.89
CA GLN B 265 -3.80 12.63 21.42
C GLN B 265 -2.80 11.59 20.92
N GLY B 266 -3.04 11.09 19.70
CA GLY B 266 -2.16 10.13 19.04
C GLY B 266 -2.79 8.83 18.57
N PRO B 267 -2.00 7.72 18.60
CA PRO B 267 -2.52 6.42 18.12
C PRO B 267 -3.33 5.63 19.14
N ALA B 268 -3.26 5.98 20.44
CA ALA B 268 -3.99 5.32 21.51
C ALA B 268 -4.65 6.39 22.43
N PRO B 269 -5.70 7.09 21.92
CA PRO B 269 -6.29 8.18 22.72
C PRO B 269 -7.16 7.77 23.89
N ARG B 270 -7.13 8.61 24.93
CA ARG B 270 -7.89 8.49 26.17
C ARG B 270 -8.57 9.84 26.43
N ILE B 271 -9.88 9.82 26.73
CA ILE B 271 -10.66 11.02 26.98
C ILE B 271 -11.18 11.05 28.42
N ARG B 272 -10.96 12.18 29.10
CA ARG B 272 -11.39 12.43 30.48
C ARG B 272 -11.83 13.89 30.62
N THR B 273 -12.30 14.27 31.83
CA THR B 273 -12.72 15.63 32.12
C THR B 273 -11.51 16.56 32.32
N ARG B 274 -11.70 17.87 32.08
CA ARG B 274 -10.66 18.87 32.27
C ARG B 274 -10.61 19.22 33.76
N ASN B 275 -11.80 19.24 34.42
CA ASN B 275 -11.96 19.55 35.84
C ASN B 275 -11.66 18.33 36.73
N ILE B 276 -10.37 18.12 37.00
CA ILE B 276 -9.84 17.02 37.82
C ILE B 276 -9.28 17.57 39.15
N PRO B 277 -9.45 16.89 40.31
CA PRO B 277 -10.07 15.58 40.55
C PRO B 277 -11.59 15.60 40.80
N GLN B 278 -12.20 16.80 40.85
CA GLN B 278 -13.62 17.04 41.15
C GLN B 278 -14.62 16.26 40.30
N ASP B 279 -14.48 16.28 38.97
CA ASP B 279 -15.41 15.64 38.05
C ASP B 279 -14.92 14.34 37.40
N PHE B 280 -13.77 13.79 37.85
CA PHE B 280 -13.17 12.56 37.28
C PHE B 280 -14.13 11.37 37.16
N PHE B 281 -14.93 11.10 38.20
CA PHE B 281 -15.87 9.99 38.22
C PHE B 281 -17.26 10.36 37.69
N THR B 282 -17.73 11.60 37.97
CA THR B 282 -19.04 12.10 37.54
C THR B 282 -19.11 12.38 36.02
N PHE B 283 -17.93 12.46 35.35
CA PHE B 283 -17.79 12.70 33.91
C PHE B 283 -18.53 11.62 33.11
N ASN B 284 -19.44 12.04 32.21
CA ASN B 284 -20.22 11.11 31.40
C ASN B 284 -19.36 10.50 30.29
N SER B 285 -18.68 9.39 30.64
CA SER B 285 -17.80 8.63 29.75
C SER B 285 -18.61 7.91 28.67
N GLU B 286 -19.79 7.37 29.05
CA GLU B 286 -20.73 6.65 28.18
C GLU B 286 -21.31 7.54 27.08
N GLU B 287 -21.44 8.86 27.36
CA GLU B 287 -21.95 9.87 26.43
C GLU B 287 -20.94 10.08 25.29
N ILE B 288 -19.65 10.23 25.62
CA ILE B 288 -18.56 10.48 24.67
C ILE B 288 -18.38 9.32 23.68
N VAL B 289 -18.45 8.05 24.16
CA VAL B 289 -18.32 6.86 23.31
C VAL B 289 -19.52 6.74 22.35
N ARG B 290 -20.72 7.12 22.83
CA ARG B 290 -21.97 7.11 22.06
C ARG B 290 -21.96 8.21 21.00
N ASP B 291 -21.41 9.40 21.35
CA ASP B 291 -21.32 10.55 20.45
C ASP B 291 -20.28 10.35 19.34
N LEU B 292 -19.38 9.36 19.50
CA LEU B 292 -18.32 9.06 18.53
C LEU B 292 -18.57 7.74 17.77
N SER B 293 -19.54 6.92 18.21
CA SER B 293 -19.87 5.64 17.60
C SER B 293 -20.69 5.76 16.31
N CYS B 294 -20.20 5.10 15.23
CA CYS B 294 -20.80 5.01 13.89
C CYS B 294 -21.23 6.36 13.30
N ARG B 295 -20.43 7.41 13.52
CA ARG B 295 -20.72 8.76 13.03
C ARG B 295 -20.47 8.92 11.54
N LYS B 296 -19.45 8.21 11.01
CA LYS B 296 -19.07 8.21 9.58
C LYS B 296 -18.91 6.77 9.11
N SER B 297 -19.26 6.50 7.83
CA SER B 297 -19.16 5.18 7.20
C SER B 297 -17.71 4.68 7.15
N ASP B 298 -16.77 5.58 6.82
CA ASP B 298 -15.34 5.27 6.75
C ASP B 298 -14.55 5.90 7.92
N GLN B 299 -15.11 5.79 9.14
CA GLN B 299 -14.51 6.29 10.40
C GLN B 299 -13.20 5.53 10.65
N HIS B 300 -12.09 6.26 10.81
CA HIS B 300 -10.75 5.67 10.99
C HIS B 300 -10.38 5.41 12.46
N PHE B 301 -11.38 5.40 13.35
CA PHE B 301 -11.26 5.12 14.78
C PHE B 301 -12.55 4.49 15.30
N LYS B 302 -12.46 3.75 16.40
CA LYS B 302 -13.61 3.12 17.02
C LYS B 302 -13.61 3.44 18.53
N PRO B 303 -14.62 4.20 19.03
CA PRO B 303 -14.64 4.50 20.47
C PRO B 303 -15.07 3.28 21.29
N TYR B 304 -14.54 3.18 22.51
CA TYR B 304 -14.82 2.08 23.43
C TYR B 304 -14.81 2.55 24.86
N LEU B 305 -15.64 1.91 25.68
CA LEU B 305 -15.60 2.05 27.12
C LEU B 305 -14.58 0.95 27.45
N THR B 306 -13.57 1.23 28.31
CA THR B 306 -12.49 0.28 28.62
C THR B 306 -12.96 -1.18 28.88
N PRO B 307 -14.07 -1.50 29.63
CA PRO B 307 -14.45 -2.92 29.76
C PRO B 307 -14.91 -3.59 28.46
N ASP B 308 -15.34 -2.79 27.46
CA ASP B 308 -15.80 -3.28 26.15
C ASP B 308 -14.66 -3.56 25.15
N LEU B 309 -13.44 -3.07 25.45
CA LEU B 309 -12.25 -3.29 24.61
C LEU B 309 -11.91 -4.78 24.51
N PRO B 310 -11.29 -5.28 23.41
CA PRO B 310 -10.91 -6.71 23.34
C PRO B 310 -10.13 -7.15 24.58
N LYS B 311 -10.55 -8.28 25.18
CA LYS B 311 -9.99 -8.81 26.42
C LYS B 311 -8.52 -9.22 26.35
N ARG B 312 -8.00 -9.54 25.14
CA ARG B 312 -6.60 -9.90 24.93
C ARG B 312 -5.64 -8.73 25.24
N LEU B 313 -6.14 -7.48 25.13
CA LEU B 313 -5.36 -6.26 25.39
C LEU B 313 -5.06 -6.06 26.87
N HIS B 314 -5.99 -6.52 27.76
CA HIS B 314 -5.91 -6.38 29.23
C HIS B 314 -5.61 -4.93 29.61
N TYR B 315 -6.42 -3.98 29.08
CA TYR B 315 -6.22 -2.55 29.27
C TYR B 315 -7.49 -1.87 29.82
N ALA B 316 -7.75 -2.07 31.13
CA ALA B 316 -8.94 -1.52 31.81
C ALA B 316 -8.80 -1.40 33.33
N LYS B 317 -8.27 -2.44 34.01
CA LYS B 317 -8.18 -2.49 35.47
C LYS B 317 -7.05 -1.62 36.07
N ASN B 318 -7.24 -0.29 36.00
CA ASN B 318 -6.36 0.74 36.55
C ASN B 318 -7.06 2.08 36.43
N VAL B 319 -7.06 2.86 37.52
CA VAL B 319 -7.71 4.18 37.59
C VAL B 319 -7.05 5.19 36.61
N ARG B 320 -5.76 4.96 36.27
CA ARG B 320 -5.00 5.79 35.33
C ARG B 320 -5.49 5.58 33.88
N ILE B 321 -6.14 4.44 33.60
CA ILE B 321 -6.74 4.13 32.30
C ILE B 321 -8.15 4.75 32.31
N ASP B 322 -8.32 5.87 31.58
CA ASP B 322 -9.60 6.58 31.46
C ASP B 322 -10.60 5.71 30.72
N LYS B 323 -11.86 5.68 31.21
CA LYS B 323 -12.97 4.87 30.66
C LYS B 323 -13.17 5.05 29.15
N VAL B 324 -13.04 6.28 28.63
CA VAL B 324 -13.17 6.54 27.19
C VAL B 324 -11.83 6.21 26.51
N HIS B 325 -11.88 5.30 25.54
CA HIS B 325 -10.72 4.91 24.77
C HIS B 325 -11.05 4.86 23.27
N LEU B 326 -10.06 5.17 22.42
CA LEU B 326 -10.23 5.17 20.97
C LEU B 326 -9.25 4.20 20.33
N MET B 327 -9.75 3.27 19.50
CA MET B 327 -8.91 2.31 18.78
C MET B 327 -8.72 2.85 17.36
N VAL B 328 -7.56 3.46 17.11
CA VAL B 328 -7.24 4.08 15.83
C VAL B 328 -6.72 3.05 14.81
N ASP B 329 -7.21 3.14 13.57
CA ASP B 329 -6.83 2.25 12.46
C ASP B 329 -5.35 2.48 12.05
N ARG B 330 -4.77 1.49 11.33
CA ARG B 330 -3.39 1.49 10.83
C ARG B 330 -3.04 2.78 10.10
N GLN B 331 -1.86 3.36 10.41
CA GLN B 331 -1.28 4.57 9.82
C GLN B 331 -2.11 5.86 10.02
N TRP B 332 -3.13 5.82 10.92
CA TRP B 332 -4.00 6.98 11.20
C TRP B 332 -3.74 7.57 12.59
N LEU B 333 -4.18 8.81 12.81
CA LEU B 333 -4.01 9.52 14.10
C LEU B 333 -5.32 10.19 14.51
N ALA B 334 -5.51 10.40 15.82
CA ALA B 334 -6.70 11.08 16.34
C ALA B 334 -6.27 12.26 17.22
N TYR B 335 -6.55 13.48 16.72
CA TYR B 335 -6.21 14.73 17.41
C TYR B 335 -7.44 15.50 17.89
N ARG B 336 -7.23 16.41 18.86
CA ARG B 336 -8.26 17.27 19.47
C ARG B 336 -8.82 18.29 18.46
N ASN B 337 -7.93 18.98 17.71
CA ASN B 337 -8.30 19.99 16.71
C ASN B 337 -7.31 20.05 15.53
N LYS B 338 -7.64 20.85 14.50
CA LYS B 338 -6.84 21.05 13.29
C LYS B 338 -5.71 22.04 13.55
N ASN B 342 4.35 15.47 15.67
CA ASN B 342 3.42 15.99 14.66
C ASN B 342 2.72 14.83 13.90
N CYS B 343 2.40 15.03 12.60
CA CYS B 343 1.72 14.04 11.77
C CYS B 343 2.56 13.51 10.60
N GLU B 344 3.58 14.27 10.17
CA GLU B 344 4.43 13.86 9.04
C GLU B 344 5.75 13.23 9.50
N GLY B 345 5.79 11.90 9.42
CA GLY B 345 6.94 11.09 9.79
C GLY B 345 6.52 9.65 10.10
N GLY B 346 6.51 9.33 11.38
CA GLY B 346 6.12 8.01 11.87
C GLY B 346 5.90 7.97 13.36
N THR B 347 5.08 7.01 13.85
CA THR B 347 4.81 6.84 15.28
C THR B 347 4.39 5.38 15.62
N HIS B 348 4.17 5.14 16.92
CA HIS B 348 3.78 3.87 17.53
C HIS B 348 2.81 4.18 18.69
N GLY B 349 2.13 3.15 19.18
CA GLY B 349 1.15 3.27 20.25
C GLY B 349 -0.13 2.54 19.89
N TYR B 350 -0.23 2.14 18.60
CA TYR B 350 -1.33 1.41 17.98
C TYR B 350 -1.52 0.02 18.57
N ASN B 351 -2.52 -0.72 18.06
CA ASN B 351 -2.85 -2.10 18.40
C ASN B 351 -1.57 -2.96 18.26
N ASN B 352 -1.28 -3.78 19.28
CA ASN B 352 -0.10 -4.64 19.32
C ASN B 352 -0.13 -5.79 18.29
N GLU B 353 -1.33 -6.13 17.75
CA GLU B 353 -1.48 -7.17 16.73
C GLU B 353 -1.04 -6.67 15.35
N PHE B 354 -1.00 -5.33 15.16
CA PHE B 354 -0.57 -4.71 13.90
C PHE B 354 0.89 -5.08 13.62
N LYS B 355 1.15 -5.61 12.40
CA LYS B 355 2.46 -6.08 11.92
C LYS B 355 3.58 -5.07 12.14
N SER B 356 3.29 -3.78 11.92
CA SER B 356 4.23 -2.67 12.08
C SER B 356 4.63 -2.41 13.53
N MET B 357 3.79 -2.82 14.51
CA MET B 357 4.02 -2.64 15.94
C MET B 357 4.82 -3.79 16.58
N GLU B 358 5.11 -4.84 15.79
CA GLU B 358 5.86 -6.01 16.22
C GLU B 358 7.33 -5.68 16.44
N ALA B 359 7.87 -6.10 17.59
CA ALA B 359 9.25 -5.86 18.00
C ALA B 359 10.18 -7.03 17.70
N ILE B 360 11.51 -6.79 17.79
CA ILE B 360 12.53 -7.81 17.58
C ILE B 360 12.85 -8.53 18.89
N PHE B 361 13.36 -9.76 18.77
CA PHE B 361 13.82 -10.56 19.90
C PHE B 361 14.90 -11.50 19.39
N LEU B 362 16.11 -11.34 19.92
CA LEU B 362 17.28 -12.16 19.59
C LEU B 362 17.97 -12.53 20.89
N ALA B 363 18.51 -13.74 20.95
CA ALA B 363 19.20 -14.28 22.12
C ALA B 363 20.45 -15.03 21.74
N HIS B 364 21.52 -14.83 22.52
CA HIS B 364 22.82 -15.47 22.31
C HIS B 364 23.42 -15.83 23.66
N GLY B 365 24.04 -17.01 23.74
CA GLY B 365 24.66 -17.48 24.98
C GLY B 365 24.62 -18.98 25.18
N PRO B 366 25.27 -19.47 26.27
CA PRO B 366 25.29 -20.93 26.53
C PRO B 366 23.95 -21.55 26.90
N SER B 367 23.08 -20.79 27.59
CA SER B 367 21.76 -21.28 28.02
C SER B 367 20.77 -21.38 26.86
N PHE B 368 20.94 -20.55 25.80
CA PHE B 368 20.07 -20.52 24.64
C PHE B 368 20.46 -21.52 23.55
N LYS B 369 19.47 -21.97 22.76
CA LYS B 369 19.66 -22.91 21.64
C LYS B 369 20.32 -22.18 20.46
N GLU B 370 21.31 -22.83 19.82
CA GLU B 370 22.07 -22.28 18.70
C GLU B 370 21.29 -22.40 17.38
N LYS B 371 21.47 -21.39 16.49
CA LYS B 371 20.87 -21.31 15.14
C LYS B 371 19.39 -21.74 15.11
N THR B 372 18.57 -21.16 16.00
CA THR B 372 17.16 -21.53 16.13
C THR B 372 16.21 -20.36 15.85
N VAL B 373 15.20 -20.62 15.00
CA VAL B 373 14.15 -19.66 14.69
C VAL B 373 12.88 -20.14 15.39
N ILE B 374 12.44 -19.38 16.41
CA ILE B 374 11.25 -19.73 17.18
C ILE B 374 10.02 -18.92 16.71
N GLU B 375 8.83 -19.47 16.97
CA GLU B 375 7.56 -18.84 16.60
C GLU B 375 7.31 -17.59 17.49
N PRO B 376 6.55 -16.57 17.01
CA PRO B 376 6.30 -15.38 17.84
C PRO B 376 5.73 -15.62 19.23
N PHE B 377 6.13 -14.77 20.19
CA PHE B 377 5.70 -14.81 21.59
C PHE B 377 5.54 -13.39 22.14
N GLU B 378 4.95 -13.25 23.34
CA GLU B 378 4.68 -11.95 23.96
C GLU B 378 5.71 -11.49 24.98
N ASN B 379 5.81 -10.15 25.14
CA ASN B 379 6.63 -9.36 26.07
C ASN B 379 6.57 -9.89 27.49
N ILE B 380 5.33 -10.22 27.91
CA ILE B 380 4.94 -10.64 29.26
C ILE B 380 5.64 -11.93 29.71
N GLU B 381 6.18 -12.70 28.75
CA GLU B 381 6.86 -13.98 28.99
C GLU B 381 8.36 -13.84 29.30
N VAL B 382 8.97 -12.70 28.91
CA VAL B 382 10.40 -12.40 29.08
C VAL B 382 10.86 -12.46 30.56
N TYR B 383 10.05 -11.91 31.49
CA TYR B 383 10.36 -11.87 32.93
C TYR B 383 10.70 -13.24 33.52
N ASN B 384 9.85 -14.25 33.28
CA ASN B 384 10.05 -15.62 33.75
C ASN B 384 11.33 -16.23 33.19
N LEU B 385 11.62 -15.96 31.89
CA LEU B 385 12.84 -16.42 31.20
C LEU B 385 14.08 -15.80 31.87
N LEU B 386 14.03 -14.49 32.20
CA LEU B 386 15.13 -13.77 32.88
C LEU B 386 15.43 -14.39 34.25
N CYS B 387 14.37 -14.83 34.97
CA CYS B 387 14.47 -15.49 36.27
C CYS B 387 15.12 -16.87 36.13
N ASP B 388 14.78 -17.59 35.05
CA ASP B 388 15.32 -18.92 34.74
C ASP B 388 16.82 -18.86 34.40
N LEU B 389 17.24 -17.81 33.66
CA LEU B 389 18.63 -17.59 33.27
C LEU B 389 19.46 -17.20 34.49
N LEU B 390 18.86 -16.41 35.41
CA LEU B 390 19.50 -15.96 36.66
C LEU B 390 19.38 -16.99 37.80
N HIS B 391 18.64 -18.10 37.56
CA HIS B 391 18.40 -19.20 38.52
C HIS B 391 17.71 -18.71 39.81
N ILE B 392 16.72 -17.80 39.64
CA ILE B 392 15.94 -17.19 40.73
C ILE B 392 14.42 -17.46 40.56
N GLN B 393 13.66 -17.31 41.66
CA GLN B 393 12.21 -17.52 41.69
C GLN B 393 11.46 -16.25 41.24
N PRO B 394 10.54 -16.34 40.25
CA PRO B 394 9.82 -15.14 39.81
C PRO B 394 8.70 -14.67 40.74
N ALA B 395 8.50 -13.35 40.81
CA ALA B 395 7.42 -12.73 41.60
C ALA B 395 6.10 -12.93 40.80
N PRO B 396 4.90 -12.92 41.44
CA PRO B 396 3.66 -13.13 40.65
C PRO B 396 3.53 -12.20 39.44
N ASN B 397 3.40 -12.81 38.24
CA ASN B 397 3.31 -12.10 36.97
C ASN B 397 2.26 -12.74 36.04
N ASN B 398 2.10 -12.18 34.81
CA ASN B 398 1.10 -12.64 33.84
C ASN B 398 1.67 -13.57 32.75
N GLY B 399 2.95 -13.89 32.85
CA GLY B 399 3.61 -14.81 31.93
C GLY B 399 3.39 -16.24 32.36
N SER B 400 3.19 -17.15 31.39
CA SER B 400 2.99 -18.56 31.67
C SER B 400 4.36 -19.23 31.80
N HIS B 401 4.78 -19.48 33.04
CA HIS B 401 6.08 -20.07 33.38
C HIS B 401 6.26 -21.47 32.79
N GLY B 402 7.14 -21.55 31.80
CA GLY B 402 7.44 -22.79 31.09
C GLY B 402 7.16 -22.74 29.60
N SER B 403 6.42 -21.71 29.14
CA SER B 403 6.07 -21.52 27.73
C SER B 403 7.28 -21.17 26.87
N LEU B 404 8.34 -20.62 27.50
CA LEU B 404 9.58 -20.20 26.86
C LEU B 404 10.75 -21.19 27.06
N ASN B 405 10.44 -22.43 27.52
CA ASN B 405 11.43 -23.49 27.75
C ASN B 405 12.06 -24.02 26.46
N HIS B 406 11.36 -23.86 25.32
CA HIS B 406 11.83 -24.30 24.00
C HIS B 406 12.97 -23.40 23.44
N LEU B 407 13.30 -22.31 24.17
CA LEU B 407 14.36 -21.36 23.85
C LEU B 407 15.66 -21.78 24.54
N LEU B 408 15.53 -22.47 25.70
CA LEU B 408 16.64 -22.92 26.54
C LEU B 408 17.11 -24.34 26.23
N LYS B 409 18.44 -24.57 26.34
CA LYS B 409 19.06 -25.88 26.13
C LYS B 409 18.70 -26.81 27.29
N ALA B 410 18.77 -26.28 28.52
CA ALA B 410 18.44 -26.98 29.76
C ALA B 410 17.48 -26.10 30.58
N PRO B 411 16.14 -26.34 30.49
CA PRO B 411 15.19 -25.48 31.23
C PRO B 411 15.30 -25.58 32.75
N PHE B 412 15.32 -24.42 33.42
CA PHE B 412 15.44 -24.30 34.87
C PHE B 412 14.14 -24.68 35.59
N TYR B 413 12.99 -24.31 35.00
CA TYR B 413 11.67 -24.60 35.56
C TYR B 413 10.91 -25.61 34.70
N GLN B 414 10.35 -26.63 35.36
CA GLN B 414 9.55 -27.68 34.71
C GLN B 414 8.07 -27.44 35.07
N PRO B 415 7.24 -26.99 34.10
CA PRO B 415 5.83 -26.72 34.43
C PRO B 415 4.99 -27.98 34.64
N SER B 416 3.89 -27.84 35.39
CA SER B 416 2.96 -28.91 35.71
C SER B 416 1.52 -28.45 35.49
N HIS B 417 0.61 -29.41 35.25
CA HIS B 417 -0.83 -29.15 35.05
C HIS B 417 -1.46 -28.55 36.30
N ALA B 418 -2.41 -27.61 36.11
CA ALA B 418 -3.12 -26.96 37.21
C ALA B 418 -4.09 -27.96 37.86
N GLU B 419 -3.97 -28.13 39.18
CA GLU B 419 -4.80 -29.07 39.95
C GLU B 419 -6.23 -28.60 40.07
N GLU B 420 -7.18 -29.51 39.79
CA GLU B 420 -8.63 -29.27 39.87
C GLU B 420 -9.03 -29.09 41.34
N LEU B 421 -9.73 -27.98 41.64
CA LEU B 421 -10.16 -27.65 43.01
C LEU B 421 -11.58 -28.11 43.34
N SER B 422 -12.37 -28.46 42.31
CA SER B 422 -13.74 -28.96 42.47
C SER B 422 -13.99 -30.14 41.53
N LYS B 423 -14.44 -31.26 42.10
CA LYS B 423 -14.75 -32.48 41.35
C LYS B 423 -16.22 -32.57 40.97
N SER B 424 -16.51 -33.25 39.85
CA SER B 424 -17.87 -33.46 39.34
C SER B 424 -18.66 -34.38 40.28
N ALA B 425 -19.90 -34.00 40.61
CA ALA B 425 -20.78 -34.77 41.51
C ALA B 425 -22.25 -34.61 41.14
N GLY B 426 -22.99 -35.71 41.23
CA GLY B 426 -24.43 -35.76 40.95
C GLY B 426 -24.80 -35.75 39.48
N CYS B 427 -26.06 -35.35 39.20
CA CYS B 427 -26.70 -35.25 37.88
C CYS B 427 -26.77 -36.59 37.13
N GLY B 428 -26.89 -37.67 37.88
CA GLY B 428 -27.02 -39.02 37.34
C GLY B 428 -28.44 -39.29 36.89
N PHE B 429 -28.60 -40.11 35.84
CA PHE B 429 -29.91 -40.48 35.32
C PHE B 429 -30.62 -41.43 36.28
N THR B 430 -31.87 -41.10 36.65
CA THR B 430 -32.68 -41.92 37.56
C THR B 430 -34.00 -42.32 36.90
N THR B 431 -34.83 -41.33 36.51
CA THR B 431 -36.14 -41.52 35.88
C THR B 431 -36.26 -40.69 34.58
N PRO B 432 -36.93 -41.21 33.52
CA PRO B 432 -37.08 -40.39 32.29
C PRO B 432 -38.24 -39.39 32.35
N LEU B 433 -39.04 -39.41 33.42
CA LEU B 433 -40.15 -38.49 33.61
C LEU B 433 -39.71 -37.32 34.51
N PRO B 434 -39.91 -36.04 34.09
CA PRO B 434 -39.48 -34.92 34.93
C PRO B 434 -40.42 -34.64 36.11
N LYS B 435 -39.85 -34.27 37.26
CA LYS B 435 -40.60 -33.96 38.48
C LYS B 435 -41.27 -32.58 38.34
N ASP B 436 -40.61 -31.66 37.62
CA ASP B 436 -41.09 -30.30 37.37
C ASP B 436 -40.91 -29.96 35.88
N SER B 437 -41.98 -29.48 35.24
CA SER B 437 -41.98 -29.07 33.83
C SER B 437 -41.15 -27.80 33.60
N LEU B 438 -40.98 -26.99 34.68
CA LEU B 438 -40.24 -25.72 34.74
C LEU B 438 -40.82 -24.66 33.78
N ASN B 439 -42.15 -24.74 33.53
CA ASN B 439 -42.95 -23.87 32.65
C ASN B 439 -42.42 -23.86 31.20
N CYS B 440 -41.86 -25.02 30.76
CA CYS B 440 -41.31 -25.25 29.42
C CYS B 440 -42.26 -26.14 28.63
N SER B 441 -42.49 -25.79 27.34
CA SER B 441 -43.41 -26.54 26.50
C SER B 441 -42.83 -26.97 25.15
N CYS B 442 -43.13 -28.21 24.77
CA CYS B 442 -42.78 -28.83 23.49
C CYS B 442 -43.98 -29.65 23.06
N LEU B 443 -44.87 -29.03 22.26
CA LEU B 443 -46.10 -29.65 21.75
C LEU B 443 -45.85 -30.75 20.72
N ALA B 444 -44.59 -30.85 20.22
CA ALA B 444 -44.13 -31.87 19.26
C ALA B 444 -44.18 -33.25 19.92
N LEU B 445 -43.99 -33.30 21.25
CA LEU B 445 -44.04 -34.52 22.06
C LEU B 445 -45.47 -34.67 22.59
N GLN B 446 -46.15 -35.78 22.24
CA GLN B 446 -47.54 -36.13 22.59
C GLN B 446 -48.54 -35.14 22.00
N GLU B 451 -44.04 -38.52 22.68
CA GLU B 451 -43.71 -39.14 23.97
C GLU B 451 -42.31 -38.72 24.46
N GLU B 452 -42.16 -38.55 25.78
CA GLU B 452 -40.90 -38.19 26.42
C GLU B 452 -39.91 -39.39 26.50
N GLN B 453 -39.84 -40.15 25.38
CA GLN B 453 -38.94 -41.30 25.19
C GLN B 453 -37.57 -40.78 24.73
N VAL B 454 -37.52 -39.48 24.32
CA VAL B 454 -36.31 -38.76 23.93
C VAL B 454 -35.44 -38.51 25.17
N ASN B 455 -36.07 -38.57 26.37
CA ASN B 455 -35.40 -38.43 27.66
C ASN B 455 -34.54 -39.66 27.95
N GLN B 456 -34.87 -40.81 27.35
CA GLN B 456 -34.12 -42.06 27.51
C GLN B 456 -32.79 -42.02 26.73
N ARG B 457 -32.66 -41.09 25.75
CA ARG B 457 -31.44 -40.87 24.97
C ARG B 457 -30.36 -40.25 25.88
N LEU B 458 -30.80 -39.57 26.95
CA LEU B 458 -29.96 -38.93 27.97
C LEU B 458 -29.36 -39.99 28.91
N ASN B 459 -29.96 -41.19 28.95
CA ASN B 459 -29.49 -42.33 29.75
C ASN B 459 -28.47 -43.10 28.92
N LEU B 460 -27.18 -42.84 29.17
CA LEU B 460 -26.07 -43.47 28.45
C LEU B 460 -25.37 -44.52 29.30
N ASN B 461 -25.05 -45.67 28.70
CA ASN B 461 -24.33 -46.75 29.38
C ASN B 461 -22.83 -46.44 29.38
N ARG B 462 -22.02 -47.22 30.14
CA ARG B 462 -20.57 -47.04 30.27
C ARG B 462 -19.84 -46.93 28.92
N GLY B 463 -20.25 -47.76 27.96
CA GLY B 463 -19.71 -47.76 26.60
C GLY B 463 -20.08 -46.52 25.81
N GLU B 464 -21.35 -46.07 25.98
CA GLU B 464 -21.90 -44.87 25.32
C GLU B 464 -21.24 -43.59 25.84
N VAL B 465 -20.95 -43.53 27.16
CA VAL B 465 -20.28 -42.41 27.82
C VAL B 465 -18.84 -42.34 27.28
N SER B 466 -18.13 -43.49 27.28
CA SER B 466 -16.76 -43.64 26.76
C SER B 466 -16.66 -43.23 25.29
N ALA B 467 -17.71 -43.50 24.48
CA ALA B 467 -17.80 -43.16 23.06
C ALA B 467 -17.88 -41.63 22.86
N THR B 468 -18.71 -40.93 23.66
CA THR B 468 -18.85 -39.48 23.57
C THR B 468 -17.64 -38.77 24.24
N GLU B 469 -16.96 -39.45 25.19
CA GLU B 469 -15.75 -38.93 25.85
C GLU B 469 -14.59 -38.93 24.87
N LYS B 470 -14.53 -39.93 23.97
CA LYS B 470 -13.46 -40.05 22.96
C LYS B 470 -13.64 -39.03 21.83
N THR B 471 -14.87 -38.91 21.30
CA THR B 471 -15.20 -38.01 20.20
C THR B 471 -15.25 -36.53 20.61
N ASN B 472 -16.10 -36.20 21.60
CA ASN B 472 -16.33 -34.81 22.02
C ASN B 472 -15.35 -34.26 23.07
N LEU B 473 -14.59 -35.14 23.76
CA LEU B 473 -13.55 -34.69 24.71
C LEU B 473 -12.19 -35.35 24.34
N PRO B 474 -11.60 -35.08 23.15
CA PRO B 474 -10.34 -35.77 22.80
C PRO B 474 -9.12 -35.34 23.60
N PHE B 475 -9.14 -34.13 24.16
CA PHE B 475 -8.05 -33.57 24.96
C PHE B 475 -8.40 -33.59 26.45
N GLY B 476 -9.51 -34.26 26.78
CA GLY B 476 -10.04 -34.37 28.12
C GLY B 476 -10.96 -33.23 28.49
N ARG B 477 -11.70 -33.40 29.59
CA ARG B 477 -12.64 -32.39 30.10
C ARG B 477 -11.91 -31.18 30.67
N PRO B 478 -12.41 -29.93 30.46
CA PRO B 478 -11.76 -28.76 31.06
C PRO B 478 -11.86 -28.86 32.59
N ARG B 479 -10.71 -28.79 33.28
CA ARG B 479 -10.66 -28.92 34.74
C ARG B 479 -11.12 -27.64 35.42
N VAL B 480 -11.83 -27.77 36.55
CA VAL B 480 -12.36 -26.63 37.31
C VAL B 480 -11.34 -26.17 38.36
N ILE B 481 -10.67 -25.04 38.07
CA ILE B 481 -9.67 -24.43 38.96
C ILE B 481 -10.39 -23.36 39.82
N GLN B 482 -11.43 -23.81 40.54
CA GLN B 482 -12.27 -23.02 41.42
C GLN B 482 -12.66 -23.88 42.61
N LYS B 483 -12.49 -23.34 43.83
CA LYS B 483 -12.87 -24.06 45.05
C LYS B 483 -14.34 -23.82 45.37
N ASN B 484 -15.03 -24.87 45.88
CA ASN B 484 -16.45 -24.89 46.25
C ASN B 484 -17.39 -24.56 45.05
N LYS B 485 -17.01 -25.03 43.85
CA LYS B 485 -17.80 -24.85 42.63
C LYS B 485 -18.65 -26.10 42.41
N ASP B 486 -19.91 -26.09 42.90
CA ASP B 486 -20.84 -27.21 42.78
C ASP B 486 -21.24 -27.37 41.31
N HIS B 487 -20.72 -28.44 40.69
CA HIS B 487 -20.95 -28.73 39.27
C HIS B 487 -21.07 -30.23 38.98
N CYS B 488 -21.56 -30.55 37.77
CA CYS B 488 -21.74 -31.92 37.28
C CYS B 488 -21.54 -32.00 35.77
N LEU B 489 -21.12 -33.16 35.27
CA LEU B 489 -20.94 -33.39 33.84
C LEU B 489 -22.15 -34.07 33.24
N LEU B 490 -22.66 -33.51 32.12
CA LEU B 490 -23.82 -34.04 31.41
C LEU B 490 -23.38 -34.64 30.08
N TYR B 491 -23.65 -35.93 29.89
CA TYR B 491 -23.26 -36.68 28.69
C TYR B 491 -24.41 -36.86 27.72
N HIS B 492 -24.15 -36.57 26.44
CA HIS B 492 -25.08 -36.71 25.31
C HIS B 492 -24.26 -37.30 24.17
N ARG B 493 -24.93 -37.95 23.20
CA ARG B 493 -24.27 -38.60 22.06
C ARG B 493 -23.49 -37.64 21.15
N GLU B 494 -23.92 -36.36 21.06
CA GLU B 494 -23.28 -35.36 20.20
C GLU B 494 -22.43 -34.31 20.93
N TYR B 495 -22.63 -34.15 22.26
CA TYR B 495 -21.90 -33.17 23.07
C TYR B 495 -21.81 -33.52 24.56
N VAL B 496 -20.79 -32.98 25.25
CA VAL B 496 -20.56 -33.15 26.69
C VAL B 496 -20.46 -31.76 27.30
N SER B 497 -21.14 -31.52 28.43
CA SER B 497 -21.12 -30.22 29.09
C SER B 497 -20.85 -30.31 30.60
N GLY B 498 -20.28 -29.25 31.15
CA GLY B 498 -19.99 -29.12 32.57
C GLY B 498 -20.95 -28.10 33.17
N PHE B 499 -22.07 -28.58 33.70
CA PHE B 499 -23.14 -27.77 34.26
C PHE B 499 -22.84 -27.19 35.64
N GLY B 500 -22.94 -25.87 35.75
CA GLY B 500 -22.77 -25.13 37.01
C GLY B 500 -24.10 -25.02 37.71
N LYS B 501 -24.23 -25.69 38.87
CA LYS B 501 -25.47 -25.77 39.67
C LYS B 501 -25.95 -24.43 40.25
N ALA B 502 -25.04 -23.65 40.86
CA ALA B 502 -25.36 -22.36 41.48
C ALA B 502 -25.87 -21.29 40.50
N MET B 503 -25.30 -21.24 39.28
CA MET B 503 -25.69 -20.29 38.25
C MET B 503 -26.79 -20.83 37.31
N LYS B 504 -27.16 -22.11 37.49
CA LYS B 504 -28.20 -22.86 36.75
C LYS B 504 -27.91 -22.98 35.23
N MET B 505 -26.64 -22.81 34.82
CA MET B 505 -26.22 -22.92 33.42
C MET B 505 -24.87 -23.65 33.28
N PRO B 506 -24.49 -24.16 32.07
CA PRO B 506 -23.18 -24.83 31.98
C PRO B 506 -22.01 -23.86 31.92
N MET B 507 -20.88 -24.23 32.55
CA MET B 507 -19.64 -23.47 32.57
C MET B 507 -18.95 -23.62 31.21
N TRP B 508 -19.09 -24.82 30.62
CA TRP B 508 -18.52 -25.20 29.33
C TRP B 508 -19.37 -26.25 28.61
N SER B 509 -19.25 -26.31 27.27
CA SER B 509 -19.92 -27.26 26.40
C SER B 509 -18.93 -27.65 25.30
N SER B 510 -18.50 -28.92 25.30
CA SER B 510 -17.54 -29.48 24.35
C SER B 510 -18.19 -30.41 23.34
N TYR B 511 -17.83 -30.26 22.05
CA TYR B 511 -18.35 -31.04 20.93
C TYR B 511 -17.46 -30.95 19.70
N THR B 512 -17.20 -32.10 19.05
CA THR B 512 -16.39 -32.14 17.84
C THR B 512 -17.29 -32.22 16.61
N VAL B 513 -17.34 -31.15 15.82
CA VAL B 513 -18.13 -31.06 14.60
C VAL B 513 -17.33 -31.78 13.50
N PRO B 514 -17.85 -32.87 12.89
CA PRO B 514 -17.08 -33.55 11.82
C PRO B 514 -17.07 -32.72 10.53
N LYS B 515 -16.17 -33.06 9.57
CA LYS B 515 -16.07 -32.36 8.29
C LYS B 515 -17.40 -32.40 7.52
N PRO B 516 -18.04 -31.22 7.27
CA PRO B 516 -19.33 -31.21 6.56
C PRO B 516 -19.21 -31.58 5.08
N GLY B 517 -20.22 -32.27 4.60
CA GLY B 517 -20.30 -32.71 3.21
C GLY B 517 -20.90 -31.66 2.31
N ASP B 518 -22.21 -31.42 2.48
CA ASP B 518 -22.97 -30.43 1.71
C ASP B 518 -23.49 -29.30 2.59
N THR B 519 -23.00 -28.07 2.34
CA THR B 519 -23.38 -26.85 3.07
C THR B 519 -24.83 -26.45 2.71
N SER B 520 -25.27 -26.79 1.49
CA SER B 520 -26.60 -26.51 0.99
C SER B 520 -27.65 -27.35 1.71
N SER B 521 -28.79 -26.72 2.06
CA SER B 521 -29.95 -27.29 2.75
C SER B 521 -29.60 -27.99 4.09
N LEU B 522 -28.88 -27.26 4.99
CA LEU B 522 -28.53 -27.76 6.32
C LEU B 522 -29.79 -27.73 7.22
N PRO B 523 -30.05 -28.77 8.04
CA PRO B 523 -31.29 -28.76 8.85
C PRO B 523 -31.41 -27.62 9.85
N PRO B 524 -32.59 -26.96 9.97
CA PRO B 524 -32.71 -25.87 10.95
C PRO B 524 -33.02 -26.37 12.35
N THR B 525 -32.97 -25.45 13.35
CA THR B 525 -33.26 -25.77 14.75
C THR B 525 -34.77 -25.97 14.93
N VAL B 526 -35.17 -27.01 15.70
CA VAL B 526 -36.57 -27.34 15.99
C VAL B 526 -37.21 -26.17 16.78
N PRO B 527 -38.24 -25.49 16.21
CA PRO B 527 -38.82 -24.34 16.92
C PRO B 527 -39.88 -24.69 17.95
N ASP B 528 -40.05 -23.80 18.96
CA ASP B 528 -41.02 -23.86 20.05
C ASP B 528 -40.99 -25.19 20.85
N CYS B 529 -39.81 -25.82 20.94
CA CYS B 529 -39.62 -27.06 21.69
C CYS B 529 -38.55 -26.89 22.78
N LEU B 530 -38.98 -26.96 24.03
CA LEU B 530 -38.12 -26.83 25.21
C LEU B 530 -38.69 -27.68 26.35
N ARG B 531 -37.83 -28.50 26.97
CA ARG B 531 -38.23 -29.37 28.08
C ARG B 531 -37.21 -29.35 29.22
N ALA B 532 -37.56 -29.96 30.36
CA ALA B 532 -36.70 -30.03 31.54
C ALA B 532 -35.73 -31.20 31.44
N ASP B 533 -34.50 -31.01 31.95
CA ASP B 533 -33.48 -32.07 31.96
C ASP B 533 -33.73 -32.87 33.24
N VAL B 534 -34.13 -34.14 33.08
CA VAL B 534 -34.45 -35.09 34.15
C VAL B 534 -33.26 -35.36 35.10
N ARG B 535 -32.02 -35.23 34.60
CA ARG B 535 -30.79 -35.45 35.34
C ARG B 535 -30.51 -34.36 36.37
N VAL B 536 -30.78 -33.09 36.04
CA VAL B 536 -30.51 -31.97 36.94
C VAL B 536 -31.78 -31.57 37.72
N ASP B 537 -31.61 -31.38 39.05
CA ASP B 537 -32.62 -31.02 40.05
C ASP B 537 -33.36 -29.73 39.65
N PRO B 538 -34.71 -29.63 39.86
CA PRO B 538 -35.43 -28.40 39.47
C PRO B 538 -34.93 -27.11 40.11
N SER B 539 -34.45 -27.17 41.37
CA SER B 539 -33.92 -26.03 42.12
C SER B 539 -32.59 -25.52 41.55
N GLU B 540 -31.86 -26.39 40.84
CA GLU B 540 -30.56 -26.09 40.21
C GLU B 540 -30.73 -25.87 38.69
N SER B 541 -31.98 -25.92 38.20
CA SER B 541 -32.32 -25.77 36.78
C SER B 541 -33.00 -24.43 36.45
N GLN B 542 -32.85 -23.98 35.19
CA GLN B 542 -33.47 -22.76 34.67
C GLN B 542 -34.89 -23.03 34.23
N LYS B 543 -35.78 -22.03 34.40
CA LYS B 543 -37.18 -22.12 34.00
C LYS B 543 -37.40 -21.30 32.73
N CYS B 544 -38.33 -21.73 31.85
CA CYS B 544 -38.65 -21.01 30.62
C CYS B 544 -39.40 -19.70 30.93
N SER B 545 -40.11 -19.66 32.08
CA SER B 545 -40.87 -18.52 32.58
C SER B 545 -39.96 -17.36 33.03
N PHE B 546 -38.67 -17.66 33.32
CA PHE B 546 -37.65 -16.68 33.75
C PHE B 546 -37.38 -15.64 32.65
N TYR B 547 -37.51 -16.04 31.38
CA TYR B 547 -37.23 -15.18 30.22
C TYR B 547 -38.44 -14.40 29.70
N LEU B 548 -39.65 -14.72 30.19
CA LEU B 548 -40.88 -14.02 29.79
C LEU B 548 -40.93 -12.60 30.40
N ALA B 549 -40.54 -12.47 31.68
CA ALA B 549 -40.53 -11.21 32.42
C ALA B 549 -39.50 -10.19 31.90
N ASP B 550 -38.27 -10.64 31.59
CA ASP B 550 -37.21 -9.79 31.08
C ASP B 550 -37.46 -9.48 29.60
N GLN B 551 -37.38 -8.19 29.23
CA GLN B 551 -37.61 -7.72 27.86
C GLN B 551 -36.35 -7.59 27.01
N ASN B 552 -35.19 -7.32 27.65
CA ASN B 552 -33.91 -7.15 26.96
C ASN B 552 -33.25 -8.48 26.56
N ILE B 553 -33.20 -9.46 27.50
CA ILE B 553 -32.63 -10.79 27.23
C ILE B 553 -33.69 -11.84 26.96
N ASP B 554 -33.26 -12.93 26.31
CA ASP B 554 -34.04 -14.12 25.98
C ASP B 554 -33.11 -15.33 26.11
N HIS B 555 -33.65 -16.55 26.12
CA HIS B 555 -32.83 -17.76 26.23
C HIS B 555 -32.13 -18.07 24.90
N GLY B 556 -30.94 -18.63 25.01
CA GLY B 556 -30.12 -19.05 23.87
C GLY B 556 -29.50 -20.41 24.12
N PHE B 557 -29.11 -21.10 23.05
CA PHE B 557 -28.48 -22.42 23.17
C PHE B 557 -26.97 -22.29 23.12
N LEU B 558 -26.27 -22.91 24.09
CA LEU B 558 -24.81 -22.90 24.14
C LEU B 558 -24.28 -23.81 23.04
N TYR B 559 -24.81 -25.05 22.99
CA TYR B 559 -24.51 -26.02 21.93
C TYR B 559 -25.63 -25.88 20.89
N PRO B 560 -25.33 -25.69 19.58
CA PRO B 560 -26.41 -25.60 18.59
C PRO B 560 -27.06 -26.96 18.33
N PRO B 561 -28.39 -27.11 18.55
CA PRO B 561 -29.03 -28.44 18.39
C PRO B 561 -28.95 -29.08 17.00
N ALA B 562 -29.03 -28.28 15.94
CA ALA B 562 -29.05 -28.73 14.55
C ALA B 562 -27.67 -28.93 13.87
N ILE B 563 -26.56 -28.79 14.62
CA ILE B 563 -25.21 -28.94 14.05
C ILE B 563 -24.82 -30.42 13.82
N LYS B 564 -25.25 -31.34 14.69
CA LYS B 564 -24.90 -32.76 14.60
C LYS B 564 -26.12 -33.68 14.67
N GLY B 565 -26.03 -34.80 13.93
CA GLY B 565 -27.05 -35.84 13.88
C GLY B 565 -28.34 -35.49 13.17
N ASN B 566 -29.35 -36.34 13.34
CA ASN B 566 -30.67 -36.23 12.74
C ASN B 566 -31.64 -35.39 13.60
N ASN B 567 -32.96 -35.55 13.38
CA ASN B 567 -34.02 -34.84 14.09
C ASN B 567 -34.05 -35.19 15.60
N GLU B 568 -33.78 -36.47 15.94
CA GLU B 568 -33.76 -37.00 17.30
C GLU B 568 -32.61 -36.46 18.12
N SER B 569 -31.45 -36.22 17.47
CA SER B 569 -30.24 -35.68 18.10
C SER B 569 -30.47 -34.27 18.66
N GLN B 570 -31.29 -33.46 17.96
CA GLN B 570 -31.65 -32.09 18.33
C GLN B 570 -32.33 -32.01 19.69
N TYR B 571 -33.18 -33.02 20.03
CA TYR B 571 -33.92 -33.10 21.29
C TYR B 571 -33.03 -33.17 22.52
N ASP B 572 -31.82 -33.78 22.38
CA ASP B 572 -30.81 -33.88 23.44
C ASP B 572 -30.24 -32.50 23.82
N ALA B 573 -30.44 -31.49 22.96
CA ALA B 573 -29.98 -30.12 23.16
C ALA B 573 -31.14 -29.13 23.42
N LEU B 574 -32.39 -29.57 23.22
CA LEU B 574 -33.58 -28.74 23.45
C LEU B 574 -34.06 -28.91 24.91
N ILE B 575 -33.10 -28.82 25.85
CA ILE B 575 -33.31 -28.96 27.29
C ILE B 575 -32.84 -27.71 28.07
N THR B 576 -33.35 -27.53 29.31
CA THR B 576 -33.06 -26.41 30.22
C THR B 576 -31.58 -26.26 30.57
N SER B 577 -30.84 -27.38 30.59
CA SER B 577 -29.40 -27.40 30.91
C SER B 577 -28.50 -26.86 29.79
N ASN B 578 -29.04 -26.70 28.57
CA ASN B 578 -28.32 -26.17 27.40
C ASN B 578 -28.71 -24.69 27.16
N LEU B 579 -29.47 -24.10 28.11
CA LEU B 579 -29.93 -22.72 28.06
C LEU B 579 -28.99 -21.75 28.74
N VAL B 580 -28.69 -20.63 28.05
CA VAL B 580 -27.82 -19.54 28.52
C VAL B 580 -28.50 -18.17 28.29
N PRO B 581 -28.38 -17.18 29.21
CA PRO B 581 -29.05 -15.88 29.00
C PRO B 581 -28.40 -15.06 27.88
N MET B 582 -29.18 -14.68 26.85
CA MET B 582 -28.66 -13.94 25.71
C MET B 582 -29.48 -12.73 25.28
N TYR B 583 -28.78 -11.61 24.98
CA TYR B 583 -29.42 -10.40 24.48
C TYR B 583 -29.87 -10.67 23.06
N LYS B 584 -31.07 -10.19 22.69
CA LYS B 584 -31.69 -10.38 21.36
C LYS B 584 -30.74 -10.03 20.22
N GLU B 585 -29.97 -8.93 20.37
CA GLU B 585 -28.99 -8.48 19.38
C GLU B 585 -27.75 -9.37 19.35
N PHE B 586 -27.30 -9.88 20.52
CA PHE B 586 -26.15 -10.77 20.62
C PHE B 586 -26.47 -12.13 20.00
N LYS B 587 -27.72 -12.60 20.17
CA LYS B 587 -28.22 -13.88 19.63
C LYS B 587 -28.08 -13.93 18.11
N LYS B 588 -28.22 -12.77 17.43
CA LYS B 588 -28.07 -12.62 15.97
C LYS B 588 -26.64 -13.01 15.54
N MET B 589 -25.62 -12.57 16.30
CA MET B 589 -24.20 -12.87 16.06
C MET B 589 -23.91 -14.34 16.35
N TRP B 590 -24.36 -14.82 17.53
CA TRP B 590 -24.20 -16.18 18.03
C TRP B 590 -24.81 -17.21 17.06
N ASP B 591 -26.05 -16.96 16.60
CA ASP B 591 -26.74 -17.84 15.65
C ASP B 591 -26.07 -17.85 14.28
N TYR B 592 -25.61 -16.67 13.80
CA TYR B 592 -24.92 -16.58 12.50
C TYR B 592 -23.58 -17.33 12.52
N PHE B 593 -22.87 -17.27 13.67
CA PHE B 593 -21.59 -17.94 13.86
C PHE B 593 -21.73 -19.46 13.82
N HIS B 594 -22.69 -20.04 14.56
CA HIS B 594 -22.90 -21.49 14.63
C HIS B 594 -23.59 -22.08 13.41
N LYS B 595 -24.26 -21.26 12.58
CA LYS B 595 -24.96 -21.75 11.38
C LYS B 595 -24.15 -21.62 10.10
N VAL B 596 -23.37 -20.52 9.95
CA VAL B 596 -22.58 -20.25 8.74
C VAL B 596 -21.07 -20.38 8.98
N LEU B 597 -20.51 -19.52 9.85
CA LEU B 597 -19.08 -19.42 10.18
C LEU B 597 -18.43 -20.72 10.66
N LEU B 598 -19.03 -21.39 11.67
CA LEU B 598 -18.54 -22.62 12.27
C LEU B 598 -18.45 -23.78 11.28
N ILE B 599 -19.44 -23.90 10.37
CA ILE B 599 -19.46 -24.93 9.32
C ILE B 599 -18.31 -24.67 8.34
N LYS B 600 -18.10 -23.39 7.95
CA LYS B 600 -17.02 -22.95 7.07
C LYS B 600 -15.66 -23.29 7.69
N TYR B 601 -15.49 -23.05 9.01
CA TYR B 601 -14.27 -23.35 9.75
C TYR B 601 -14.02 -24.86 9.84
N ALA B 602 -15.10 -25.66 9.95
CA ALA B 602 -15.05 -27.12 10.03
C ALA B 602 -14.60 -27.76 8.70
N ILE B 603 -14.93 -27.11 7.56
CA ILE B 603 -14.55 -27.57 6.21
C ILE B 603 -13.03 -27.40 6.03
N GLU B 604 -12.50 -26.20 6.36
CA GLU B 604 -11.09 -25.82 6.24
C GLU B 604 -10.18 -26.63 7.18
N ARG B 605 -10.65 -26.91 8.40
CA ARG B 605 -9.90 -27.62 9.43
C ARG B 605 -10.08 -29.14 9.46
N ASN B 606 -10.95 -29.71 8.57
CA ASN B 606 -11.29 -31.14 8.49
C ASN B 606 -11.85 -31.58 9.87
N GLY B 607 -12.91 -30.90 10.27
CA GLY B 607 -13.55 -31.10 11.57
C GLY B 607 -12.98 -30.14 12.59
N VAL B 608 -13.80 -29.74 13.58
CA VAL B 608 -13.37 -28.80 14.61
C VAL B 608 -14.02 -29.09 15.98
N ASN B 609 -13.21 -29.14 17.04
CA ASN B 609 -13.70 -29.32 18.40
C ASN B 609 -14.00 -27.93 18.94
N VAL B 610 -15.23 -27.75 19.44
CA VAL B 610 -15.71 -26.48 19.96
C VAL B 610 -15.97 -26.59 21.45
N VAL B 611 -15.40 -25.65 22.23
CA VAL B 611 -15.62 -25.55 23.67
C VAL B 611 -16.14 -24.13 23.91
N SER B 612 -17.42 -24.02 24.25
CA SER B 612 -18.09 -22.74 24.48
C SER B 612 -18.61 -22.62 25.91
N GLY B 613 -18.87 -21.40 26.34
CA GLY B 613 -19.39 -21.14 27.67
C GLY B 613 -19.47 -19.68 28.06
N PRO B 614 -20.05 -19.38 29.24
CA PRO B 614 -20.18 -17.98 29.67
C PRO B 614 -18.98 -17.47 30.47
N ILE B 615 -18.77 -16.15 30.41
CA ILE B 615 -17.73 -15.44 31.14
C ILE B 615 -18.39 -14.37 31.99
N PHE B 616 -17.95 -14.25 33.25
CA PHE B 616 -18.43 -13.24 34.17
C PHE B 616 -17.24 -12.41 34.63
N ASP B 617 -17.17 -11.15 34.16
CA ASP B 617 -16.11 -10.22 34.51
C ASP B 617 -16.62 -8.77 34.62
N TYR B 618 -17.50 -8.54 35.60
CA TYR B 618 -18.12 -7.25 35.90
C TYR B 618 -17.13 -6.22 36.43
N ASN B 619 -16.09 -6.67 37.15
CA ASN B 619 -15.04 -5.81 37.69
C ASN B 619 -13.90 -5.61 36.69
N TYR B 620 -14.02 -6.21 35.48
CA TYR B 620 -13.09 -6.17 34.33
C TYR B 620 -11.60 -6.31 34.73
N ASP B 621 -11.29 -7.29 35.60
CA ASP B 621 -9.92 -7.54 36.08
C ASP B 621 -9.22 -8.69 35.31
N GLY B 622 -9.92 -9.27 34.33
CA GLY B 622 -9.43 -10.36 33.50
C GLY B 622 -9.57 -11.73 34.12
N HIS B 623 -10.16 -11.79 35.33
CA HIS B 623 -10.38 -13.02 36.09
C HIS B 623 -11.87 -13.31 36.23
N PHE B 624 -12.21 -14.59 36.42
CA PHE B 624 -13.59 -15.06 36.63
C PHE B 624 -14.15 -14.42 37.89
N ASP B 625 -15.41 -13.97 37.83
CA ASP B 625 -16.06 -13.32 38.97
C ASP B 625 -16.46 -14.30 40.05
N ALA B 626 -16.45 -13.82 41.29
CA ALA B 626 -16.93 -14.53 42.47
C ALA B 626 -18.45 -14.25 42.47
N PRO B 627 -19.33 -15.09 43.08
CA PRO B 627 -20.78 -14.81 43.04
C PRO B 627 -21.20 -13.39 43.45
N ASP B 628 -20.51 -12.79 44.44
CA ASP B 628 -20.76 -11.44 44.94
C ASP B 628 -20.30 -10.31 43.99
N GLU B 629 -19.47 -10.65 42.98
CA GLU B 629 -18.95 -9.69 42.00
C GLU B 629 -19.89 -9.45 40.80
N ILE B 630 -20.87 -10.35 40.59
CA ILE B 630 -21.86 -10.26 39.51
C ILE B 630 -22.90 -9.18 39.88
N THR B 631 -23.09 -8.17 39.00
CA THR B 631 -23.99 -7.05 39.25
C THR B 631 -25.27 -7.05 38.39
N ASN B 632 -25.38 -8.00 37.42
CA ASN B 632 -26.56 -8.11 36.56
C ASN B 632 -27.09 -9.53 36.47
N TYR B 633 -28.41 -9.68 36.63
CA TYR B 633 -29.12 -10.95 36.61
C TYR B 633 -30.35 -10.88 35.71
N VAL B 634 -30.90 -12.05 35.33
CA VAL B 634 -32.14 -12.17 34.55
C VAL B 634 -33.24 -11.67 35.48
N ALA B 635 -33.95 -10.59 35.07
CA ALA B 635 -34.99 -9.89 35.85
C ALA B 635 -35.80 -10.79 36.79
N GLY B 636 -35.70 -10.49 38.09
CA GLY B 636 -36.40 -11.20 39.16
C GLY B 636 -35.96 -12.63 39.41
N THR B 637 -34.72 -12.99 39.00
CA THR B 637 -34.15 -14.34 39.17
C THR B 637 -32.68 -14.24 39.63
N ASP B 638 -32.11 -15.37 40.10
CA ASP B 638 -30.70 -15.42 40.52
C ASP B 638 -29.78 -15.94 39.39
N VAL B 639 -30.32 -16.06 38.16
CA VAL B 639 -29.59 -16.50 36.97
C VAL B 639 -28.70 -15.33 36.50
N PRO B 640 -27.35 -15.46 36.59
CA PRO B 640 -26.50 -14.32 36.21
C PRO B 640 -26.38 -14.08 34.72
N VAL B 641 -26.19 -12.81 34.34
CA VAL B 641 -26.02 -12.41 32.94
C VAL B 641 -24.52 -12.43 32.63
N PRO B 642 -24.07 -13.20 31.61
CA PRO B 642 -22.63 -13.21 31.29
C PRO B 642 -22.18 -11.90 30.66
N THR B 643 -20.93 -11.49 30.94
CA THR B 643 -20.35 -10.28 30.37
C THR B 643 -19.83 -10.59 28.97
N HIS B 644 -19.28 -11.82 28.80
CA HIS B 644 -18.71 -12.34 27.55
C HIS B 644 -19.09 -13.80 27.34
N TYR B 645 -18.90 -14.29 26.12
CA TYR B 645 -19.11 -15.69 25.74
C TYR B 645 -17.87 -16.19 25.02
N PHE B 646 -17.27 -17.28 25.51
CA PHE B 646 -16.08 -17.85 24.88
C PHE B 646 -16.40 -18.96 23.89
N VAL B 647 -15.63 -19.01 22.80
CA VAL B 647 -15.72 -20.05 21.76
C VAL B 647 -14.27 -20.42 21.43
N VAL B 648 -13.81 -21.58 21.92
CA VAL B 648 -12.45 -22.06 21.68
C VAL B 648 -12.49 -23.17 20.64
N LEU B 649 -11.92 -22.91 19.46
CA LEU B 649 -11.90 -23.86 18.35
C LEU B 649 -10.57 -24.60 18.32
N THR B 650 -10.60 -25.94 18.46
CA THR B 650 -9.39 -26.76 18.44
C THR B 650 -9.48 -27.83 17.36
N SER B 651 -8.49 -27.82 16.47
CA SER B 651 -8.37 -28.77 15.37
C SER B 651 -6.92 -29.22 15.32
N CYS B 652 -6.58 -30.13 14.40
CA CYS B 652 -5.19 -30.55 14.35
C CYS B 652 -4.41 -29.83 13.27
N LYS B 653 -3.13 -29.56 13.57
CA LYS B 653 -2.19 -28.85 12.70
C LYS B 653 -2.06 -29.55 11.35
N ASN B 654 -1.99 -30.91 11.37
CA ASN B 654 -1.97 -31.73 10.16
C ASN B 654 -3.46 -31.94 9.80
N LYS B 655 -3.90 -31.28 8.71
CA LYS B 655 -5.28 -31.29 8.21
C LYS B 655 -5.77 -32.67 7.70
N THR B 656 -4.87 -33.67 7.64
CA THR B 656 -5.21 -35.03 7.21
C THR B 656 -5.95 -35.78 8.34
N HIS B 657 -5.78 -35.33 9.59
CA HIS B 657 -6.40 -35.91 10.79
C HIS B 657 -7.51 -35.02 11.36
N THR B 658 -8.51 -35.67 11.98
CA THR B 658 -9.65 -35.01 12.63
C THR B 658 -9.26 -34.61 14.08
N PRO B 659 -9.97 -33.67 14.76
CA PRO B 659 -9.56 -33.30 16.14
C PRO B 659 -9.65 -34.44 17.16
N ASP B 660 -10.61 -35.37 16.98
CA ASP B 660 -10.81 -36.52 17.87
C ASP B 660 -9.73 -37.60 17.73
N SER B 661 -9.10 -37.69 16.54
CA SER B 661 -8.04 -38.66 16.26
C SER B 661 -6.82 -37.99 15.65
N CYS B 662 -5.96 -37.43 16.52
CA CYS B 662 -4.74 -36.78 16.07
C CYS B 662 -3.61 -36.85 17.10
N PRO B 663 -2.45 -37.38 16.67
CA PRO B 663 -1.31 -37.53 17.61
C PRO B 663 -0.36 -36.35 17.74
N GLY B 664 -0.25 -35.53 16.69
CA GLY B 664 0.65 -34.38 16.64
C GLY B 664 0.17 -33.11 17.32
N TRP B 665 0.75 -31.97 16.91
CA TRP B 665 0.43 -30.63 17.42
C TRP B 665 -0.98 -30.21 17.06
N LEU B 666 -1.58 -29.36 17.90
CA LEU B 666 -2.93 -28.84 17.69
C LEU B 666 -2.91 -27.39 17.18
N ASP B 667 -4.00 -26.98 16.53
CA ASP B 667 -4.20 -25.62 16.02
C ASP B 667 -5.41 -25.05 16.73
N VAL B 668 -5.24 -23.87 17.37
CA VAL B 668 -6.31 -23.27 18.17
C VAL B 668 -6.76 -21.89 17.63
N LEU B 669 -8.06 -21.58 17.82
CA LEU B 669 -8.71 -20.32 17.44
C LEU B 669 -9.71 -19.89 18.54
N PRO B 670 -9.23 -19.26 19.63
CA PRO B 670 -10.14 -18.85 20.71
C PRO B 670 -10.77 -17.46 20.50
N PHE B 671 -12.03 -17.31 20.95
CA PHE B 671 -12.80 -16.07 20.89
C PHE B 671 -13.38 -15.74 22.27
N VAL B 672 -13.36 -14.45 22.65
CA VAL B 672 -13.94 -13.93 23.90
C VAL B 672 -14.80 -12.75 23.44
N VAL B 673 -16.00 -13.06 22.92
CA VAL B 673 -16.91 -12.07 22.37
C VAL B 673 -17.78 -11.43 23.46
N PRO B 674 -17.79 -10.07 23.57
CA PRO B 674 -18.64 -9.42 24.59
C PRO B 674 -20.12 -9.64 24.37
N HIS B 675 -20.83 -9.92 25.47
CA HIS B 675 -22.27 -10.13 25.51
C HIS B 675 -22.93 -8.76 25.77
N ARG B 676 -23.18 -8.00 24.68
CA ARG B 676 -23.72 -6.65 24.74
C ARG B 676 -25.17 -6.53 24.25
N PRO B 677 -26.00 -5.63 24.84
CA PRO B 677 -27.40 -5.49 24.38
C PRO B 677 -27.60 -4.92 22.98
N THR B 678 -26.58 -4.23 22.44
CA THR B 678 -26.59 -3.64 21.09
C THR B 678 -25.35 -4.09 20.33
N ASN B 679 -25.40 -4.03 18.98
CA ASN B 679 -24.28 -4.38 18.11
C ASN B 679 -23.64 -3.11 17.53
N VAL B 680 -23.64 -2.00 18.31
CA VAL B 680 -23.10 -0.68 17.96
C VAL B 680 -21.59 -0.74 17.63
N GLU B 681 -20.85 -1.69 18.24
CA GLU B 681 -19.42 -1.91 18.01
C GLU B 681 -19.14 -2.29 16.55
N SER B 682 -20.08 -3.00 15.91
CA SER B 682 -19.98 -3.46 14.53
C SER B 682 -20.46 -2.45 13.48
N CYS B 683 -21.32 -1.47 13.88
CA CYS B 683 -21.94 -0.44 13.03
C CYS B 683 -22.72 -1.08 11.84
N PRO B 684 -23.78 -1.91 12.09
CA PRO B 684 -24.48 -2.54 10.96
C PRO B 684 -25.60 -1.68 10.38
N GLU B 685 -25.22 -0.57 9.73
CA GLU B 685 -26.12 0.39 9.10
C GLU B 685 -26.67 -0.22 7.82
N LYS B 687 -27.49 -3.49 7.06
CA LYS B 687 -26.31 -4.23 6.62
C LYS B 687 -26.48 -5.74 6.87
N ALA B 688 -26.06 -6.56 5.88
CA ALA B 688 -26.13 -8.01 5.93
C ALA B 688 -25.09 -8.59 6.91
N GLU B 689 -25.47 -9.65 7.63
CA GLU B 689 -24.65 -10.33 8.65
C GLU B 689 -23.32 -10.89 8.12
N ASP B 690 -23.22 -11.20 6.81
CA ASP B 690 -22.00 -11.69 6.17
C ASP B 690 -20.91 -10.62 6.05
N LEU B 691 -21.24 -9.36 6.38
CA LEU B 691 -20.33 -8.22 6.28
C LEU B 691 -19.83 -7.65 7.64
N TRP B 692 -20.35 -8.16 8.79
CA TRP B 692 -19.95 -7.63 10.10
C TRP B 692 -19.81 -8.66 11.24
N VAL B 693 -20.50 -9.81 11.18
CA VAL B 693 -20.44 -10.84 12.24
C VAL B 693 -19.03 -11.44 12.38
N GLU B 694 -18.43 -11.91 11.26
CA GLU B 694 -17.07 -12.48 11.25
C GLU B 694 -16.02 -11.47 11.71
N GLU B 695 -16.14 -10.21 11.24
CA GLU B 695 -15.28 -9.07 11.59
C GLU B 695 -15.31 -8.82 13.10
N ARG B 696 -16.48 -8.97 13.73
CA ARG B 696 -16.66 -8.77 15.18
C ARG B 696 -16.02 -9.87 16.00
N PHE B 697 -16.15 -11.13 15.55
CA PHE B 697 -15.55 -12.29 16.21
C PHE B 697 -14.03 -12.22 16.13
N LYS B 698 -13.50 -11.93 14.90
CA LYS B 698 -12.06 -11.79 14.63
C LYS B 698 -11.42 -10.66 15.44
N ALA B 699 -12.18 -9.60 15.74
CA ALA B 699 -11.73 -8.48 16.55
C ALA B 699 -11.59 -8.86 18.04
N HIS B 700 -12.27 -9.95 18.45
CA HIS B 700 -12.24 -10.42 19.83
C HIS B 700 -11.58 -11.80 19.99
N ILE B 701 -10.54 -12.05 19.17
CA ILE B 701 -9.72 -13.26 19.26
C ILE B 701 -8.81 -13.06 20.50
N ALA B 702 -8.66 -14.10 21.31
CA ALA B 702 -7.82 -14.07 22.51
C ALA B 702 -6.97 -15.34 22.58
N ARG B 703 -6.14 -15.49 23.62
CA ARG B 703 -5.33 -16.70 23.82
C ARG B 703 -6.19 -17.66 24.64
N VAL B 704 -5.80 -18.96 24.69
CA VAL B 704 -6.51 -19.98 25.50
C VAL B 704 -6.35 -19.57 26.98
N ARG B 705 -5.16 -19.05 27.36
CA ARG B 705 -4.84 -18.57 28.70
C ARG B 705 -5.80 -17.45 29.14
N ASP B 706 -6.13 -16.52 28.22
CA ASP B 706 -7.08 -15.42 28.48
C ASP B 706 -8.46 -15.98 28.86
N VAL B 707 -8.92 -17.02 28.12
CA VAL B 707 -10.18 -17.74 28.35
C VAL B 707 -10.12 -18.43 29.73
N GLU B 708 -8.99 -19.12 30.02
CA GLU B 708 -8.73 -19.84 31.27
C GLU B 708 -8.88 -18.95 32.51
N LEU B 709 -8.28 -17.74 32.48
CA LEU B 709 -8.33 -16.77 33.58
C LEU B 709 -9.75 -16.25 33.79
N LEU B 710 -10.45 -15.92 32.70
CA LEU B 710 -11.83 -15.42 32.69
C LEU B 710 -12.91 -16.44 33.08
N THR B 711 -12.56 -17.74 33.09
CA THR B 711 -13.52 -18.82 33.41
C THR B 711 -13.19 -19.65 34.64
N GLY B 712 -11.89 -19.83 34.91
CA GLY B 712 -11.43 -20.67 36.01
C GLY B 712 -11.41 -22.11 35.59
N LEU B 713 -11.19 -22.35 34.28
CA LEU B 713 -11.12 -23.67 33.66
C LEU B 713 -9.73 -23.90 33.06
N ASP B 714 -9.25 -25.15 33.05
CA ASP B 714 -7.95 -25.49 32.49
C ASP B 714 -8.15 -26.56 31.40
N PHE B 715 -7.70 -26.26 30.17
CA PHE B 715 -7.89 -27.11 29.00
C PHE B 715 -6.68 -27.99 28.65
N TYR B 716 -6.92 -29.00 27.78
CA TYR B 716 -5.97 -29.96 27.18
C TYR B 716 -5.06 -30.71 28.19
N GLN B 717 -5.58 -31.04 29.38
CA GLN B 717 -4.82 -31.77 30.40
C GLN B 717 -4.59 -33.24 30.04
N GLU B 718 -5.47 -33.82 29.21
CA GLU B 718 -5.36 -35.22 28.77
C GLU B 718 -4.63 -35.38 27.42
N LYS B 719 -4.08 -34.27 26.89
CA LYS B 719 -3.33 -34.28 25.63
C LYS B 719 -1.91 -34.80 25.92
N THR B 720 -1.52 -35.91 25.27
CA THR B 720 -0.21 -36.54 25.45
C THR B 720 0.87 -35.69 24.75
N GLN B 721 1.33 -34.65 25.45
CA GLN B 721 2.34 -33.68 25.02
C GLN B 721 2.95 -33.01 26.27
N PRO B 722 4.25 -32.61 26.27
CA PRO B 722 4.80 -31.96 27.47
C PRO B 722 4.08 -30.65 27.82
N VAL B 723 3.94 -30.35 29.12
CA VAL B 723 3.26 -29.15 29.66
C VAL B 723 3.79 -27.86 29.01
N SER B 724 5.13 -27.76 28.83
CA SER B 724 5.81 -26.63 28.19
C SER B 724 5.31 -26.39 26.75
N GLU B 725 4.99 -27.49 26.02
CA GLU B 725 4.49 -27.45 24.65
C GLU B 725 3.01 -27.03 24.62
N ILE B 726 2.22 -27.46 25.62
CA ILE B 726 0.80 -27.11 25.75
C ILE B 726 0.68 -25.61 26.09
N LEU B 727 1.62 -25.09 26.92
CA LEU B 727 1.69 -23.67 27.30
C LEU B 727 1.98 -22.78 26.08
N GLN B 728 2.71 -23.31 25.08
CA GLN B 728 3.00 -22.61 23.82
C GLN B 728 1.70 -22.42 23.03
N LEU B 729 0.81 -23.42 23.06
CA LEU B 729 -0.50 -23.41 22.41
C LEU B 729 -1.47 -22.50 23.17
N LYS B 730 -1.42 -22.52 24.52
CA LYS B 730 -2.27 -21.72 25.40
C LYS B 730 -1.97 -20.22 25.35
N THR B 731 -0.73 -19.83 25.00
CA THR B 731 -0.28 -18.44 24.93
C THR B 731 -0.29 -17.92 23.47
N TYR B 732 -0.58 -18.81 22.50
CA TYR B 732 -0.63 -18.51 21.07
C TYR B 732 -1.81 -17.58 20.73
N LEU B 733 -1.54 -16.53 19.94
CA LEU B 733 -2.57 -15.61 19.50
C LEU B 733 -2.72 -15.72 17.97
N PRO B 734 -3.85 -16.27 17.46
CA PRO B 734 -4.03 -16.36 16.00
C PRO B 734 -4.10 -14.98 15.35
N THR B 735 -3.38 -14.80 14.24
CA THR B 735 -3.31 -13.55 13.48
C THR B 735 -3.76 -13.81 12.03
N PHE B 736 -4.56 -12.89 11.46
CA PHE B 736 -5.07 -12.98 10.09
C PHE B 736 -4.60 -11.80 9.25
C1 NAG C . 12.37 -16.96 -34.30
C2 NAG C . 12.63 -18.11 -35.30
C3 NAG C . 11.30 -18.85 -35.48
C4 NAG C . 10.75 -19.36 -34.14
C5 NAG C . 10.74 -18.25 -33.09
C6 NAG C . 10.46 -18.74 -31.69
C7 NAG C . 14.41 -17.59 -36.92
C8 NAG C . 14.71 -17.13 -38.31
N2 NAG C . 13.12 -17.61 -36.58
O3 NAG C . 11.51 -19.93 -36.39
O4 NAG C . 9.40 -19.80 -34.30
O5 NAG C . 12.00 -17.56 -33.06
O6 NAG C . 11.56 -19.47 -31.16
O7 NAG C . 15.29 -17.92 -36.14
C1 NAG C . 9.12 -21.13 -34.71
C2 NAG C . 7.90 -21.61 -33.93
C3 NAG C . 7.41 -22.95 -34.48
C4 NAG C . 7.16 -22.85 -35.99
C5 NAG C . 8.43 -22.38 -36.69
C6 NAG C . 8.25 -22.15 -38.18
C7 NAG C . 7.68 -21.05 -31.53
C8 NAG C . 8.17 -21.36 -30.15
N2 NAG C . 8.26 -21.74 -32.52
O3 NAG C . 6.22 -23.34 -33.82
O4 NAG C . 6.73 -24.10 -36.50
O5 NAG C . 8.87 -21.13 -36.13
O6 NAG C . 9.44 -21.67 -38.78
O7 NAG C . 6.80 -20.22 -31.74
C1 NAG D . 34.59 -7.00 -31.05
C2 NAG D . 36.01 -6.54 -31.38
C3 NAG D . 36.12 -6.55 -32.91
C4 NAG D . 35.82 -7.94 -33.47
C5 NAG D . 34.48 -8.46 -32.96
C6 NAG D . 34.22 -9.93 -33.28
C7 NAG D . 36.99 -4.96 -29.76
C8 NAG D . 37.19 -3.51 -29.43
N2 NAG D . 36.27 -5.21 -30.87
O3 NAG D . 37.41 -6.11 -33.30
O4 NAG D . 35.78 -7.88 -34.90
O5 NAG D . 34.41 -8.33 -31.53
O6 NAG D . 35.06 -10.80 -32.54
O7 NAG D . 37.46 -5.86 -29.07
C1 NAG D . 36.82 -8.48 -35.65
C2 NAG D . 36.26 -8.85 -37.03
C3 NAG D . 37.37 -9.34 -37.95
C4 NAG D . 38.51 -8.33 -38.01
C5 NAG D . 39.02 -8.04 -36.60
C6 NAG D . 40.10 -6.99 -36.53
C7 NAG D . 33.91 -9.62 -36.86
C8 NAG D . 33.02 -10.82 -36.77
N2 NAG D . 35.23 -9.87 -36.89
O3 NAG D . 36.85 -9.55 -39.27
O4 NAG D . 39.57 -8.85 -38.81
O5 NAG D . 37.93 -7.57 -35.78
O6 NAG D . 39.62 -5.69 -36.85
O7 NAG D . 33.46 -8.47 -36.92
C1 NAG E . 10.14 10.95 -34.87
C2 NAG E . 8.86 11.13 -35.67
C3 NAG E . 9.00 10.22 -36.90
C4 NAG E . 10.24 10.57 -37.72
C5 NAG E . 11.49 10.61 -36.84
C6 NAG E . 12.69 11.23 -37.52
C7 NAG E . 6.76 11.54 -34.40
C8 NAG E . 5.62 10.89 -33.69
N2 NAG E . 7.71 10.71 -34.87
O3 NAG E . 7.83 10.32 -37.71
O4 NAG E . 10.42 9.54 -38.70
O5 NAG E . 11.25 11.40 -35.66
O6 NAG E . 12.53 12.61 -37.77
O7 NAG E . 6.83 12.76 -34.54
C1 NAG E . 10.59 9.88 -40.07
C2 NAG E . 11.30 8.71 -40.75
C3 NAG E . 11.42 8.97 -42.25
C4 NAG E . 10.06 9.28 -42.86
C5 NAG E . 9.38 10.43 -42.10
C6 NAG E . 7.97 10.72 -42.56
C7 NAG E . 12.89 7.51 -39.27
C8 NAG E . 14.30 7.46 -38.77
N2 NAG E . 12.62 8.49 -40.16
O3 NAG E . 11.97 7.82 -42.88
O4 NAG E . 10.22 9.62 -44.22
O5 NAG E . 9.32 10.13 -40.69
O6 NAG E . 7.06 9.71 -42.16
O7 NAG E . 12.03 6.71 -38.90
C1 NAG F . -2.52 17.77 35.29
C2 NAG F . -2.79 18.93 36.24
C3 NAG F . -4.18 19.48 35.92
C4 NAG F . -4.27 19.94 34.47
C5 NAG F . -3.78 18.85 33.52
C6 NAG F . -3.59 19.29 32.09
C7 NAG F . -1.62 18.65 38.41
C8 NAG F . -1.77 18.24 39.84
N2 NAG F . -2.71 18.51 37.64
O3 NAG F . -4.45 20.56 36.81
O4 NAG F . -5.63 20.21 34.12
O5 NAG F . -2.50 18.33 33.97
O6 NAG F . -2.48 20.17 31.94
O7 NAG F . -0.57 19.11 37.97
C1 NAG F . -6.22 21.48 34.42
C2 NAG F . -7.23 21.80 33.32
C3 NAG F . -8.02 23.06 33.68
C4 NAG F . -8.66 22.92 35.06
C5 NAG F . -7.59 22.59 36.10
C6 NAG F . -8.16 22.28 37.47
C7 NAG F . -6.51 21.04 31.08
C8 NAG F . -5.79 21.44 29.82
N2 NAG F . -6.55 21.98 32.04
O3 NAG F . -9.03 23.30 32.70
O4 NAG F . -9.32 24.13 35.40
O5 NAG F . -6.87 21.40 35.69
O6 NAG F . -7.14 21.92 38.39
O7 NAG F . -7.01 19.94 31.23
C1 BMA F . -10.73 24.10 35.63
C2 BMA F . -11.12 25.33 36.46
C3 BMA F . -12.63 25.38 36.67
C4 BMA F . -13.39 25.25 35.35
C5 BMA F . -12.89 24.03 34.55
C6 BMA F . -13.49 23.91 33.17
O2 BMA F . -10.65 26.52 35.84
O3 BMA F . -13.00 26.58 37.32
O4 BMA F . -14.78 25.10 35.61
O5 BMA F . -11.46 24.10 34.39
O6 BMA F . -13.05 24.95 32.30
C1 NAG G . -1.48 -10.20 36.32
C2 NAG G . -2.94 -10.52 36.64
C3 NAG G . -3.33 -9.59 37.80
C4 NAG G . -2.43 -9.79 39.00
C5 NAG G . -0.96 -9.69 38.61
C6 NAG G . 0.00 -10.14 39.70
C7 NAG G . -4.39 -11.18 34.73
C8 NAG G . -5.28 -10.66 33.64
N2 NAG G . -3.76 -10.23 35.47
O3 NAG G . -4.69 -9.82 38.15
O4 NAG G . -2.72 -8.76 39.94
O5 NAG G . -0.69 -10.50 37.47
O6 NAG G . -0.08 -11.54 39.93
O7 NAG G . -4.24 -12.37 34.94
C1 NAG G . -3.00 -9.07 41.30
C2 NAG G . -2.72 -7.81 42.12
C3 NAG G . -3.11 -8.03 43.58
C4 NAG G . -4.56 -8.51 43.69
C5 NAG G . -4.76 -9.75 42.81
C6 NAG G . -6.20 -10.23 42.77
C7 NAG G . -0.88 -6.43 41.24
C8 NAG G . 0.61 -6.20 41.26
N2 NAG G . -1.32 -7.44 42.01
O3 NAG G . -2.95 -6.82 44.30
O4 NAG G . -4.88 -8.79 45.04
O5 NAG G . -4.37 -9.48 41.46
O6 NAG G . -7.04 -9.35 42.03
O7 NAG G . -1.63 -5.75 40.55
PA B4P H . 17.50 -4.97 -17.92
O1A B4P H . 17.29 -3.67 -17.25
O2A B4P H . 17.43 -6.11 -16.92
O3A B4P H . 16.31 -5.19 -18.95
PB B4P H . 16.18 -5.76 -20.43
O1B B4P H . 17.50 -5.92 -21.09
O2B B4P H . 15.32 -4.76 -21.18
O3B B4P H . 15.42 -7.16 -20.33
PG B4P H . 15.89 -8.61 -19.88
O1G B4P H . 17.37 -8.66 -19.75
O2G B4P H . 15.44 -9.62 -20.92
O3G B4P H . 15.20 -8.93 -18.48
PD B4P H . 14.45 -10.22 -17.92
O1D B4P H . 14.23 -11.18 -19.03
O2D B4P H . 13.10 -9.77 -17.38
O5E B4P H . 18.86 -5.02 -18.67
C5E B4P H . 20.21 -5.27 -18.24
C4E B4P H . 20.71 -6.50 -18.96
O4E B4P H . 21.13 -6.13 -20.30
C3E B4P H . 21.88 -7.22 -18.30
O3E B4P H . 21.70 -8.63 -18.35
C2E B4P H . 23.08 -6.72 -19.12
O2E B4P H . 24.16 -7.64 -19.10
C1E B4P H . 22.46 -6.58 -20.50
N9A B4P H . 23.14 -5.62 -21.38
C8A B4P H . 23.29 -4.28 -21.18
N7A B4P H . 23.92 -3.65 -22.13
C5A B4P H . 24.20 -4.65 -23.05
C6A B4P H . 24.85 -4.64 -24.30
N6A B4P H . 25.36 -3.55 -24.87
N1A B4P H . 24.96 -5.82 -24.96
C2A B4P H . 24.45 -6.92 -24.40
N3A B4P H . 23.83 -7.06 -23.23
C4A B4P H . 23.72 -5.88 -22.59
O5F B4P H . 15.26 -10.84 -16.71
C5F B4P H . 16.65 -10.65 -16.34
C4F B4P H . 16.91 -11.32 -15.00
O4F B4P H . 15.99 -10.83 -14.01
C3F B4P H . 16.81 -12.85 -14.97
O3F B4P H . 17.87 -13.42 -14.20
C2F B4P H . 15.43 -13.09 -14.38
O2F B4P H . 15.32 -14.32 -13.66
C1F B4P H . 15.24 -11.89 -13.45
N9B B4P H . 13.86 -11.46 -13.29
C8B B4P H . 13.08 -10.85 -14.25
N7B B4P H . 11.87 -10.57 -13.85
C5B B4P H . 11.84 -11.02 -12.54
C6B B4P H . 10.82 -11.03 -11.57
N6B B4P H . 9.58 -10.57 -11.78
N1B B4P H . 11.11 -11.57 -10.35
C2B B4P H . 12.34 -12.06 -10.15
N3B B4P H . 13.37 -12.12 -11.00
C4B B4P H . 13.06 -11.57 -12.18
ZN ZN I . 17.66 -1.69 -17.64
ZN ZN J . 16.18 -5.14 -15.68
CA CA K . -0.54 10.01 -40.26
C1 NAG L . 24.84 7.22 -42.78
C2 NAG L . 23.99 8.45 -42.43
C3 NAG L . 23.90 9.34 -43.67
C4 NAG L . 25.30 9.74 -44.16
C5 NAG L . 26.15 8.50 -44.39
C6 NAG L . 27.59 8.82 -44.68
C7 NAG L . 22.31 8.02 -40.67
C8 NAG L . 20.88 7.67 -40.41
N2 NAG L . 22.67 8.06 -41.97
O3 NAG L . 23.16 10.51 -43.35
O4 NAG L . 25.19 10.50 -45.36
O5 NAG L . 26.14 7.66 -43.22
O6 NAG L . 28.38 7.64 -44.83
O7 NAG L . 23.11 8.27 -39.77
C1 NAG M . -0.74 34.97 -7.65
C2 NAG M . 0.43 34.67 -6.71
C3 NAG M . 0.38 35.66 -5.55
C4 NAG M . 0.40 37.09 -6.06
C5 NAG M . -0.72 37.32 -7.07
C6 NAG M . -0.63 38.67 -7.76
C7 NAG M . 1.36 32.42 -6.28
C8 NAG M . 1.09 31.06 -5.71
N2 NAG M . 0.35 33.30 -6.22
O3 NAG M . 1.48 35.44 -4.68
O4 NAG M . 0.26 38.00 -4.97
O5 NAG M . -0.65 36.33 -8.11
O6 NAG M . -1.72 38.87 -8.66
O7 NAG M . 2.46 32.70 -6.77
PA B4P N . 9.33 6.39 22.43
O1A B4P N . 9.59 5.14 21.70
O2A B4P N . 9.27 7.56 21.45
O3A B4P N . 7.91 6.29 23.14
PB B4P N . 7.13 7.33 24.05
O1B B4P N . 5.68 7.06 23.98
O2B B4P N . 7.68 7.19 25.47
O3B B4P N . 7.47 8.80 23.53
PG B4P N . 6.63 10.15 23.41
O1G B4P N . 7.50 11.31 23.71
O2G B4P N . 5.45 10.12 24.37
O3G B4P N . 6.08 10.22 21.91
PD B4P N . 5.55 11.40 20.99
O1D B4P N . 4.44 10.91 20.14
O2D B4P N . 5.02 12.51 21.90
O5E B4P N . 10.39 6.72 23.54
C5E B4P N . 11.71 7.30 23.53
C4E B4P N . 11.67 8.54 24.38
O4E B4P N . 11.69 8.17 25.78
C3E B4P N . 12.81 9.53 24.18
O3E B4P N . 12.33 10.87 24.09
C2E B4P N . 13.72 9.28 25.38
O2E B4P N . 14.47 10.43 25.75
C1E B4P N . 12.70 8.89 26.46
N9A B4P N . 13.23 8.06 27.53
C8A B4P N . 13.76 6.81 27.43
N7A B4P N . 14.12 6.27 28.57
C5A B4P N . 13.80 7.25 29.50
C6A B4P N . 13.92 7.30 30.91
N6A B4P N . 14.41 6.31 31.64
N1A B4P N . 13.51 8.43 31.53
C2A B4P N . 13.01 9.43 30.79
N3A B4P N . 12.83 9.49 29.47
C4A B4P N . 13.25 8.36 28.87
O5F B4P N . 6.76 11.98 20.15
C5F B4P N . 8.16 12.07 20.53
C4F B4P N . 8.94 12.83 19.48
O4F B4P N . 8.67 12.30 18.17
C3F B4P N . 8.71 14.34 19.41
O3F B4P N . 9.93 15.04 19.23
C2F B4P N . 7.74 14.48 18.22
O2F B4P N . 7.89 15.72 17.54
C1F B4P N . 8.16 13.31 17.33
N9B B4P N . 7.05 12.74 16.54
C8B B4P N . 6.07 11.89 17.00
N7B B4P N . 5.22 11.53 16.08
C5B B4P N . 5.66 12.19 14.94
C6B B4P N . 5.15 12.22 13.62
N6B B4P N . 4.08 11.56 13.21
N1B B4P N . 5.81 13.00 12.73
C2B B4P N . 6.89 13.68 13.14
N3B B4P N . 7.46 13.72 14.35
C4B B4P N . 6.78 12.94 15.21
ZN ZN O . 10.01 3.43 22.38
ZN ZN P . 8.91 6.52 19.85
CA CA Q . -13.42 -10.43 37.46
C1 NAG R . 9.02 -4.69 48.68
C2 NAG R . 8.55 -6.02 48.12
C3 NAG R . 8.18 -6.96 49.26
C4 NAG R . 9.35 -7.12 50.24
C5 NAG R . 9.85 -5.75 50.70
C6 NAG R . 11.13 -5.81 51.51
C7 NAG R . 7.50 -5.81 45.89
C8 NAG R . 6.22 -5.55 45.15
N2 NAG R . 7.41 -5.83 47.23
O3 NAG R . 7.82 -8.23 48.74
O4 NAG R . 8.93 -7.88 51.36
O5 NAG R . 10.13 -4.91 49.56
O6 NAG R . 12.23 -6.28 50.74
O7 NAG R . 8.56 -6.01 45.30
C1 NAG S . 20.67 10.65 40.45
C2 NAG S . 21.96 10.22 41.14
C3 NAG S . 21.81 10.37 42.65
C4 NAG S . 21.42 11.79 43.01
C5 NAG S . 20.16 12.21 42.26
C6 NAG S . 19.80 13.66 42.44
C7 NAG S . 23.42 8.50 40.12
C8 NAG S . 23.69 7.02 40.01
N2 NAG S . 22.31 8.84 40.79
O3 NAG S . 23.02 10.01 43.30
O4 NAG S . 21.20 11.89 44.42
O5 NAG S . 20.33 11.99 40.85
O6 NAG S . 18.57 13.99 41.80
O7 NAG S . 24.18 9.33 39.65
C1 NAG T . -44.08 -21.22 36.69
C2 NAG T . -45.52 -20.70 36.57
C3 NAG T . -46.14 -20.62 37.97
C4 NAG T . -46.00 -21.93 38.72
C5 NAG T . -44.53 -22.35 38.79
C6 NAG T . -44.29 -23.68 39.45
C7 NAG T . -45.82 -19.23 34.61
C8 NAG T . -45.78 -17.82 34.12
N2 NAG T . -45.55 -19.41 35.91
O3 NAG T . -47.53 -20.28 37.86
O4 NAG T . -46.53 -21.81 40.03
O5 NAG T . -43.98 -22.43 37.46
O6 NAG T . -44.71 -24.78 38.64
O7 NAG T . -46.08 -20.18 33.86
C1 NAG U . -38.51 -37.05 14.26
C2 NAG U . -38.49 -38.30 13.38
C3 NAG U . -39.44 -39.34 13.97
C4 NAG U . -39.14 -39.59 15.44
C5 NAG U . -39.19 -38.27 16.22
C6 NAG U . -38.82 -38.39 17.68
C7 NAG U . -38.32 -38.60 10.93
C8 NAG U . -38.83 -38.14 9.60
N2 NAG U . -38.85 -37.99 12.01
O3 NAG U . -39.34 -40.56 13.25
O4 NAG U . -40.09 -40.51 15.98
O5 NAG U . -38.27 -37.33 15.64
O6 NAG U . -38.95 -37.16 18.36
O7 NAG U . -37.48 -39.49 11.03
C1 NAG V . 0.49 -35.64 8.27
C2 NAG V . 1.95 -36.06 8.50
C3 NAG V . 2.38 -37.09 7.46
C4 NAG V . 1.39 -38.26 7.40
C5 NAG V . -0.03 -37.74 7.18
C6 NAG V . -1.10 -38.81 7.20
C7 NAG V . 3.31 -34.24 9.47
C8 NAG V . 4.16 -33.04 9.17
N2 NAG V . 2.80 -34.88 8.40
O3 NAG V . 3.68 -37.58 7.77
O4 NAG V . 1.75 -39.15 6.36
O5 NAG V . -0.37 -36.80 8.22
O6 NAG V . -1.21 -39.44 8.46
O7 NAG V . 3.10 -34.61 10.62
#